data_4XWF
# 
_entry.id   4XWF 
# 
_audit_conform.dict_name       mmcif_pdbx.dic 
_audit_conform.dict_version    5.379 
_audit_conform.dict_location   http://mmcif.pdb.org/dictionaries/ascii/mmcif_pdbx.dic 
# 
loop_
_database_2.database_id 
_database_2.database_code 
_database_2.pdbx_database_accession 
_database_2.pdbx_DOI 
PDB   4XWF         pdb_00004xwf 10.2210/pdb4xwf/pdb 
WWPDB D_1000206340 ?            ?                   
# 
_pdbx_database_related.db_name        PDB 
_pdbx_database_related.details        . 
_pdbx_database_related.db_id          4XW7 
_pdbx_database_related.content_type   unspecified 
# 
_pdbx_database_status.status_code                     REL 
_pdbx_database_status.status_code_sf                  REL 
_pdbx_database_status.status_code_mr                  ? 
_pdbx_database_status.entry_id                        4XWF 
_pdbx_database_status.recvd_initial_deposition_date   2015-01-28 
_pdbx_database_status.SG_entry                        N 
_pdbx_database_status.deposit_site                    RCSB 
_pdbx_database_status.process_site                    RCSB 
_pdbx_database_status.status_code_cs                  ? 
_pdbx_database_status.methods_development_category    ? 
_pdbx_database_status.pdb_format_compatible           Y 
_pdbx_database_status.status_code_nmr_data            ? 
# 
loop_
_audit_author.name 
_audit_author.pdbx_ordinal 
'Trausch, J.J.' 1 
'Batey, R.T.'   2 
# 
_citation.abstract                  ? 
_citation.abstract_id_CAS           ? 
_citation.book_id_ISBN              ? 
_citation.book_publisher            ? 
_citation.book_publisher_city       ? 
_citation.book_title                ? 
_citation.coordinate_linkage        ? 
_citation.country                   UK 
_citation.database_id_Medline       ? 
_citation.details                   ? 
_citation.id                        primary 
_citation.journal_abbrev            Chem.Biol. 
_citation.journal_id_ASTM           CBOLE2 
_citation.journal_id_CSD            2050 
_citation.journal_id_ISSN           1074-5521 
_citation.journal_full              ? 
_citation.journal_issue             ? 
_citation.journal_volume            22 
_citation.language                  ? 
_citation.page_first                829 
_citation.page_last                 837 
_citation.title                     'Metal Ion-Mediated Nucleobase Recognition by the ZTP Riboswitch.' 
_citation.year                      2015 
_citation.database_id_CSD           ? 
_citation.pdbx_database_id_DOI      10.1016/j.chembiol.2015.06.007 
_citation.pdbx_database_id_PubMed   26144884 
_citation.unpublished_flag          ? 
# 
loop_
_citation_author.citation_id 
_citation_author.name 
_citation_author.ordinal 
_citation_author.identifier_ORCID 
primary 'Trausch, J.J.'           1 ? 
primary 'Marcano-Velazquez, J.G.' 2 ? 
primary 'Matyjasik, M.M.'         3 ? 
primary 'Batey, R.T.'             4 ? 
# 
_cell.entry_id           4XWF 
_cell.length_a           40.160 
_cell.length_b           40.160 
_cell.length_c           234.910 
_cell.angle_alpha        90.00 
_cell.angle_beta         90.00 
_cell.angle_gamma        90.00 
_cell.Z_PDB              8 
_cell.pdbx_unique_axis   ? 
# 
_symmetry.entry_id                         4XWF 
_symmetry.space_group_name_H-M             'P 43 21 2' 
_symmetry.pdbx_full_space_group_name_H-M   ? 
_symmetry.cell_setting                     ? 
_symmetry.Int_Tables_number                96 
# 
loop_
_entity.id 
_entity.type 
_entity.src_method 
_entity.pdbx_description 
_entity.formula_weight 
_entity.pdbx_number_of_molecules 
_entity.pdbx_ec 
_entity.pdbx_mutation 
_entity.pdbx_fragment 
_entity.details 
1 polymer     man 'pfl RNA'                                     20782.453 1   ? ? ? ? 
2 non-polymer syn 'AMINOIMIDAZOLE 4-CARBOXAMIDE RIBONUCLEOTIDE' 338.211   1   ? ? ? ? 
3 non-polymer syn 'MAGNESIUM ION'                               24.305    3   ? ? ? ? 
4 non-polymer syn 'IRIDIUM HEXAMMINE ION'                       294.400   4   ? ? ? ? 
5 non-polymer syn 'CACODYLATE ION'                              136.989   1   ? ? ? ? 
6 water       nat water                                         18.015    107 ? ? ? ? 
# 
_entity_poly.entity_id                      1 
_entity_poly.type                           polyribonucleotide 
_entity_poly.nstd_linkage                   no 
_entity_poly.nstd_monomer                   no 
_entity_poly.pdbx_seq_one_letter_code       GGGUCGUGACUGGCGAACAGGUGGGAAACCACCGGGGAGCGACCCUUGCCGCCCGCCUGGGCAA 
_entity_poly.pdbx_seq_one_letter_code_can   GGGUCGUGACUGGCGAACAGGUGGGAAACCACCGGGGAGCGACCCUUGCCGCCCGCCUGGGCAA 
_entity_poly.pdbx_strand_id                 A 
_entity_poly.pdbx_target_identifier         ? 
# 
loop_
_entity_poly_seq.entity_id 
_entity_poly_seq.num 
_entity_poly_seq.mon_id 
_entity_poly_seq.hetero 
1 1  G n 
1 2  G n 
1 3  G n 
1 4  U n 
1 5  C n 
1 6  G n 
1 7  U n 
1 8  G n 
1 9  A n 
1 10 C n 
1 11 U n 
1 12 G n 
1 13 G n 
1 14 C n 
1 15 G n 
1 16 A n 
1 17 A n 
1 18 C n 
1 19 A n 
1 20 G n 
1 21 G n 
1 22 U n 
1 23 G n 
1 24 G n 
1 25 G n 
1 26 A n 
1 27 A n 
1 28 A n 
1 29 C n 
1 30 C n 
1 31 A n 
1 32 C n 
1 33 C n 
1 34 G n 
1 35 G n 
1 36 G n 
1 37 G n 
1 38 A n 
1 39 G n 
1 40 C n 
1 41 G n 
1 42 A n 
1 43 C n 
1 44 C n 
1 45 C n 
1 46 U n 
1 47 U n 
1 48 G n 
1 49 C n 
1 50 C n 
1 51 G n 
1 52 C n 
1 53 C n 
1 54 C n 
1 55 G n 
1 56 C n 
1 57 C n 
1 58 U n 
1 59 G n 
1 60 G n 
1 61 G n 
1 62 C n 
1 63 A n 
1 64 A n 
# 
_entity_src_gen.entity_id                          1 
_entity_src_gen.pdbx_src_id                        1 
_entity_src_gen.pdbx_alt_source_flag               sample 
_entity_src_gen.pdbx_seq_type                      'Biological sequence' 
_entity_src_gen.pdbx_beg_seq_num                   1 
_entity_src_gen.pdbx_end_seq_num                   64 
_entity_src_gen.gene_src_common_name               ? 
_entity_src_gen.gene_src_genus                     ? 
_entity_src_gen.pdbx_gene_src_gene                 ? 
_entity_src_gen.gene_src_species                   ? 
_entity_src_gen.gene_src_strain                    ? 
_entity_src_gen.gene_src_tissue                    ? 
_entity_src_gen.gene_src_tissue_fraction           ? 
_entity_src_gen.gene_src_details                   ? 
_entity_src_gen.pdbx_gene_src_fragment             ? 
_entity_src_gen.pdbx_gene_src_scientific_name      'Actinomyces odontolyticus' 
_entity_src_gen.pdbx_gene_src_ncbi_taxonomy_id     1660 
_entity_src_gen.pdbx_gene_src_variant              ? 
_entity_src_gen.pdbx_gene_src_cell_line            ? 
_entity_src_gen.pdbx_gene_src_atcc                 ? 
_entity_src_gen.pdbx_gene_src_organ                ? 
_entity_src_gen.pdbx_gene_src_organelle            ? 
_entity_src_gen.pdbx_gene_src_cell                 ? 
_entity_src_gen.pdbx_gene_src_cellular_location    ? 
_entity_src_gen.host_org_common_name               ? 
_entity_src_gen.pdbx_host_org_scientific_name      'Enterobacteria phage T7' 
_entity_src_gen.pdbx_host_org_ncbi_taxonomy_id     10760 
_entity_src_gen.host_org_genus                     ? 
_entity_src_gen.pdbx_host_org_gene                 ? 
_entity_src_gen.pdbx_host_org_organ                ? 
_entity_src_gen.host_org_species                   ? 
_entity_src_gen.pdbx_host_org_tissue               ? 
_entity_src_gen.pdbx_host_org_tissue_fraction      ? 
_entity_src_gen.pdbx_host_org_strain               ? 
_entity_src_gen.pdbx_host_org_variant              ? 
_entity_src_gen.pdbx_host_org_cell_line            ? 
_entity_src_gen.pdbx_host_org_atcc                 ? 
_entity_src_gen.pdbx_host_org_culture_collection   ? 
_entity_src_gen.pdbx_host_org_cell                 ? 
_entity_src_gen.pdbx_host_org_organelle            ? 
_entity_src_gen.pdbx_host_org_cellular_location    ? 
_entity_src_gen.pdbx_host_org_vector_type          ? 
_entity_src_gen.pdbx_host_org_vector               ? 
_entity_src_gen.host_org_details                   ? 
_entity_src_gen.expression_system_id               ? 
_entity_src_gen.plasmid_name                       ? 
_entity_src_gen.plasmid_details                    ? 
_entity_src_gen.pdbx_description                   ? 
# 
_struct_ref.db_code                    4XWF 
_struct_ref.db_name                    PDB 
_struct_ref.details                    ? 
_struct_ref.entity_id                  1 
_struct_ref.id                         1 
_struct_ref.seq_align                  ? 
_struct_ref.seq_dif                    ? 
_struct_ref.pdbx_db_accession          4XWF 
_struct_ref.pdbx_db_isoform            ? 
_struct_ref.pdbx_seq_one_letter_code   ? 
_struct_ref.pdbx_align_begin           1 
_struct_ref.pdbx_align_end             ? 
# 
_struct_ref_seq.align_id                      1 
_struct_ref_seq.ref_id                        1 
_struct_ref_seq.pdbx_PDB_id_code              4XWF 
_struct_ref_seq.pdbx_strand_id                A 
_struct_ref_seq.seq_align_beg                 1 
_struct_ref_seq.pdbx_seq_align_beg_ins_code   ? 
_struct_ref_seq.seq_align_end                 64 
_struct_ref_seq.pdbx_seq_align_end_ins_code   ? 
_struct_ref_seq.pdbx_db_accession             4XWF 
_struct_ref_seq.db_align_beg                  1 
_struct_ref_seq.pdbx_db_align_beg_ins_code    ? 
_struct_ref_seq.db_align_end                  64 
_struct_ref_seq.pdbx_db_align_end_ins_code    ? 
_struct_ref_seq.pdbx_auth_seq_align_beg       1 
_struct_ref_seq.pdbx_auth_seq_align_end       64 
# 
loop_
_chem_comp.id 
_chem_comp.type 
_chem_comp.mon_nstd_flag 
_chem_comp.name 
_chem_comp.pdbx_synonyms 
_chem_comp.formula 
_chem_comp.formula_weight 
A   'RNA linking' y "ADENOSINE-5'-MONOPHOSPHATE"                  ?                'C10 H14 N5 O7 P' 347.221 
AMZ non-polymer   . 'AMINOIMIDAZOLE 4-CARBOXAMIDE RIBONUCLEOTIDE' AICAR            'C9 H15 N4 O8 P'  338.211 
C   'RNA linking' y "CYTIDINE-5'-MONOPHOSPHATE"                   ?                'C9 H14 N3 O8 P'  323.197 
CAC non-polymer   . 'CACODYLATE ION'                              dimethylarsinate 'C2 H6 As O2 -1'  136.989 
G   'RNA linking' y "GUANOSINE-5'-MONOPHOSPHATE"                  ?                'C10 H14 N5 O8 P' 363.221 
HOH non-polymer   . WATER                                         ?                'H2 O'            18.015  
IRI non-polymer   . 'IRIDIUM HEXAMMINE ION'                       ?                'H18 Ir N6 3'     294.400 
MG  non-polymer   . 'MAGNESIUM ION'                               ?                'Mg 2'            24.305  
U   'RNA linking' y "URIDINE-5'-MONOPHOSPHATE"                    ?                'C9 H13 N2 O9 P'  324.181 
# 
_exptl.absorpt_coefficient_mu     ? 
_exptl.absorpt_correction_T_max   ? 
_exptl.absorpt_correction_T_min   ? 
_exptl.absorpt_correction_type    ? 
_exptl.absorpt_process_details    ? 
_exptl.entry_id                   4XWF 
_exptl.crystals_number            1 
_exptl.details                    ? 
_exptl.method                     'X-RAY DIFFRACTION' 
_exptl.method_details             ? 
# 
_exptl_crystal.colour                      ? 
_exptl_crystal.density_diffrn              ? 
_exptl_crystal.density_Matthews            2.28 
_exptl_crystal.density_method              ? 
_exptl_crystal.density_percent_sol         46.02 
_exptl_crystal.description                 ? 
_exptl_crystal.F_000                       ? 
_exptl_crystal.id                          1 
_exptl_crystal.preparation                 ? 
_exptl_crystal.size_max                    ? 
_exptl_crystal.size_mid                    ? 
_exptl_crystal.size_min                    ? 
_exptl_crystal.size_rad                    ? 
_exptl_crystal.colour_lustre               ? 
_exptl_crystal.colour_modifier             ? 
_exptl_crystal.colour_primary              ? 
_exptl_crystal.density_meas                ? 
_exptl_crystal.density_meas_esd            ? 
_exptl_crystal.density_meas_gt             ? 
_exptl_crystal.density_meas_lt             ? 
_exptl_crystal.density_meas_temp           ? 
_exptl_crystal.density_meas_temp_esd       ? 
_exptl_crystal.density_meas_temp_gt        ? 
_exptl_crystal.density_meas_temp_lt        ? 
_exptl_crystal.pdbx_crystal_image_url      ? 
_exptl_crystal.pdbx_crystal_image_format   ? 
_exptl_crystal.pdbx_mosaicity              ? 
_exptl_crystal.pdbx_mosaicity_esd          ? 
# 
_exptl_crystal_grow.apparatus       ? 
_exptl_crystal_grow.atmosphere      ? 
_exptl_crystal_grow.crystal_id      1 
_exptl_crystal_grow.details         ? 
_exptl_crystal_grow.method          'VAPOR DIFFUSION, HANGING DROP' 
_exptl_crystal_grow.method_ref      ? 
_exptl_crystal_grow.pH              ? 
_exptl_crystal_grow.pressure        ? 
_exptl_crystal_grow.pressure_esd    ? 
_exptl_crystal_grow.seeding         ? 
_exptl_crystal_grow.seeding_ref     ? 
_exptl_crystal_grow.temp            303.15 
_exptl_crystal_grow.temp_details    ? 
_exptl_crystal_grow.temp_esd        ? 
_exptl_crystal_grow.time            ? 
_exptl_crystal_grow.pdbx_details    'PEG 8K, ammonium acetate, magnesium acetate, cacodylate' 
_exptl_crystal_grow.pdbx_pH_range   7.0 
# 
_diffrn.ambient_environment    ? 
_diffrn.ambient_temp           100 
_diffrn.ambient_temp_details   ? 
_diffrn.ambient_temp_esd       ? 
_diffrn.crystal_id             1 
_diffrn.crystal_support        ? 
_diffrn.crystal_treatment      ? 
_diffrn.details                ? 
_diffrn.id                     1 
_diffrn.ambient_pressure       ? 
_diffrn.ambient_pressure_esd   ? 
_diffrn.ambient_pressure_gt    ? 
_diffrn.ambient_pressure_lt    ? 
_diffrn.ambient_temp_gt        ? 
_diffrn.ambient_temp_lt        ? 
# 
_diffrn_detector.details                      ? 
_diffrn_detector.detector                     CCD 
_diffrn_detector.diffrn_id                    1 
_diffrn_detector.type                         'ADSC QUANTUM 315r' 
_diffrn_detector.area_resol_mean              ? 
_diffrn_detector.dtime                        ? 
_diffrn_detector.pdbx_frames_total            ? 
_diffrn_detector.pdbx_collection_time_total   ? 
_diffrn_detector.pdbx_collection_date         2014-12-10 
# 
_diffrn_radiation.collimation                      ? 
_diffrn_radiation.diffrn_id                        1 
_diffrn_radiation.filter_edge                      ? 
_diffrn_radiation.inhomogeneity                    ? 
_diffrn_radiation.monochromator                    'Si(111)' 
_diffrn_radiation.polarisn_norm                    ? 
_diffrn_radiation.polarisn_ratio                   ? 
_diffrn_radiation.probe                            ? 
_diffrn_radiation.type                             ? 
_diffrn_radiation.xray_symbol                      ? 
_diffrn_radiation.wavelength_id                    1 
_diffrn_radiation.pdbx_monochromatic_or_laue_m_l   M 
_diffrn_radiation.pdbx_wavelength_list             ? 
_diffrn_radiation.pdbx_wavelength                  ? 
_diffrn_radiation.pdbx_diffrn_protocol             'SINGLE WAVELENGTH' 
_diffrn_radiation.pdbx_analyzer                    ? 
_diffrn_radiation.pdbx_scattering_type             x-ray 
# 
_diffrn_radiation_wavelength.id           1 
_diffrn_radiation_wavelength.wavelength   0.99995 
_diffrn_radiation_wavelength.wt           1.0 
# 
_diffrn_source.current                     ? 
_diffrn_source.details                     ? 
_diffrn_source.diffrn_id                   1 
_diffrn_source.power                       ? 
_diffrn_source.size                        ? 
_diffrn_source.source                      SYNCHROTRON 
_diffrn_source.target                      ? 
_diffrn_source.type                        'ALS BEAMLINE 5.0.2' 
_diffrn_source.voltage                     ? 
_diffrn_source.take-off_angle              ? 
_diffrn_source.pdbx_wavelength_list        0.99995 
_diffrn_source.pdbx_wavelength             ? 
_diffrn_source.pdbx_synchrotron_beamline   5.0.2 
_diffrn_source.pdbx_synchrotron_site       ALS 
# 
_reflns.B_iso_Wilson_estimate            ? 
_reflns.entry_id                         4XWF 
_reflns.data_reduction_details           ? 
_reflns.data_reduction_method            ? 
_reflns.d_resolution_high                1.80 
_reflns.d_resolution_low                 40.26 
_reflns.details                          ? 
_reflns.limit_h_max                      ? 
_reflns.limit_h_min                      ? 
_reflns.limit_k_max                      ? 
_reflns.limit_k_min                      ? 
_reflns.limit_l_max                      ? 
_reflns.limit_l_min                      ? 
_reflns.number_all                       ? 
_reflns.number_obs                       19001 
_reflns.observed_criterion               ? 
_reflns.observed_criterion_F_max         ? 
_reflns.observed_criterion_F_min         ? 
_reflns.observed_criterion_I_max         ? 
_reflns.observed_criterion_I_min         ? 
_reflns.observed_criterion_sigma_F       ? 
_reflns.observed_criterion_sigma_I       ? 
_reflns.percent_possible_obs             99.5 
_reflns.R_free_details                   ? 
_reflns.Rmerge_F_all                     ? 
_reflns.Rmerge_F_obs                     ? 
_reflns.Friedel_coverage                 ? 
_reflns.number_gt                        ? 
_reflns.threshold_expression             ? 
_reflns.pdbx_redundancy                  3.9 
_reflns.pdbx_Rmerge_I_obs                0.057 
_reflns.pdbx_Rmerge_I_all                ? 
_reflns.pdbx_Rsym_value                  ? 
_reflns.pdbx_netI_over_av_sigmaI         ? 
_reflns.pdbx_netI_over_sigmaI            2.0 
_reflns.pdbx_res_netI_over_av_sigmaI_2   ? 
_reflns.pdbx_res_netI_over_sigmaI_2      ? 
_reflns.pdbx_chi_squared                 ? 
_reflns.pdbx_scaling_rejects             ? 
_reflns.pdbx_d_res_high_opt              ? 
_reflns.pdbx_d_res_low_opt               ? 
_reflns.pdbx_d_res_opt_method            ? 
_reflns.phase_calculation_details        ? 
_reflns.pdbx_Rrim_I_all                  ? 
_reflns.pdbx_Rpim_I_all                  ? 
_reflns.pdbx_d_opt                       ? 
_reflns.pdbx_number_measured_all         ? 
_reflns.pdbx_diffrn_id                   1 
_reflns.pdbx_ordinal                     1 
_reflns.pdbx_CC_half                     ? 
_reflns.pdbx_R_split                     ? 
# 
_reflns_shell.d_res_high                  1.80 
_reflns_shell.d_res_low                   1.84 
_reflns_shell.meanI_over_sigI_all         ? 
_reflns_shell.meanI_over_sigI_obs         2.0 
_reflns_shell.number_measured_all         ? 
_reflns_shell.number_measured_obs         1119 
_reflns_shell.number_possible             ? 
_reflns_shell.number_unique_all           ? 
_reflns_shell.number_unique_obs           ? 
_reflns_shell.percent_possible_all        99.3 
_reflns_shell.percent_possible_obs        ? 
_reflns_shell.Rmerge_F_all                ? 
_reflns_shell.Rmerge_F_obs                ? 
_reflns_shell.Rmerge_I_all                ? 
_reflns_shell.Rmerge_I_obs                0.574 
_reflns_shell.meanI_over_sigI_gt          ? 
_reflns_shell.meanI_over_uI_all           ? 
_reflns_shell.meanI_over_uI_gt            ? 
_reflns_shell.number_measured_gt          ? 
_reflns_shell.number_unique_gt            ? 
_reflns_shell.percent_possible_gt         ? 
_reflns_shell.Rmerge_F_gt                 ? 
_reflns_shell.Rmerge_I_gt                 ? 
_reflns_shell.pdbx_redundancy             3.6 
_reflns_shell.pdbx_Rsym_value             ? 
_reflns_shell.pdbx_chi_squared            ? 
_reflns_shell.pdbx_netI_over_sigmaI_all   ? 
_reflns_shell.pdbx_netI_over_sigmaI_obs   ? 
_reflns_shell.pdbx_Rrim_I_all             ? 
_reflns_shell.pdbx_Rpim_I_all             0.471 
_reflns_shell.pdbx_rejects                ? 
_reflns_shell.pdbx_ordinal                1 
_reflns_shell.pdbx_diffrn_id              1 
_reflns_shell.pdbx_CC_half                0.796 
_reflns_shell.pdbx_R_split                ? 
# 
_refine.pdbx_refine_id                           'X-RAY DIFFRACTION' 
_refine.entry_id                                 4XWF 
_refine.pdbx_diffrn_id                           1 
_refine.pdbx_TLS_residual_ADP_flag               ? 
_refine.ls_number_reflns_obs                     32475 
_refine.ls_number_reflns_all                     ? 
_refine.pdbx_ls_sigma_I                          ? 
_refine.pdbx_ls_sigma_F                          1.34 
_refine.pdbx_data_cutoff_high_absF               ? 
_refine.pdbx_data_cutoff_low_absF                ? 
_refine.pdbx_data_cutoff_high_rms_absF           ? 
_refine.ls_d_res_low                             25.751 
_refine.ls_d_res_high                            1.800 
_refine.ls_percent_reflns_obs                    95.45 
_refine.ls_R_factor_obs                          0.2137 
_refine.ls_R_factor_all                          ? 
_refine.ls_R_factor_R_work                       0.2096 
_refine.ls_R_factor_R_free                       0.2493 
_refine.ls_R_factor_R_free_error                 ? 
_refine.ls_R_factor_R_free_error_details         ? 
_refine.ls_percent_reflns_R_free                 10.00 
_refine.ls_number_reflns_R_free                  3248 
_refine.ls_number_parameters                     ? 
_refine.ls_number_restraints                     ? 
_refine.occupancy_min                            ? 
_refine.occupancy_max                            ? 
_refine.correlation_coeff_Fo_to_Fc               ? 
_refine.correlation_coeff_Fo_to_Fc_free          ? 
_refine.B_iso_mean                               ? 
_refine.aniso_B[1][1]                            ? 
_refine.aniso_B[2][2]                            ? 
_refine.aniso_B[3][3]                            ? 
_refine.aniso_B[1][2]                            ? 
_refine.aniso_B[1][3]                            ? 
_refine.aniso_B[2][3]                            ? 
_refine.solvent_model_details                    'FLAT BULK SOLVENT MODEL' 
_refine.solvent_model_param_ksol                 ? 
_refine.solvent_model_param_bsol                 ? 
_refine.pdbx_solvent_vdw_probe_radii             1.11 
_refine.pdbx_solvent_ion_probe_radii             ? 
_refine.pdbx_solvent_shrinkage_radii             0.90 
_refine.pdbx_ls_cross_valid_method               'FREE R-VALUE' 
_refine.details                                  ? 
_refine.pdbx_starting_model                      4XW7 
_refine.pdbx_method_to_determine_struct          'MOLECULAR REPLACEMENT' 
_refine.pdbx_isotropic_thermal_model             ? 
_refine.pdbx_stereochemistry_target_values       ML 
_refine.pdbx_stereochem_target_val_spec_case     ? 
_refine.pdbx_R_Free_selection_details            ? 
_refine.pdbx_overall_ESU_R                       ? 
_refine.pdbx_overall_ESU_R_Free                  ? 
_refine.overall_SU_ML                            0.27 
_refine.pdbx_overall_phase_error                 28.04 
_refine.overall_SU_B                             ? 
_refine.overall_SU_R_Cruickshank_DPI             ? 
_refine.pdbx_overall_SU_R_free_Cruickshank_DPI   ? 
_refine.pdbx_overall_SU_R_Blow_DPI               ? 
_refine.pdbx_overall_SU_R_free_Blow_DPI          ? 
# 
_refine_hist.pdbx_refine_id                   'X-RAY DIFFRACTION' 
_refine_hist.cycle_id                         LAST 
_refine_hist.pdbx_number_atoms_protein        0 
_refine_hist.pdbx_number_atoms_nucleic_acid   1379 
_refine_hist.pdbx_number_atoms_ligand         58 
_refine_hist.number_atoms_solvent             107 
_refine_hist.number_atoms_total               1544 
_refine_hist.d_res_high                       1.800 
_refine_hist.d_res_low                        25.751 
# 
loop_
_refine_ls_restr.type 
_refine_ls_restr.dev_ideal 
_refine_ls_restr.dev_ideal_target 
_refine_ls_restr.weight 
_refine_ls_restr.number 
_refine_ls_restr.pdbx_refine_id 
_refine_ls_restr.pdbx_restraint_function 
f_bond_d           0.006  ? ? 1594 'X-RAY DIFFRACTION' ? 
f_angle_d          1.201  ? ? 2508 'X-RAY DIFFRACTION' ? 
f_dihedral_angle_d 12.322 ? ? 767  'X-RAY DIFFRACTION' ? 
f_chiral_restr     0.049  ? ? 325  'X-RAY DIFFRACTION' ? 
f_plane_restr      0.008  ? ? 66   'X-RAY DIFFRACTION' ? 
# 
loop_
_refine_ls_shell.pdbx_refine_id 
_refine_ls_shell.pdbx_total_number_of_bins_used 
_refine_ls_shell.d_res_high 
_refine_ls_shell.d_res_low 
_refine_ls_shell.number_reflns_R_work 
_refine_ls_shell.R_factor_R_work 
_refine_ls_shell.percent_reflns_obs 
_refine_ls_shell.R_factor_R_free 
_refine_ls_shell.R_factor_R_free_error 
_refine_ls_shell.percent_reflns_R_free 
_refine_ls_shell.number_reflns_R_free 
_refine_ls_shell.number_reflns_all 
_refine_ls_shell.R_factor_all 
'X-RAY DIFFRACTION' . 1.8000 1.8269  1288 0.3209 94.00 0.3713 . . 138 . . 
'X-RAY DIFFRACTION' . 1.8269 1.8554  1199 0.3118 95.00 0.3491 . . 140 . . 
'X-RAY DIFFRACTION' . 1.8554 1.8858  1269 0.2933 95.00 0.3366 . . 149 . . 
'X-RAY DIFFRACTION' . 1.8858 1.9183  1286 0.3001 95.00 0.3821 . . 140 . . 
'X-RAY DIFFRACTION' . 1.9183 1.9532  1276 0.2967 95.00 0.2999 . . 139 . . 
'X-RAY DIFFRACTION' . 1.9532 1.9907  1250 0.2855 95.00 0.3487 . . 143 . . 
'X-RAY DIFFRACTION' . 1.9907 2.0314  1279 0.2784 96.00 0.3555 . . 145 . . 
'X-RAY DIFFRACTION' . 2.0314 2.0755  1223 0.2735 95.00 0.3033 . . 141 . . 
'X-RAY DIFFRACTION' . 2.0755 2.1238  1294 0.2784 96.00 0.3747 . . 146 . . 
'X-RAY DIFFRACTION' . 2.1238 2.1769  1277 0.2668 96.00 0.2695 . . 142 . . 
'X-RAY DIFFRACTION' . 2.1769 2.2357  1321 0.2849 96.00 0.3698 . . 135 . . 
'X-RAY DIFFRACTION' . 2.2357 2.3014  1251 0.2572 95.00 0.2516 . . 136 . . 
'X-RAY DIFFRACTION' . 2.3014 2.3757  1281 0.2607 95.00 0.3233 . . 138 . . 
'X-RAY DIFFRACTION' . 2.3757 2.4605  1257 0.2561 96.00 0.3231 . . 134 . . 
'X-RAY DIFFRACTION' . 2.4605 2.5589  1269 0.2486 96.00 0.3284 . . 141 . . 
'X-RAY DIFFRACTION' . 2.5589 2.6753  1289 0.2633 95.00 0.3189 . . 139 . . 
'X-RAY DIFFRACTION' . 2.6753 2.8162  1254 0.2684 95.00 0.2737 . . 143 . . 
'X-RAY DIFFRACTION' . 2.8162 2.9924  1274 0.2548 96.00 0.3565 . . 143 . . 
'X-RAY DIFFRACTION' . 2.9924 3.2230  1276 0.1942 97.00 0.2376 . . 144 . . 
'X-RAY DIFFRACTION' . 3.2230 3.5466  1300 0.1655 97.00 0.1882 . . 144 . . 
'X-RAY DIFFRACTION' . 3.5466 4.0581  1285 0.1498 96.00 0.1585 . . 144 . . 
'X-RAY DIFFRACTION' . 4.0581 5.1062  1252 0.1313 95.00 0.1728 . . 145 . . 
'X-RAY DIFFRACTION' . 5.1062 25.7540 1277 0.1591 96.00 0.1931 . . 139 . . 
# 
_struct.entry_id                     4XWF 
_struct.title                        'Crystal structure of the ZMP riboswitch at 1.80 angstrom' 
_struct.pdbx_model_details           ? 
_struct.pdbx_formula_weight          ? 
_struct.pdbx_formula_weight_method   ? 
_struct.pdbx_model_type_details      ? 
_struct.pdbx_CASP_flag               ? 
# 
_struct_keywords.entry_id        4XWF 
_struct_keywords.text            'RNA, Riboswitch, ZMP, AICAR' 
_struct_keywords.pdbx_keywords   RNA 
# 
loop_
_struct_asym.id 
_struct_asym.pdbx_blank_PDB_chainid_flag 
_struct_asym.pdbx_modified 
_struct_asym.entity_id 
_struct_asym.details 
A N N 1 ? 
B N N 2 ? 
C N N 3 ? 
D N N 3 ? 
E N N 3 ? 
F N N 4 ? 
G N N 4 ? 
H N N 4 ? 
I N N 4 ? 
J N N 5 ? 
K N N 6 ? 
# 
loop_
_struct_conn.id 
_struct_conn.conn_type_id 
_struct_conn.pdbx_leaving_atom_flag 
_struct_conn.pdbx_PDB_id 
_struct_conn.ptnr1_label_asym_id 
_struct_conn.ptnr1_label_comp_id 
_struct_conn.ptnr1_label_seq_id 
_struct_conn.ptnr1_label_atom_id 
_struct_conn.pdbx_ptnr1_label_alt_id 
_struct_conn.pdbx_ptnr1_PDB_ins_code 
_struct_conn.pdbx_ptnr1_standard_comp_id 
_struct_conn.ptnr1_symmetry 
_struct_conn.ptnr2_label_asym_id 
_struct_conn.ptnr2_label_comp_id 
_struct_conn.ptnr2_label_seq_id 
_struct_conn.ptnr2_label_atom_id 
_struct_conn.pdbx_ptnr2_label_alt_id 
_struct_conn.pdbx_ptnr2_PDB_ins_code 
_struct_conn.ptnr1_auth_asym_id 
_struct_conn.ptnr1_auth_comp_id 
_struct_conn.ptnr1_auth_seq_id 
_struct_conn.ptnr2_auth_asym_id 
_struct_conn.ptnr2_auth_comp_id 
_struct_conn.ptnr2_auth_seq_id 
_struct_conn.ptnr2_symmetry 
_struct_conn.pdbx_ptnr3_label_atom_id 
_struct_conn.pdbx_ptnr3_label_seq_id 
_struct_conn.pdbx_ptnr3_label_comp_id 
_struct_conn.pdbx_ptnr3_label_asym_id 
_struct_conn.pdbx_ptnr3_label_alt_id 
_struct_conn.pdbx_ptnr3_PDB_ins_code 
_struct_conn.details 
_struct_conn.pdbx_dist_value 
_struct_conn.pdbx_value_order 
_struct_conn.pdbx_role 
metalc1  metalc ? ? A U   11 OP1 ? ? ? 1_555 C MG  .  MG ? ? A U   11  A MG  102 1_555 ? ? ? ? ? ? ?             1.973 ? ? 
metalc2  metalc ? ? A U   22 O4  ? ? ? 1_555 E MG  .  MG ? ? A U   22  A MG  104 1_555 ? ? ? ? ? ? ?             2.444 ? ? 
metalc3  metalc ? ? A G   23 O6  ? ? ? 1_555 E MG  .  MG ? ? A G   23  A MG  104 1_555 ? ? ? ? ? ? ?             2.205 ? ? 
metalc4  metalc ? ? A C   29 OP2 ? ? ? 1_555 C MG  .  MG ? ? A C   29  A MG  102 1_555 ? ? ? ? ? ? ?             2.025 ? ? 
metalc5  metalc ? ? A C   52 O2  ? ? ? 1_555 D MG  .  MG ? ? A C   52  A MG  103 1_555 ? ? ? ? ? ? ?             1.998 ? ? 
metalc6  metalc ? ? B AMZ .  O5  ? ? ? 1_555 C MG  .  MG ? ? A AMZ 101 A MG  102 1_555 ? ? ? ? ? ? ?             2.231 ? ? 
metalc7  metalc ? ? C MG  .  MG  ? ? ? 1_555 K HOH .  O  ? ? A MG  102 A HOH 221 1_555 ? ? ? ? ? ? ?             1.937 ? ? 
metalc8  metalc ? ? C MG  .  MG  ? ? ? 1_555 K HOH .  O  ? ? A MG  102 A HOH 222 1_555 ? ? ? ? ? ? ?             2.085 ? ? 
metalc9  metalc ? ? C MG  .  MG  ? ? ? 1_555 K HOH .  O  ? ? A MG  102 A HOH 225 1_555 ? ? ? ? ? ? ?             1.998 ? ? 
metalc10 metalc ? ? D MG  .  MG  ? ? ? 1_555 K HOH .  O  ? ? A MG  103 A HOH 210 7_555 ? ? ? ? ? ? ?             2.112 ? ? 
metalc11 metalc ? ? D MG  .  MG  ? ? ? 1_555 K HOH .  O  ? ? A MG  103 A HOH 214 1_555 ? ? ? ? ? ? ?             2.332 ? ? 
metalc12 metalc ? ? D MG  .  MG  ? ? ? 1_555 K HOH .  O  ? ? A MG  103 A HOH 228 1_555 ? ? ? ? ? ? ?             1.864 ? ? 
metalc13 metalc ? ? D MG  .  MG  ? ? ? 1_555 K HOH .  O  ? ? A MG  103 A HOH 231 1_555 ? ? ? ? ? ? ?             1.902 ? ? 
metalc14 metalc ? ? D MG  .  MG  ? ? ? 1_555 K HOH .  O  ? ? A MG  103 A HOH 237 1_555 ? ? ? ? ? ? ?             2.008 ? ? 
metalc15 metalc ? ? E MG  .  MG  ? ? ? 1_555 J CAC .  O1 ? ? A MG  104 A CAC 109 1_555 ? ? ? ? ? ? ?             2.304 ? ? 
metalc16 metalc ? ? E MG  .  MG  ? ? ? 1_555 J CAC .  O2 ? ? A MG  104 A CAC 109 1_555 ? ? ? ? ? ? ?             2.704 ? ? 
metalc17 metalc ? ? E MG  .  MG  ? ? ? 1_555 K HOH .  O  ? ? A MG  104 A HOH 255 1_555 ? ? ? ? ? ? ?             2.762 ? ? 
metalc18 metalc ? ? E MG  .  MG  ? ? ? 1_555 K HOH .  O  ? ? A MG  104 A HOH 278 1_555 ? ? ? ? ? ? ?             2.607 ? ? 
hydrog1  hydrog ? ? A G   1  N1  ? ? ? 1_555 A C   45 N3 ? ? A G   1   A C   45  1_555 ? ? ? ? ? ? WATSON-CRICK  ?     ? ? 
hydrog2  hydrog ? ? A G   1  N2  ? ? ? 1_555 A C   45 O2 ? ? A G   1   A C   45  1_555 ? ? ? ? ? ? WATSON-CRICK  ?     ? ? 
hydrog3  hydrog ? ? A G   1  O6  ? ? ? 1_555 A C   45 N4 ? ? A G   1   A C   45  1_555 ? ? ? ? ? ? WATSON-CRICK  ?     ? ? 
hydrog4  hydrog ? ? A G   2  N1  ? ? ? 1_555 A C   44 N3 ? ? A G   2   A C   44  1_555 ? ? ? ? ? ? WATSON-CRICK  ?     ? ? 
hydrog5  hydrog ? ? A G   2  N2  ? ? ? 1_555 A C   44 O2 ? ? A G   2   A C   44  1_555 ? ? ? ? ? ? WATSON-CRICK  ?     ? ? 
hydrog6  hydrog ? ? A G   2  O6  ? ? ? 1_555 A C   44 N4 ? ? A G   2   A C   44  1_555 ? ? ? ? ? ? WATSON-CRICK  ?     ? ? 
hydrog7  hydrog ? ? A G   3  N1  ? ? ? 1_555 A C   43 N3 ? ? A G   3   A C   43  1_555 ? ? ? ? ? ? WATSON-CRICK  ?     ? ? 
hydrog8  hydrog ? ? A G   3  N2  ? ? ? 1_555 A C   43 O2 ? ? A G   3   A C   43  1_555 ? ? ? ? ? ? WATSON-CRICK  ?     ? ? 
hydrog9  hydrog ? ? A G   3  O6  ? ? ? 1_555 A C   43 N4 ? ? A G   3   A C   43  1_555 ? ? ? ? ? ? WATSON-CRICK  ?     ? ? 
hydrog10 hydrog ? ? A U   4  N3  ? ? ? 1_555 A A   42 N1 ? ? A U   4   A A   42  1_555 ? ? ? ? ? ? WATSON-CRICK  ?     ? ? 
hydrog11 hydrog ? ? A U   4  O4  ? ? ? 1_555 A A   42 N6 ? ? A U   4   A A   42  1_555 ? ? ? ? ? ? WATSON-CRICK  ?     ? ? 
hydrog12 hydrog ? ? A C   5  N3  ? ? ? 1_555 A G   41 N1 ? ? A C   5   A G   41  1_555 ? ? ? ? ? ? WATSON-CRICK  ?     ? ? 
hydrog13 hydrog ? ? A C   5  N4  ? ? ? 1_555 A G   41 O6 ? ? A C   5   A G   41  1_555 ? ? ? ? ? ? WATSON-CRICK  ?     ? ? 
hydrog14 hydrog ? ? A C   5  O2  ? ? ? 1_555 A G   41 N2 ? ? A C   5   A G   41  1_555 ? ? ? ? ? ? WATSON-CRICK  ?     ? ? 
hydrog15 hydrog ? ? A G   6  N1  ? ? ? 1_555 A C   40 N3 ? ? A G   6   A C   40  1_555 ? ? ? ? ? ? WATSON-CRICK  ?     ? ? 
hydrog16 hydrog ? ? A G   6  N2  ? ? ? 1_555 A C   40 O2 ? ? A G   6   A C   40  1_555 ? ? ? ? ? ? WATSON-CRICK  ?     ? ? 
hydrog17 hydrog ? ? A G   6  O6  ? ? ? 1_555 A C   40 N4 ? ? A G   6   A C   40  1_555 ? ? ? ? ? ? WATSON-CRICK  ?     ? ? 
hydrog18 hydrog ? ? A U   7  N3  ? ? ? 1_555 A G   39 O6 ? ? A U   7   A G   39  1_555 ? ? ? ? ? ? TYPE_28_PAIR  ?     ? ? 
hydrog19 hydrog ? ? A U   7  O2  ? ? ? 1_555 A G   39 N1 ? ? A U   7   A G   39  1_555 ? ? ? ? ? ? TYPE_28_PAIR  ?     ? ? 
hydrog20 hydrog ? ? A G   8  N2  ? ? ? 1_555 A A   38 N7 ? ? A G   8   A A   38  1_555 ? ? ? ? ? ? TYPE_11_PAIR  ?     ? ? 
hydrog21 hydrog ? ? A G   8  N3  ? ? ? 1_555 A A   38 N6 ? ? A G   8   A A   38  1_555 ? ? ? ? ? ? TYPE_11_PAIR  ?     ? ? 
hydrog22 hydrog ? ? A A   9  N6  ? ? ? 1_555 A G   37 N3 ? ? A A   9   A G   37  1_555 ? ? ? ? ? ? TYPE_11_PAIR  ?     ? ? 
hydrog23 hydrog ? ? A A   9  N7  ? ? ? 1_555 A G   37 N2 ? ? A A   9   A G   37  1_555 ? ? ? ? ? ? TYPE_11_PAIR  ?     ? ? 
hydrog24 hydrog ? ? A C   10 N3  ? ? ? 1_555 A G   36 N1 ? ? A C   10  A G   36  1_555 ? ? ? ? ? ? WATSON-CRICK  ?     ? ? 
hydrog25 hydrog ? ? A C   10 N4  ? ? ? 1_555 A G   36 O6 ? ? A C   10  A G   36  1_555 ? ? ? ? ? ? WATSON-CRICK  ?     ? ? 
hydrog26 hydrog ? ? A C   10 O2  ? ? ? 1_555 A G   36 N2 ? ? A C   10  A G   36  1_555 ? ? ? ? ? ? WATSON-CRICK  ?     ? ? 
hydrog27 hydrog ? ? A U   11 N3  ? ? ? 1_555 A G   35 O6 ? ? A U   11  A G   35  1_555 ? ? ? ? ? ? TYPE_28_PAIR  ?     ? ? 
hydrog28 hydrog ? ? A U   11 O2  ? ? ? 1_555 A G   35 N1 ? ? A U   11  A G   35  1_555 ? ? ? ? ? ? TYPE_28_PAIR  ?     ? ? 
hydrog29 hydrog ? ? A G   12 N2  ? ? ? 1_555 A A   28 N3 ? ? A G   12  A A   28  1_555 ? ? ? ? ? ? 'G-A MISPAIR' ?     ? ? 
hydrog30 hydrog ? ? A A   19 N3  ? ? ? 1_555 A G   34 N2 ? ? A A   19  A G   34  1_555 ? ? ? ? ? ? 'A-G MISPAIR' ?     ? ? 
hydrog31 hydrog ? ? A G   20 N1  ? ? ? 1_555 A C   33 N3 ? ? A G   20  A C   33  1_555 ? ? ? ? ? ? WATSON-CRICK  ?     ? ? 
hydrog32 hydrog ? ? A G   20 N2  ? ? ? 1_555 A C   33 O2 ? ? A G   20  A C   33  1_555 ? ? ? ? ? ? WATSON-CRICK  ?     ? ? 
hydrog33 hydrog ? ? A G   20 O6  ? ? ? 1_555 A C   33 N4 ? ? A G   20  A C   33  1_555 ? ? ? ? ? ? WATSON-CRICK  ?     ? ? 
hydrog34 hydrog ? ? A G   21 N1  ? ? ? 1_555 A C   32 N3 ? ? A G   21  A C   32  1_555 ? ? ? ? ? ? WATSON-CRICK  ?     ? ? 
hydrog35 hydrog ? ? A G   21 N2  ? ? ? 1_555 A C   32 O2 ? ? A G   21  A C   32  1_555 ? ? ? ? ? ? WATSON-CRICK  ?     ? ? 
hydrog36 hydrog ? ? A G   21 O6  ? ? ? 1_555 A C   32 N4 ? ? A G   21  A C   32  1_555 ? ? ? ? ? ? WATSON-CRICK  ?     ? ? 
hydrog37 hydrog ? ? A U   22 N3  ? ? ? 1_555 A A   31 N1 ? ? A U   22  A A   31  1_555 ? ? ? ? ? ? WATSON-CRICK  ?     ? ? 
hydrog38 hydrog ? ? A U   22 O4  ? ? ? 1_555 A A   31 N6 ? ? A U   22  A A   31  1_555 ? ? ? ? ? ? WATSON-CRICK  ?     ? ? 
hydrog39 hydrog ? ? A G   23 N1  ? ? ? 1_555 A C   30 N3 ? ? A G   23  A C   30  1_555 ? ? ? ? ? ? WATSON-CRICK  ?     ? ? 
hydrog40 hydrog ? ? A G   23 N2  ? ? ? 1_555 A C   30 O2 ? ? A G   23  A C   30  1_555 ? ? ? ? ? ? WATSON-CRICK  ?     ? ? 
hydrog41 hydrog ? ? A G   23 O6  ? ? ? 1_555 A C   30 N4 ? ? A G   23  A C   30  1_555 ? ? ? ? ? ? WATSON-CRICK  ?     ? ? 
hydrog42 hydrog ? ? A G   24 N1  ? ? ? 1_555 A C   29 N3 ? ? A G   24  A C   29  1_555 ? ? ? ? ? ? WATSON-CRICK  ?     ? ? 
hydrog43 hydrog ? ? A G   24 N2  ? ? ? 1_555 A C   29 O2 ? ? A G   24  A C   29  1_555 ? ? ? ? ? ? WATSON-CRICK  ?     ? ? 
hydrog44 hydrog ? ? A G   24 O6  ? ? ? 1_555 A C   29 N4 ? ? A G   24  A C   29  1_555 ? ? ? ? ? ? WATSON-CRICK  ?     ? ? 
hydrog45 hydrog ? ? A U   46 N3  ? ? ? 1_555 A A   64 N1 ? ? A U   46  A A   64  1_555 ? ? ? ? ? ? WATSON-CRICK  ?     ? ? 
hydrog46 hydrog ? ? A U   46 O4  ? ? ? 1_555 A A   64 N6 ? ? A U   46  A A   64  1_555 ? ? ? ? ? ? WATSON-CRICK  ?     ? ? 
hydrog47 hydrog ? ? A U   47 N3  ? ? ? 1_555 A A   63 N1 ? ? A U   47  A A   63  1_555 ? ? ? ? ? ? WATSON-CRICK  ?     ? ? 
hydrog48 hydrog ? ? A U   47 O4  ? ? ? 1_555 A A   63 N6 ? ? A U   47  A A   63  1_555 ? ? ? ? ? ? WATSON-CRICK  ?     ? ? 
hydrog49 hydrog ? ? A G   48 N1  ? ? ? 1_555 A C   62 N3 ? ? A G   48  A C   62  1_555 ? ? ? ? ? ? WATSON-CRICK  ?     ? ? 
hydrog50 hydrog ? ? A G   48 N2  ? ? ? 1_555 A C   62 O2 ? ? A G   48  A C   62  1_555 ? ? ? ? ? ? WATSON-CRICK  ?     ? ? 
hydrog51 hydrog ? ? A G   48 O6  ? ? ? 1_555 A C   62 N4 ? ? A G   48  A C   62  1_555 ? ? ? ? ? ? WATSON-CRICK  ?     ? ? 
hydrog52 hydrog ? ? A C   49 N3  ? ? ? 1_555 A G   61 N1 ? ? A C   49  A G   61  1_555 ? ? ? ? ? ? WATSON-CRICK  ?     ? ? 
hydrog53 hydrog ? ? A C   49 N4  ? ? ? 1_555 A G   61 O6 ? ? A C   49  A G   61  1_555 ? ? ? ? ? ? WATSON-CRICK  ?     ? ? 
hydrog54 hydrog ? ? A C   49 O2  ? ? ? 1_555 A G   61 N2 ? ? A C   49  A G   61  1_555 ? ? ? ? ? ? WATSON-CRICK  ?     ? ? 
hydrog55 hydrog ? ? A C   50 N3  ? ? ? 1_555 A G   60 N1 ? ? A C   50  A G   60  1_555 ? ? ? ? ? ? WATSON-CRICK  ?     ? ? 
hydrog56 hydrog ? ? A C   50 N4  ? ? ? 1_555 A G   60 O6 ? ? A C   50  A G   60  1_555 ? ? ? ? ? ? WATSON-CRICK  ?     ? ? 
hydrog57 hydrog ? ? A C   50 O2  ? ? ? 1_555 A G   60 N2 ? ? A C   50  A G   60  1_555 ? ? ? ? ? ? WATSON-CRICK  ?     ? ? 
hydrog58 hydrog ? ? A G   51 O6  ? ? ? 1_555 A G   59 N1 ? ? A G   51  A G   59  1_555 ? ? ? ? ? ? 'G-G MISPAIR' ?     ? ? 
# 
loop_
_struct_conn_type.id 
_struct_conn_type.criteria 
_struct_conn_type.reference 
metalc ? ? 
hydrog ? ? 
# 
loop_
_struct_site.id 
_struct_site.pdbx_evidence_code 
_struct_site.pdbx_auth_asym_id 
_struct_site.pdbx_auth_comp_id 
_struct_site.pdbx_auth_seq_id 
_struct_site.pdbx_auth_ins_code 
_struct_site.pdbx_num_residues 
_struct_site.details 
AC1 Software A AMZ 101 ? 15 'binding site for residue AMZ A 101' 
AC2 Software A MG  102 ? 6  'binding site for residue MG A 102'  
AC3 Software A MG  103 ? 6  'binding site for residue MG A 103'  
AC4 Software A MG  104 ? 5  'binding site for residue MG A 104'  
AC5 Software A IRI 105 ? 5  'binding site for residue IRI A 105' 
AC6 Software A IRI 106 ? 6  'binding site for residue IRI A 106' 
AC7 Software A IRI 107 ? 5  'binding site for residue IRI A 107' 
AC8 Software A IRI 108 ? 4  'binding site for residue IRI A 108' 
AC9 Software A CAC 109 ? 6  'binding site for residue CAC A 109' 
# 
loop_
_struct_site_gen.id 
_struct_site_gen.site_id 
_struct_site_gen.pdbx_num_res 
_struct_site_gen.label_comp_id 
_struct_site_gen.label_asym_id 
_struct_site_gen.label_seq_id 
_struct_site_gen.pdbx_auth_ins_code 
_struct_site_gen.auth_comp_id 
_struct_site_gen.auth_asym_id 
_struct_site_gen.auth_seq_id 
_struct_site_gen.label_atom_id 
_struct_site_gen.label_alt_id 
_struct_site_gen.symmetry 
_struct_site_gen.details 
1  AC1 15 U   A 11 ? U   A 11  . ? 1_555 ? 
2  AC1 15 G   A 12 ? G   A 12  . ? 1_555 ? 
3  AC1 15 A   A 28 ? A   A 28  . ? 1_555 ? 
4  AC1 15 C   A 29 ? C   A 29  . ? 1_555 ? 
5  AC1 15 G   A 51 ? G   A 51  . ? 7_555 ? 
6  AC1 15 C   A 52 ? C   A 52  . ? 7_555 ? 
7  AC1 15 C   A 57 ? C   A 57  . ? 7_555 ? 
8  AC1 15 U   A 58 ? U   A 58  . ? 7_555 ? 
9  AC1 15 G   A 59 ? G   A 59  . ? 7_555 ? 
10 AC1 15 MG  C .  ? MG  A 102 . ? 1_555 ? 
11 AC1 15 HOH K .  ? HOH A 203 . ? 1_555 ? 
12 AC1 15 HOH K .  ? HOH A 210 . ? 1_555 ? 
13 AC1 15 HOH K .  ? HOH A 222 . ? 1_555 ? 
14 AC1 15 HOH K .  ? HOH A 228 . ? 7_555 ? 
15 AC1 15 HOH K .  ? HOH A 232 . ? 1_555 ? 
16 AC2 6  U   A 11 ? U   A 11  . ? 1_555 ? 
17 AC2 6  C   A 29 ? C   A 29  . ? 1_555 ? 
18 AC2 6  AMZ B .  ? AMZ A 101 . ? 1_555 ? 
19 AC2 6  HOH K .  ? HOH A 221 . ? 1_555 ? 
20 AC2 6  HOH K .  ? HOH A 222 . ? 1_555 ? 
21 AC2 6  HOH K .  ? HOH A 225 . ? 1_555 ? 
22 AC3 6  C   A 52 ? C   A 52  . ? 1_555 ? 
23 AC3 6  HOH K .  ? HOH A 210 . ? 7_555 ? 
24 AC3 6  HOH K .  ? HOH A 214 . ? 1_555 ? 
25 AC3 6  HOH K .  ? HOH A 228 . ? 1_555 ? 
26 AC3 6  HOH K .  ? HOH A 231 . ? 1_555 ? 
27 AC3 6  HOH K .  ? HOH A 237 . ? 1_555 ? 
28 AC4 5  U   A 22 ? U   A 22  . ? 1_555 ? 
29 AC4 5  G   A 23 ? G   A 23  . ? 1_555 ? 
30 AC4 5  CAC J .  ? CAC A 109 . ? 1_555 ? 
31 AC4 5  HOH K .  ? HOH A 255 . ? 1_555 ? 
32 AC4 5  HOH K .  ? HOH A 278 . ? 1_555 ? 
33 AC5 5  U   A 7  ? U   A 7   . ? 1_555 ? 
34 AC5 5  G   A 8  ? G   A 8   . ? 1_555 ? 
35 AC5 5  G   A 37 ? G   A 37  . ? 1_555 ? 
36 AC5 5  HOH K .  ? HOH A 273 . ? 1_555 ? 
37 AC5 5  HOH K .  ? HOH A 299 . ? 1_555 ? 
38 AC6 6  G   A 48 ? G   A 48  . ? 1_555 ? 
39 AC6 6  G   A 60 ? G   A 60  . ? 1_555 ? 
40 AC6 6  G   A 61 ? G   A 61  . ? 1_555 ? 
41 AC6 6  C   A 62 ? C   A 62  . ? 1_555 ? 
42 AC6 6  IRI H .  ? IRI A 107 . ? 1_555 ? 
43 AC6 6  HOH K .  ? HOH A 292 . ? 1_555 ? 
44 AC7 5  U   A 58 ? U   A 58  . ? 1_555 ? 
45 AC7 5  G   A 59 ? G   A 59  . ? 1_555 ? 
46 AC7 5  IRI G .  ? IRI A 106 . ? 1_555 ? 
47 AC7 5  HOH K .  ? HOH A 203 . ? 7_555 ? 
48 AC7 5  HOH K .  ? HOH A 232 . ? 7_555 ? 
49 AC8 4  G   A 1  ? G   A 1   . ? 1_455 ? 
50 AC8 4  C   A 10 ? C   A 10  . ? 1_555 ? 
51 AC8 4  C   A 30 ? C   A 30  . ? 1_555 ? 
52 AC8 4  HOH K .  ? HOH A 230 . ? 1_555 ? 
53 AC9 6  U   A 22 ? U   A 22  . ? 1_555 ? 
54 AC9 6  G   A 23 ? G   A 23  . ? 1_555 ? 
55 AC9 6  G   A 24 ? G   A 24  . ? 1_555 ? 
56 AC9 6  G   A 25 ? G   A 25  . ? 1_555 ? 
57 AC9 6  MG  E .  ? MG  A 104 . ? 1_555 ? 
58 AC9 6  HOH K .  ? HOH A 256 . ? 1_555 ? 
# 
_atom_sites.entry_id                    4XWF 
_atom_sites.fract_transf_matrix[1][1]   -0.01854227 
_atom_sites.fract_transf_matrix[1][2]   0.01572061 
_atom_sites.fract_transf_matrix[1][3]   -0.00539042 
_atom_sites.fract_transf_matrix[2][1]   -0.01022854 
_atom_sites.fract_transf_matrix[2][2]   -0.01716068 
_atom_sites.fract_transf_matrix[2][3]   -0.01486264 
_atom_sites.fract_transf_matrix[3][1]   -0.00223937 
_atom_sites.fract_transf_matrix[3][2]   -0.00151362 
_atom_sites.fract_transf_matrix[3][3]   0.00328880 
_atom_sites.fract_transf_vector[1]      -0.464327 
_atom_sites.fract_transf_vector[2]      -0.240375 
_atom_sites.fract_transf_vector[3]      -0.042749 
# 
loop_
_atom_type.symbol 
AS 
C  
IR 
MG 
N  
O  
P  
# 
loop_
_atom_site.group_PDB 
_atom_site.id 
_atom_site.type_symbol 
_atom_site.label_atom_id 
_atom_site.label_alt_id 
_atom_site.label_comp_id 
_atom_site.label_asym_id 
_atom_site.label_entity_id 
_atom_site.label_seq_id 
_atom_site.pdbx_PDB_ins_code 
_atom_site.Cartn_x 
_atom_site.Cartn_y 
_atom_site.Cartn_z 
_atom_site.occupancy 
_atom_site.B_iso_or_equiv 
_atom_site.pdbx_formal_charge 
_atom_site.auth_seq_id 
_atom_site.auth_comp_id 
_atom_site.auth_asym_id 
_atom_site.auth_atom_id 
_atom_site.pdbx_PDB_model_num 
ATOM   1    P  P     . G   A 1 1  ? -10.956 4.738   0.116   1.00 78.31  ?  1   G   A P     1 
ATOM   2    O  OP1   . G   A 1 1  ? -9.809  5.183   0.951   1.00 60.22  ?  1   G   A OP1   1 
ATOM   3    O  OP2   . G   A 1 1  ? -12.031 3.861   0.655   1.00 59.90  ?  1   G   A OP2   1 
ATOM   4    O  "O5'" . G   A 1 1  ? -11.634 6.063   -0.452  1.00 71.49  ?  1   G   A "O5'" 1 
ATOM   5    C  "C5'" . G   A 1 1  ? -12.527 6.003   -1.554  1.00 62.64  ?  1   G   A "C5'" 1 
ATOM   6    C  "C4'" . G   A 1 1  ? -12.733 7.352   -2.197  1.00 57.39  ?  1   G   A "C4'" 1 
ATOM   7    O  "O4'" . G   A 1 1  ? -13.225 8.308   -1.216  1.00 56.66  ?  1   G   A "O4'" 1 
ATOM   8    C  "C3'" . G   A 1 1  ? -11.505 8.035   -2.779  1.00 48.30  ?  1   G   A "C3'" 1 
ATOM   9    O  "O3'" . G   A 1 1  ? -11.102 7.506   -4.034  1.00 58.50  ?  1   G   A "O3'" 1 
ATOM   10   C  "C2'" . G   A 1 1  ? -11.957 9.487   -2.833  1.00 52.96  ?  1   G   A "C2'" 1 
ATOM   11   O  "O2'" . G   A 1 1  ? -12.880 9.679   -3.894  1.00 47.95  ?  1   G   A "O2'" 1 
ATOM   12   C  "C1'" . G   A 1 1  ? -12.728 9.596   -1.517  1.00 44.82  ?  1   G   A "C1'" 1 
ATOM   13   N  N9    . G   A 1 1  ? -11.850 10.037  -0.413  1.00 43.31  ?  1   G   A N9    1 
ATOM   14   C  C8    . G   A 1 1  ? -11.353 9.301   0.638   1.00 37.65  ?  1   G   A C8    1 
ATOM   15   N  N7    . G   A 1 1  ? -10.584 9.995   1.433   1.00 33.27  ?  1   G   A N7    1 
ATOM   16   C  C5    . G   A 1 1  ? -10.570 11.268  0.884   1.00 32.42  ?  1   G   A C5    1 
ATOM   17   C  C6    . G   A 1 1  ? -9.910  12.457  1.295   1.00 41.55  ?  1   G   A C6    1 
ATOM   18   O  O6    . G   A 1 1  ? -9.171  12.657  2.273   1.00 36.24  ?  1   G   A O6    1 
ATOM   19   N  N1    . G   A 1 1  ? -10.175 13.507  0.423   1.00 41.48  ?  1   G   A N1    1 
ATOM   20   C  C2    . G   A 1 1  ? -10.960 13.422  -0.691  1.00 36.63  ?  1   G   A C2    1 
ATOM   21   N  N2    . G   A 1 1  ? -11.098 14.542  -1.404  1.00 33.41  ?  1   G   A N2    1 
ATOM   22   N  N3    . G   A 1 1  ? -11.579 12.329  -1.077  1.00 39.49  ?  1   G   A N3    1 
ATOM   23   C  C4    . G   A 1 1  ? -11.339 11.299  -0.256  1.00 39.83  ?  1   G   A C4    1 
ATOM   24   P  P     . G   A 1 2  ? -9.567  7.599   -4.526  1.00 48.95  ?  2   G   A P     1 
ATOM   25   O  OP1   . G   A 1 2  ? -9.517  6.942   -5.854  1.00 58.43  ?  2   G   A OP1   1 
ATOM   26   O  OP2   . G   A 1 2  ? -8.632  7.101   -3.490  1.00 46.79  ?  2   G   A OP2   1 
ATOM   27   O  "O5'" . G   A 1 2  ? -9.334  9.154   -4.753  1.00 41.93  ?  2   G   A "O5'" 1 
ATOM   28   C  "C5'" . G   A 1 2  ? -9.901  9.794   -5.883  1.00 44.48  ?  2   G   A "C5'" 1 
ATOM   29   C  "C4'" . G   A 1 2  ? -9.539  11.250  -5.942  1.00 42.35  ?  2   G   A "C4'" 1 
ATOM   30   O  "O4'" . G   A 1 2  ? -10.037 11.929  -4.763  1.00 44.19  ?  2   G   A "O4'" 1 
ATOM   31   C  "C3'" . G   A 1 2  ? -8.057  11.579  -5.949  1.00 43.00  ?  2   G   A "C3'" 1 
ATOM   32   O  "O3'" . G   A 1 2  ? -7.462  11.404  -7.219  1.00 42.09  ?  2   G   A "O3'" 1 
ATOM   33   C  "C2'" . G   A 1 2  ? -8.056  13.020  -5.463  1.00 39.57  ?  2   G   A "C2'" 1 
ATOM   34   O  "O2'" . G   A 1 2  ? -8.487  13.898  -6.490  1.00 45.38  ?  2   G   A "O2'" 1 
ATOM   35   C  "C1'" . G   A 1 2  ? -9.150  12.961  -4.398  1.00 38.84  ?  2   G   A "C1'" 1 
ATOM   36   N  N9    . G   A 1 2  ? -8.572  12.624  -3.088  1.00 41.21  ?  2   G   A N9    1 
ATOM   37   C  C8    . G   A 1 2  ? -8.618  11.419  -2.433  1.00 42.23  ?  2   G   A C8    1 
ATOM   38   N  N7    . G   A 1 2  ? -7.985  11.443  -1.290  1.00 39.72  ?  2   G   A N7    1 
ATOM   39   C  C5    . G   A 1 2  ? -7.485  12.735  -1.205  1.00 38.10  ?  2   G   A C5    1 
ATOM   40   C  C6    . G   A 1 2  ? -6.717  13.346  -0.194  1.00 42.38  ?  2   G   A C6    1 
ATOM   41   O  O6    . G   A 1 2  ? -6.318  12.830  0.856   1.00 35.46  ?  2   G   A O6    1 
ATOM   42   N  N1    . G   A 1 2  ? -6.424  14.668  -0.509  1.00 35.49  ?  2   G   A N1    1 
ATOM   43   C  C2    . G   A 1 2  ? -6.839  15.318  -1.647  1.00 34.66  ?  2   G   A C2    1 
ATOM   44   N  N2    . G   A 1 2  ? -6.476  16.594  -1.802  1.00 42.84  ?  2   G   A N2    1 
ATOM   45   N  N3    . G   A 1 2  ? -7.552  14.753  -2.593  1.00 38.65  ?  2   G   A N3    1 
ATOM   46   C  C4    . G   A 1 2  ? -7.835  13.473  -2.305  1.00 34.11  ?  2   G   A C4    1 
ATOM   47   P  P     . G   A 1 3  ? -5.921  10.962  -7.362  1.00 42.26  ?  3   G   A P     1 
ATOM   48   O  OP1   . G   A 1 3  ? -5.687  10.850  -8.822  1.00 46.35  ?  3   G   A OP1   1 
ATOM   49   O  OP2   . G   A 1 3  ? -5.624  9.820   -6.475  1.00 42.82  ?  3   G   A OP2   1 
ATOM   50   O  "O5'" . G   A 1 3  ? -5.090  12.218  -6.854  1.00 40.07  ?  3   G   A "O5'" 1 
ATOM   51   C  "C5'" . G   A 1 3  ? -5.164  13.452  -7.543  1.00 47.98  ?  3   G   A "C5'" 1 
ATOM   52   C  "C4'" . G   A 1 3  ? -4.428  14.553  -6.821  1.00 51.43  ?  3   G   A "C4'" 1 
ATOM   53   O  "O4'" . G   A 1 3  ? -5.042  14.808  -5.532  1.00 43.55  ?  3   G   A "O4'" 1 
ATOM   54   C  "C3'" . G   A 1 3  ? -2.969  14.298  -6.477  1.00 46.26  ?  3   G   A "C3'" 1 
ATOM   55   O  "O3'" . G   A 1 3  ? -2.095  14.431  -7.588  1.00 46.65  ?  3   G   A "O3'" 1 
ATOM   56   C  "C2'" . G   A 1 3  ? -2.726  15.317  -5.374  1.00 31.53  ?  3   G   A "C2'" 1 
ATOM   57   O  "O2'" . G   A 1 3  ? -2.587  16.616  -5.920  1.00 44.03  ?  3   G   A "O2'" 1 
ATOM   58   C  "C1'" . G   A 1 3  ? -4.059  15.259  -4.623  1.00 37.97  ?  3   G   A "C1'" 1 
ATOM   59   N  N9    . G   A 1 3  ? -3.998  14.320  -3.490  1.00 37.75  ?  3   G   A N9    1 
ATOM   60   C  C8    . G   A 1 3  ? -4.491  13.044  -3.393  1.00 42.65  ?  3   G   A C8    1 
ATOM   61   N  N7    . G   A 1 3  ? -4.240  12.482  -2.237  1.00 35.05  ?  3   G   A N7    1 
ATOM   62   C  C5    . G   A 1 3  ? -3.540  13.448  -1.537  1.00 41.28  ?  3   G   A C5    1 
ATOM   63   C  C6    . G   A 1 3  ? -3.003  13.435  -0.221  1.00 38.43  ?  3   G   A C6    1 
ATOM   64   O  O6    . G   A 1 3  ? -3.027  12.529  0.623   1.00 32.27  ?  3   G   A O6    1 
ATOM   65   N  N1    . G   A 1 3  ? -2.376  14.632  0.060   1.00 35.78  ?  3   G   A N1    1 
ATOM   66   C  C2    . G   A 1 3  ? -2.270  15.705  -0.783  1.00 38.51  ?  3   G   A C2    1 
ATOM   67   N  N2    . G   A 1 3  ? -1.626  16.780  -0.329  1.00 44.54  ?  3   G   A N2    1 
ATOM   68   N  N3    . G   A 1 3  ? -2.764  15.736  -1.993  1.00 46.35  ?  3   G   A N3    1 
ATOM   69   C  C4    . G   A 1 3  ? -3.382  14.581  -2.299  1.00 43.79  ?  3   G   A C4    1 
ATOM   70   P  P     . U   A 1 4  ? -0.816  13.461  -7.738  1.00 58.51  ?  4   U   A P     1 
ATOM   71   O  OP1   . U   A 1 4  ? -0.304  13.621  -9.128  1.00 47.55  ?  4   U   A OP1   1 
ATOM   72   O  OP2   . U   A 1 4  ? -1.128  12.115  -7.194  1.00 38.03  ?  4   U   A OP2   1 
ATOM   73   O  "O5'" . U   A 1 4  ? 0.269   14.113  -6.778  1.00 49.75  ?  4   U   A "O5'" 1 
ATOM   74   C  "C5'" . U   A 1 4  ? 0.697   15.446  -6.983  1.00 48.88  ?  4   U   A "C5'" 1 
ATOM   75   C  "C4'" . U   A 1 4  ? 1.451   15.965  -5.791  1.00 47.82  ?  4   U   A "C4'" 1 
ATOM   76   O  "O4'" . U   A 1 4  ? 0.571   16.034  -4.636  1.00 56.04  ?  4   U   A "O4'" 1 
ATOM   77   C  "C3'" . U   A 1 4  ? 2.596   15.103  -5.302  1.00 47.08  ?  4   U   A "C3'" 1 
ATOM   78   O  "O3'" . U   A 1 4  ? 3.762   15.195  -6.096  1.00 54.17  ?  4   U   A "O3'" 1 
ATOM   79   C  "C2'" . U   A 1 4  ? 2.771   15.602  -3.879  1.00 45.89  ?  4   U   A "C2'" 1 
ATOM   80   O  "O2'" . U   A 1 4  ? 3.397   16.875  -3.870  1.00 48.65  ?  4   U   A "O2'" 1 
ATOM   81   C  "C1'" . U   A 1 4  ? 1.315   15.788  -3.461  1.00 43.43  ?  4   U   A "C1'" 1 
ATOM   82   N  N1    . U   A 1 4  ? 0.802   14.571  -2.797  1.00 43.83  ?  4   U   A N1    1 
ATOM   83   C  C2    . U   A 1 4  ? 1.216   14.399  -1.502  1.00 40.06  ?  4   U   A C2    1 
ATOM   84   O  O2    . U   A 1 4  ? 1.930   15.204  -0.947  1.00 48.17  ?  4   U   A O2    1 
ATOM   85   N  N3    . U   A 1 4  ? 0.766   13.270  -0.880  1.00 37.02  ?  4   U   A N3    1 
ATOM   86   C  C4    . U   A 1 4  ? -0.050  12.302  -1.421  1.00 40.00  ?  4   U   A C4    1 
ATOM   87   O  O4    . U   A 1 4  ? -0.361  11.338  -0.731  1.00 37.46  ?  4   U   A O4    1 
ATOM   88   C  C5    . U   A 1 4  ? -0.439  12.541  -2.773  1.00 38.87  ?  4   U   A C5    1 
ATOM   89   C  C6    . U   A 1 4  ? -0.004  13.640  -3.405  1.00 49.21  ?  4   U   A C6    1 
ATOM   90   P  P     . C   A 1 5  ? 4.686   13.895  -6.304  1.00 53.42  ?  5   C   A P     1 
ATOM   91   O  OP1   . C   A 1 5  ? 5.664   14.188  -7.383  1.00 57.68  ?  5   C   A OP1   1 
ATOM   92   O  OP2   . C   A 1 5  ? 3.819   12.699  -6.402  1.00 48.03  ?  5   C   A OP2   1 
ATOM   93   O  "O5'" . C   A 1 5  ? 5.512   13.812  -4.950  1.00 53.97  ?  5   C   A "O5'" 1 
ATOM   94   C  "C5'" . C   A 1 5  ? 6.238   14.938  -4.490  1.00 48.19  ?  5   C   A "C5'" 1 
ATOM   95   C  "C4'" . C   A 1 5  ? 6.705   14.728  -3.080  1.00 43.10  ?  5   C   A "C4'" 1 
ATOM   96   O  "O4'" . C   A 1 5  ? 5.565   14.672  -2.188  1.00 45.56  ?  5   C   A "O4'" 1 
ATOM   97   C  "C3'" . C   A 1 5  ? 7.437   13.426  -2.826  1.00 46.05  ?  5   C   A "C3'" 1 
ATOM   98   O  "O3'" . C   A 1 5  ? 8.794   13.486  -3.236  1.00 41.06  ?  5   C   A "O3'" 1 
ATOM   99   C  "C2'" . C   A 1 5  ? 7.240   13.225  -1.328  1.00 43.68  ?  5   C   A "C2'" 1 
ATOM   100  O  "O2'" . C   A 1 5  ? 8.130   14.044  -0.585  1.00 50.94  ?  5   C   A "O2'" 1 
ATOM   101  C  "C1'" . C   A 1 5  ? 5.823   13.766  -1.136  1.00 45.19  ?  5   C   A "C1'" 1 
ATOM   102  N  N1    . C   A 1 5  ? 4.803   12.689  -1.164  1.00 44.76  ?  5   C   A N1    1 
ATOM   103  C  C2    . C   A 1 5  ? 4.504   12.031  0.024   1.00 36.38  ?  5   C   A C2    1 
ATOM   104  O  O2    . C   A 1 5  ? 5.101   12.377  1.050   1.00 42.92  ?  5   C   A O2    1 
ATOM   105  N  N3    . C   A 1 5  ? 3.580   11.045  0.040   1.00 35.32  ?  5   C   A N3    1 
ATOM   106  C  C4    . C   A 1 5  ? 2.956   10.712  -1.089  1.00 40.79  ?  5   C   A C4    1 
ATOM   107  N  N4    . C   A 1 5  ? 2.048   9.735   -1.037  1.00 37.45  ?  5   C   A N4    1 
ATOM   108  C  C5    . C   A 1 5  ? 3.238   11.358  -2.326  1.00 39.48  ?  5   C   A C5    1 
ATOM   109  C  C6    . C   A 1 5  ? 4.159   12.334  -2.319  1.00 44.65  ?  5   C   A C6    1 
ATOM   110  P  P     . G   A 1 6  ? 9.670   12.149  -3.384  1.00 51.02  ?  6   G   A P     1 
ATOM   111  O  OP1   . G   A 1 6  ? 10.941  12.563  -4.031  1.00 58.22  ?  6   G   A OP1   1 
ATOM   112  O  OP2   . G   A 1 6  ? 8.875   11.054  -3.987  1.00 48.10  ?  6   G   A OP2   1 
ATOM   113  O  "O5'" . G   A 1 6  ? 9.974   11.740  -1.876  1.00 47.30  ?  6   G   A "O5'" 1 
ATOM   114  C  "C5'" . G   A 1 6  ? 10.041  10.379  -1.496  1.00 40.95  ?  6   G   A "C5'" 1 
ATOM   115  C  "C4'" . G   A 1 6  ? 9.738   10.207  -0.032  1.00 34.44  ?  6   G   A "C4'" 1 
ATOM   116  O  "O4'" . G   A 1 6  ? 8.354   10.559  0.225   1.00 34.47  ?  6   G   A "O4'" 1 
ATOM   117  C  "C3'" . G   A 1 6  ? 9.866   8.789   0.493   1.00 31.55  ?  6   G   A "C3'" 1 
ATOM   118  O  "O3'" . G   A 1 6  ? 11.197  8.452   0.822   1.00 33.21  ?  6   G   A "O3'" 1 
ATOM   119  C  "C2'" . G   A 1 6  ? 8.941   8.794   1.695   1.00 32.91  ?  6   G   A "C2'" 1 
ATOM   120  O  "O2'" . G   A 1 6  ? 9.579   9.386   2.811   1.00 38.90  ?  6   G   A "O2'" 1 
ATOM   121  C  "C1'" . G   A 1 6  ? 7.818   9.709   1.212   1.00 34.39  ?  6   G   A "C1'" 1 
ATOM   122  N  N9    . G   A 1 6  ? 6.726   8.931   0.597   1.00 32.72  ?  6   G   A N9    1 
ATOM   123  C  C8    . G   A 1 6  ? 6.321   8.978   -0.706  1.00 29.58  ?  6   G   A C8    1 
ATOM   124  N  N7    . G   A 1 6  ? 5.326   8.176   -0.962  1.00 33.99  ?  6   G   A N7    1 
ATOM   125  C  C5    . G   A 1 6  ? 5.067   7.562   0.244   1.00 27.99  ?  6   G   A C5    1 
ATOM   126  C  C6    . G   A 1 6  ? 4.090   6.596   0.589   1.00 30.35  ?  6   G   A C6    1 
ATOM   127  O  O6    . G   A 1 6  ? 3.246   6.053   -0.132  1.00 26.84  ?  6   G   A O6    1 
ATOM   128  N  N1    . G   A 1 6  ? 4.181   6.245   1.926   1.00 25.40  ?  6   G   A N1    1 
ATOM   129  C  C2    . G   A 1 6  ? 5.087   6.764   2.820   1.00 25.71  ?  6   G   A C2    1 
ATOM   130  N  N2    . G   A 1 6  ? 5.014   6.294   4.068   1.00 30.82  ?  6   G   A N2    1 
ATOM   131  N  N3    . G   A 1 6  ? 5.989   7.668   2.514   1.00 25.04  ?  6   G   A N3    1 
ATOM   132  C  C4    . G   A 1 6  ? 5.928   8.015   1.217   1.00 32.17  ?  6   G   A C4    1 
ATOM   133  P  P     . U   A 1 7  ? 11.838  7.066   0.350   1.00 36.91  ?  7   U   A P     1 
ATOM   134  O  OP1   . U   A 1 7  ? 13.265  7.140   0.744   1.00 43.70  ?  7   U   A OP1   1 
ATOM   135  O  OP2   . U   A 1 7  ? 11.483  6.825   -1.062  1.00 34.53  ?  7   U   A OP2   1 
ATOM   136  O  "O5'" . U   A 1 7  ? 11.155  5.960   1.270   1.00 33.11  ?  7   U   A "O5'" 1 
ATOM   137  C  "C5'" . U   A 1 7  ? 11.276  6.013   2.683   1.00 22.84  ?  7   U   A "C5'" 1 
ATOM   138  C  "C4'" . U   A 1 7  ? 10.201  5.190   3.333   1.00 28.45  ?  7   U   A "C4'" 1 
ATOM   139  O  "O4'" . U   A 1 7  ? 8.903   5.700   2.954   1.00 29.79  ?  7   U   A "O4'" 1 
ATOM   140  C  "C3'" . U   A 1 7  ? 10.158  3.740   2.900   1.00 25.07  ?  7   U   A "C3'" 1 
ATOM   141  O  "O3'" . U   A 1 7  ? 11.105  2.950   3.573   1.00 28.08  ?  7   U   A "O3'" 1 
ATOM   142  C  "C2'" . U   A 1 7  ? 8.717   3.345   3.201   1.00 21.79  ?  7   U   A "C2'" 1 
ATOM   143  O  "O2'" . U   A 1 7  ? 8.544   3.102   4.582   1.00 31.89  ?  7   U   A "O2'" 1 
ATOM   144  C  "C1'" . U   A 1 7  ? 7.979   4.621   2.850   1.00 27.49  ?  7   U   A "C1'" 1 
ATOM   145  N  N1    . U   A 1 7  ? 7.400   4.594   1.488   1.00 23.66  ?  7   U   A N1    1 
ATOM   146  C  C2    . U   A 1 7  ? 6.239   3.849   1.325   1.00 22.41  ?  7   U   A C2    1 
ATOM   147  O  O2    . U   A 1 7  ? 5.754   3.186   2.220   1.00 25.04  ?  7   U   A O2    1 
ATOM   148  N  N3    . U   A 1 7  ? 5.714   3.882   0.069   1.00 24.09  ?  7   U   A N3    1 
ATOM   149  C  C4    . U   A 1 7  ? 6.213   4.561   -1.014  1.00 27.23  ?  7   U   A C4    1 
ATOM   150  O  O4    . U   A 1 7  ? 5.623   4.499   -2.090  1.00 26.55  ?  7   U   A O4    1 
ATOM   151  C  C5    . U   A 1 7  ? 7.407   5.329   -0.772  1.00 28.66  ?  7   U   A C5    1 
ATOM   152  C  C6    . U   A 1 7  ? 7.937   5.303   0.452   1.00 21.04  ?  7   U   A C6    1 
ATOM   153  P  P     . G   A 1 8  ? 11.697  1.639   2.873   1.00 35.98  ?  8   G   A P     1 
ATOM   154  O  OP1   . G   A 1 8  ? 12.642  1.027   3.832   1.00 34.43  ?  8   G   A OP1   1 
ATOM   155  O  OP2   . G   A 1 8  ? 12.106  2.029   1.505   1.00 30.34  ?  8   G   A OP2   1 
ATOM   156  O  "O5'" . G   A 1 8  ? 10.428  0.668   2.703   1.00 30.12  ?  8   G   A "O5'" 1 
ATOM   157  C  "C5'" . G   A 1 8  ? 9.670   0.182   3.809   1.00 27.77  ?  8   G   A "C5'" 1 
ATOM   158  C  "C4'" . G   A 1 8  ? 8.425   -0.541  3.338   1.00 30.69  ?  8   G   A "C4'" 1 
ATOM   159  O  "O4'" . G   A 1 8  ? 7.504   0.383   2.696   1.00 28.90  ?  8   G   A "O4'" 1 
ATOM   160  C  "C3'" . G   A 1 8  ? 8.659   -1.615  2.288   1.00 24.98  ?  8   G   A "C3'" 1 
ATOM   161  O  "O3'" . G   A 1 8  ? 9.052   -2.830  2.891   1.00 29.98  ?  8   G   A "O3'" 1 
ATOM   162  C  "C2'" . G   A 1 8  ? 7.306   -1.703  1.602   1.00 30.41  ?  8   G   A "C2'" 1 
ATOM   163  O  "O2'" . G   A 1 8  ? 6.393   -2.389  2.441   1.00 27.65  ?  8   G   A "O2'" 1 
ATOM   164  C  "C1'" . G   A 1 8  ? 6.887   -0.242  1.590   1.00 28.53  ?  8   G   A "C1'" 1 
ATOM   165  N  N9    . G   A 1 8  ? 7.269   0.475   0.353   1.00 26.45  ?  8   G   A N9    1 
ATOM   166  C  C8    . G   A 1 8  ? 8.451   1.146   0.123   1.00 32.28  ?  8   G   A C8    1 
ATOM   167  N  N7    . G   A 1 8  ? 8.505   1.717   -1.049  1.00 30.50  ?  8   G   A N7    1 
ATOM   168  C  C5    . G   A 1 8  ? 7.288   1.401   -1.634  1.00 28.07  ?  8   G   A C5    1 
ATOM   169  C  C6    . G   A 1 8  ? 6.778   1.749   -2.904  1.00 26.45  ?  8   G   A C6    1 
ATOM   170  O  O6    . G   A 1 8  ? 7.311   2.424   -3.792  1.00 31.27  ?  8   G   A O6    1 
ATOM   171  N  N1    . G   A 1 8  ? 5.508   1.236   -3.104  1.00 23.61  ?  8   G   A N1    1 
ATOM   172  C  C2    . G   A 1 8  ? 4.818   0.482   -2.196  1.00 28.18  ?  8   G   A C2    1 
ATOM   173  N  N2    . G   A 1 8  ? 3.598   0.078   -2.595  1.00 31.35  ?  8   G   A N2    1 
ATOM   174  N  N3    . G   A 1 8  ? 5.274   0.140   -1.003  1.00 26.81  ?  8   G   A N3    1 
ATOM   175  C  C4    . G   A 1 8  ? 6.517   0.634   -0.785  1.00 26.80  ?  8   G   A C4    1 
ATOM   176  P  P     . A   A 1 9  ? 10.024  -3.854  2.132   1.00 35.93  ?  9   A   A P     1 
ATOM   177  O  OP1   . A   A 1 9  ? 11.336  -3.823  2.815   1.00 41.95  ?  9   A   A OP1   1 
ATOM   178  O  OP2   . A   A 1 9  ? 9.918   -3.594  0.679   1.00 33.49  ?  9   A   A OP2   1 
ATOM   179  O  "O5'" . A   A 1 9  ? 9.371   -5.281  2.435   1.00 40.20  ?  9   A   A "O5'" 1 
ATOM   180  C  "C5'" . A   A 1 9  ? 9.164   -5.708  3.771   1.00 31.09  ?  9   A   A "C5'" 1 
ATOM   181  C  "C4'" . A   A 1 9  ? 7.796   -6.301  3.959   1.00 31.48  ?  9   A   A "C4'" 1 
ATOM   182  O  "O4'" . A   A 1 9  ? 6.784   -5.396  3.465   1.00 32.30  ?  9   A   A "O4'" 1 
ATOM   183  C  "C3'" . A   A 1 9  ? 7.516   -7.589  3.210   1.00 22.53  ?  9   A   A "C3'" 1 
ATOM   184  O  "O3'" . A   A 1 9  ? 8.069   -8.717  3.847   1.00 25.88  ?  9   A   A "O3'" 1 
ATOM   185  C  "C2'" . A   A 1 9  ? 6.000   -7.610  3.158   1.00 24.85  ?  9   A   A "C2'" 1 
ATOM   186  O  "O2'" . A   A 1 9  ? 5.474   -7.961  4.432   1.00 29.97  ?  9   A   A "O2'" 1 
ATOM   187  C  "C1'" . A   A 1 9  ? 5.694   -6.136  2.957   1.00 26.58  ?  9   A   A "C1'" 1 
ATOM   188  N  N9    . A   A 1 9  ? 5.451   -5.726  1.558   1.00 25.13  ?  9   A   A N9    1 
ATOM   189  C  C8    . A   A 1 9  ? 6.259   -4.916  0.821   1.00 25.10  ?  9   A   A C8    1 
ATOM   190  N  N7    . A   A 1 9  ? 5.794   -4.624  -0.370  1.00 28.49  ?  9   A   A N7    1 
ATOM   191  C  C5    . A   A 1 9  ? 4.580   -5.281  -0.416  1.00 21.75  ?  9   A   A C5    1 
ATOM   192  C  C6    . A   A 1 9  ? 3.596   -5.356  -1.409  1.00 22.11  ?  9   A   A C6    1 
ATOM   193  N  N6    . A   A 1 9  ? 3.709   -4.740  -2.584  1.00 21.34  ?  9   A   A N6    1 
ATOM   194  N  N1    . A   A 1 9  ? 2.487   -6.094  -1.155  1.00 24.71  ?  9   A   A N1    1 
ATOM   195  C  C2    . A   A 1 9  ? 2.422   -6.715  0.021   1.00 23.98  ?  9   A   A C2    1 
ATOM   196  N  N3    . A   A 1 9  ? 3.276   -6.701  1.044   1.00 26.54  ?  9   A   A N3    1 
ATOM   197  C  C4    . A   A 1 9  ? 4.349   -5.962  0.769   1.00 26.81  ?  9   A   A C4    1 
ATOM   198  P  P     . C   A 1 10 ? 8.986   -9.765  3.060   1.00 30.08  ?  10  C   A P     1 
ATOM   199  O  OP1   . C   A 1 10 ? 9.116   -10.933 3.941   1.00 32.15  ?  10  C   A OP1   1 
ATOM   200  O  OP2   . C   A 1 10 ? 10.171  -9.122  2.436   1.00 27.24  ?  10  C   A OP2   1 
ATOM   201  O  "O5'" . C   A 1 10 ? 8.114   -10.179 1.790   1.00 34.97  ?  10  C   A "O5'" 1 
ATOM   202  C  "C5'" . C   A 1 10 ? 6.820   -10.738 1.931   1.00 23.48  ?  10  C   A "C5'" 1 
ATOM   203  C  "C4'" . C   A 1 10 ? 6.029   -10.560 0.661   1.00 21.99  ?  10  C   A "C4'" 1 
ATOM   204  O  "O4'" . C   A 1 10 ? 5.783   -9.160  0.387   1.00 19.20  ?  10  C   A "O4'" 1 
ATOM   205  C  "C3'" . C   A 1 10 ? 6.692   -11.058 -0.613  1.00 20.59  ?  10  C   A "C3'" 1 
ATOM   206  O  "O3'" . C   A 1 10 ? 6.586   -12.458 -0.730  1.00 20.12  ?  10  C   A "O3'" 1 
ATOM   207  C  "C2'" . C   A 1 10 ? 5.916   -10.312 -1.682  1.00 23.95  ?  10  C   A "C2'" 1 
ATOM   208  O  "O2'" . C   A 1 10 ? 4.630   -10.890 -1.818  1.00 21.31  ?  10  C   A "O2'" 1 
ATOM   209  C  "C1'" . C   A 1 10 ? 5.740   -8.954  -1.016  1.00 23.68  ?  10  C   A "C1'" 1 
ATOM   210  N  N1    . C   A 1 10 ? 6.803   -8.001  -1.433  1.00 20.01  ?  10  C   A N1    1 
ATOM   211  C  C2    . C   A 1 10 ? 6.602   -7.274  -2.620  1.00 24.04  ?  10  C   A C2    1 
ATOM   212  O  O2    . C   A 1 10 ? 5.562   -7.437  -3.259  1.00 21.72  ?  10  C   A O2    1 
ATOM   213  N  N3    . C   A 1 10 ? 7.526   -6.375  -3.069  1.00 18.90  ?  10  C   A N3    1 
ATOM   214  C  C4    . C   A 1 10 ? 8.635   -6.220  -2.365  1.00 22.08  ?  10  C   A C4    1 
ATOM   215  N  N4    . C   A 1 10 ? 9.525   -5.347  -2.840  1.00 22.10  ?  10  C   A N4    1 
ATOM   216  C  C5    . C   A 1 10 ? 8.880   -6.955  -1.164  1.00 23.34  ?  10  C   A C5    1 
ATOM   217  C  C6    . C   A 1 10 ? 7.962   -7.843  -0.729  1.00 20.82  ?  10  C   A C6    1 
ATOM   218  P  P     . U   A 1 11 ? 7.630   -13.327 -1.564  1.00 23.96  ?  11  U   A P     1 
ATOM   219  O  OP1   . U   A 1 11 ? 7.150   -14.728 -1.373  1.00 25.15  ?  11  U   A OP1   1 
ATOM   220  O  OP2   . U   A 1 11 ? 9.035   -13.034 -1.256  1.00 22.99  ?  11  U   A OP2   1 
ATOM   221  O  "O5'" . U   A 1 11 ? 7.296   -12.925 -3.063  1.00 27.66  ?  11  U   A "O5'" 1 
ATOM   222  C  "C5'" . U   A 1 11 ? 8.335   -12.649 -3.988  1.00 25.56  ?  11  U   A "C5'" 1 
ATOM   223  C  "C4'" . U   A 1 11 ? 7.885   -11.634 -5.001  1.00 20.76  ?  11  U   A "C4'" 1 
ATOM   224  O  "O4'" . U   A 1 11 ? 7.973   -10.294 -4.452  1.00 21.87  ?  11  U   A "O4'" 1 
ATOM   225  C  "C3'" . U   A 1 11 ? 8.707   -11.562 -6.284  1.00 20.27  ?  11  U   A "C3'" 1 
ATOM   226  O  "O3'" . U   A 1 11 ? 8.345   -12.613 -7.160  1.00 24.65  ?  11  U   A "O3'" 1 
ATOM   227  C  "C2'" . U   A 1 11 ? 8.370   -10.163 -6.805  1.00 18.55  ?  11  U   A "C2'" 1 
ATOM   228  O  "O2'" . U   A 1 11 ? 7.124   -10.141 -7.487  1.00 22.77  ?  11  U   A "O2'" 1 
ATOM   229  C  "C1'" . U   A 1 11 ? 8.227   -9.372  -5.503  1.00 20.52  ?  11  U   A "C1'" 1 
ATOM   230  N  N1    . U   A 1 11 ? 9.452   -8.599  -5.207  1.00 20.23  ?  11  U   A N1    1 
ATOM   231  C  C2    . U   A 1 11 ? 9.662   -7.499  -6.035  1.00 20.51  ?  11  U   A C2    1 
ATOM   232  O  O2    . U   A 1 11 ? 8.912   -7.175  -6.948  1.00 21.39  ?  11  U   A O2    1 
ATOM   233  N  N3    . U   A 1 11 ? 10.798  -6.790  -5.766  1.00 21.48  ?  11  U   A N3    1 
ATOM   234  C  C4    . U   A 1 11 ? 11.722  -7.055  -4.794  1.00 25.10  ?  11  U   A C4    1 
ATOM   235  O  O4    . U   A 1 11 ? 12.688  -6.299  -4.702  1.00 26.11  ?  11  U   A O4    1 
ATOM   236  C  C5    . U   A 1 11 ? 11.437  -8.202  -3.979  1.00 29.83  ?  11  U   A C5    1 
ATOM   237  C  C6    . U   A 1 11 ? 10.330  -8.928  -4.211  1.00 24.52  ?  11  U   A C6    1 
ATOM   238  P  P     . G   A 1 12 ? 9.226   -13.082 -8.429  1.00 26.83  ?  12  G   A P     1 
ATOM   239  O  OP1   . G   A 1 12 ? 10.538  -12.384 -8.477  1.00 25.25  ?  12  G   A OP1   1 
ATOM   240  O  OP2   . G   A 1 12 ? 8.273   -13.082 -9.555  1.00 28.53  ?  12  G   A OP2   1 
ATOM   241  O  "O5'" . G   A 1 12 ? 9.505   -14.624 -8.116  1.00 25.62  ?  12  G   A "O5'" 1 
ATOM   242  C  "C5'" . G   A 1 12 ? 10.423  -15.048 -7.123  1.00 22.33  ?  12  G   A "C5'" 1 
ATOM   243  C  "C4'" . G   A 1 12 ? 10.136  -16.466 -6.692  1.00 25.71  ?  12  G   A "C4'" 1 
ATOM   244  O  "O4'" . G   A 1 12 ? 8.860   -16.519 -5.997  1.00 25.30  ?  12  G   A "O4'" 1 
ATOM   245  C  "C3'" . G   A 1 12 ? 9.980   -17.488 -7.813  1.00 22.39  ?  12  G   A "C3'" 1 
ATOM   246  O  "O3'" . G   A 1 12 ? 11.225  -17.975 -8.274  1.00 25.47  ?  12  G   A "O3'" 1 
ATOM   247  C  "C2'" . G   A 1 12 ? 9.142   -18.561 -7.147  1.00 23.04  ?  12  G   A "C2'" 1 
ATOM   248  O  "O2'" . G   A 1 12 ? 9.948   -19.284 -6.234  1.00 24.04  ?  12  G   A "O2'" 1 
ATOM   249  C  "C1'" . G   A 1 12 ? 8.192   -17.719 -6.313  1.00 18.27  ?  12  G   A "C1'" 1 
ATOM   250  N  N9    . G   A 1 12 ? 6.928   -17.420 -6.998  1.00 21.85  ?  12  G   A N9    1 
ATOM   251  C  C8    . G   A 1 12 ? 6.482   -16.170 -7.366  1.00 18.83  ?  12  G   A C8    1 
ATOM   252  N  N7    . G   A 1 12 ? 5.321   -16.211 -7.938  1.00 21.68  ?  12  G   A N7    1 
ATOM   253  C  C5    . G   A 1 12 ? 4.946   -17.543 -7.938  1.00 18.65  ?  12  G   A C5    1 
ATOM   254  C  C6    . G   A 1 12 ? 3.767   -18.165 -8.449  1.00 17.67  ?  12  G   A C6    1 
ATOM   255  O  O6    . G   A 1 12 ? 2.769   -17.656 -8.979  1.00 20.59  ?  12  G   A O6    1 
ATOM   256  N  N1    . G   A 1 12 ? 3.800   -19.540 -8.249  1.00 19.42  ?  12  G   A N1    1 
ATOM   257  C  C2    . G   A 1 12 ? 4.840   -20.212 -7.679  1.00 20.76  ?  12  G   A C2    1 
ATOM   258  N  N2    . G   A 1 12 ? 4.680   -21.537 -7.585  1.00 23.67  ?  12  G   A N2    1 
ATOM   259  N  N3    . G   A 1 12 ? 5.933   -19.648 -7.192  1.00 23.09  ?  12  G   A N3    1 
ATOM   260  C  C4    . G   A 1 12 ? 5.925   -18.307 -7.358  1.00 18.18  ?  12  G   A C4    1 
ATOM   261  P  P     . G   A 1 13 ? 11.394  -18.542 -9.773  1.00 26.51  ?  13  G   A P     1 
ATOM   262  O  OP1   . G   A 1 13 ? 12.828  -18.965 -9.862  1.00 24.34  ?  13  G   A OP1   1 
ATOM   263  O  OP2   . G   A 1 13 ? 10.815  -17.591 -10.734 1.00 28.54  ?  13  G   A OP2   1 
ATOM   264  O  "O5'" . G   A 1 13 ? 10.470  -19.832 -9.827  1.00 24.69  ?  13  G   A "O5'" 1 
ATOM   265  C  "C5'" . G   A 1 13 ? 10.912  -21.044 -9.247  1.00 24.11  ?  13  G   A "C5'" 1 
ATOM   266  C  "C4'" . G   A 1 13 ? 10.026  -22.194 -9.624  1.00 29.11  ?  13  G   A "C4'" 1 
ATOM   267  O  "O4'" . G   A 1 13 ? 8.707   -22.022 -9.049  1.00 26.12  ?  13  G   A "O4'" 1 
ATOM   268  C  "C3'" . G   A 1 13 ? 9.757   -22.375 -11.109 1.00 23.68  ?  13  G   A "C3'" 1 
ATOM   269  O  "O3'" . G   A 1 13 ? 10.819  -23.043 -11.756 1.00 29.13  ?  13  G   A "O3'" 1 
ATOM   270  C  "C2'" . G   A 1 13 ? 8.467   -23.187 -11.097 1.00 27.86  ?  13  G   A "C2'" 1 
ATOM   271  O  "O2'" . G   A 1 13 ? 8.758   -24.534 -10.750 1.00 30.22  ?  13  G   A "O2'" 1 
ATOM   272  C  "C1'" . G   A 1 13 ? 7.733   -22.562 -9.918  1.00 22.24  ?  13  G   A "C1'" 1 
ATOM   273  N  N9    . G   A 1 13 ? 6.809   -21.490 -10.323 1.00 21.17  ?  13  G   A N9    1 
ATOM   274  C  C8    . G   A 1 13 ? 7.041   -20.143 -10.213 1.00 19.98  ?  13  G   A C8    1 
ATOM   275  N  N7    . G   A 1 13 ? 6.047   -19.419 -10.625 1.00 20.53  ?  13  G   A N7    1 
ATOM   276  C  C5    . G   A 1 13 ? 5.085   -20.335 -11.048 1.00 19.48  ?  13  G   A C5    1 
ATOM   277  C  C6    . G   A 1 13 ? 3.802   -20.129 -11.605 1.00 19.83  ?  13  G   A C6    1 
ATOM   278  O  O6    . G   A 1 13 ? 3.201   -19.070 -11.848 1.00 22.45  ?  13  G   A O6    1 
ATOM   279  N  N1    . G   A 1 13 ? 3.184   -21.336 -11.899 1.00 21.61  ?  13  G   A N1    1 
ATOM   280  C  C2    . G   A 1 13 ? 3.735   -22.563 -11.673 1.00 18.32  ?  13  G   A C2    1 
ATOM   281  N  N2    . G   A 1 13 ? 2.987   -23.618 -12.012 1.00 29.65  ?  13  G   A N2    1 
ATOM   282  N  N3    . G   A 1 13 ? 4.923   -22.776 -11.151 1.00 25.08  ?  13  G   A N3    1 
ATOM   283  C  C4    . G   A 1 13 ? 5.546   -21.618 -10.860 1.00 23.91  ?  13  G   A C4    1 
ATOM   284  P  P     . C   A 1 14 ? 11.007  -22.911 -13.348 1.00 31.79  ?  14  C   A P     1 
ATOM   285  O  OP1   . C   A 1 14 ? 12.250  -23.679 -13.619 1.00 34.19  ?  14  C   A OP1   1 
ATOM   286  O  OP2   . C   A 1 14 ? 10.893  -21.479 -13.714 1.00 28.86  ?  14  C   A OP2   1 
ATOM   287  O  "O5'" . C   A 1 14 ? 9.717   -23.616 -13.976 1.00 31.01  ?  14  C   A "O5'" 1 
ATOM   288  C  "C5'" . C   A 1 14 ? 9.555   -25.028 -13.942 1.00 26.77  ?  14  C   A "C5'" 1 
ATOM   289  C  "C4'" . C   A 1 14 ? 8.242   -25.461 -14.542 1.00 36.02  ?  14  C   A "C4'" 1 
ATOM   290  O  "O4'" . C   A 1 14 ? 7.144   -24.909 -13.772 1.00 34.54  ?  14  C   A "O4'" 1 
ATOM   291  C  "C3'" . C   A 1 14 ? 7.937   -25.003 -15.960 1.00 32.36  ?  14  C   A "C3'" 1 
ATOM   292  O  "O3'" . C   A 1 14 ? 8.618   -25.733 -16.958 1.00 31.48  ?  14  C   A "O3'" 1 
ATOM   293  C  "C2'" . C   A 1 14 ? 6.428   -25.151 -16.017 1.00 35.03  ?  14  C   A "C2'" 1 
ATOM   294  O  "O2'" . C   A 1 14 ? 6.068   -26.525 -16.113 1.00 31.09  ?  14  C   A "O2'" 1 
ATOM   295  C  "C1'" . C   A 1 14 ? 6.043   -24.665 -14.620 1.00 28.69  ?  14  C   A "C1'" 1 
ATOM   296  N  N1    . C   A 1 14 ? 5.753   -23.221 -14.613 1.00 21.35  ?  14  C   A N1    1 
ATOM   297  C  C2    . C   A 1 14 ? 4.497   -22.813 -15.083 1.00 23.92  ?  14  C   A C2    1 
ATOM   298  O  O2    . C   A 1 14 ? 3.696   -23.665 -15.479 1.00 28.76  ?  14  C   A O2    1 
ATOM   299  N  N3    . C   A 1 14 ? 4.190   -21.493 -15.111 1.00 23.97  ?  14  C   A N3    1 
ATOM   300  C  C4    . C   A 1 14 ? 5.086   -20.590 -14.680 1.00 18.47  ?  14  C   A C4    1 
ATOM   301  N  N4    . C   A 1 14 ? 4.733   -19.303 -14.719 1.00 22.43  ?  14  C   A N4    1 
ATOM   302  C  C5    . C   A 1 14 ? 6.371   -20.975 -14.200 1.00 20.93  ?  14  C   A C5    1 
ATOM   303  C  C6    . C   A 1 14 ? 6.668   -22.290 -14.195 1.00 28.18  ?  14  C   A C6    1 
ATOM   304  P  P     . G   A 1 15 ? 9.068   -24.990 -18.321 1.00 33.72  ?  15  G   A P     1 
ATOM   305  O  OP1   . G   A 1 15 ? 9.956   -25.971 -18.991 1.00 41.34  ?  15  G   A OP1   1 
ATOM   306  O  OP2   . G   A 1 15 ? 9.558   -23.622 -18.080 1.00 27.67  ?  15  G   A OP2   1 
ATOM   307  O  "O5'" . G   A 1 15 ? 7.707   -24.794 -19.121 1.00 27.89  ?  15  G   A "O5'" 1 
ATOM   308  C  "C5'" . G   A 1 15 ? 6.877   -25.908 -19.407 1.00 28.47  ?  15  G   A "C5'" 1 
ATOM   309  C  "C4'" . G   A 1 15 ? 5.522   -25.479 -19.897 1.00 27.73  ?  15  G   A "C4'" 1 
ATOM   310  O  "O4'" . G   A 1 15 ? 4.787   -24.789 -18.852 1.00 29.54  ?  15  G   A "O4'" 1 
ATOM   311  C  "C3'" . G   A 1 15 ? 5.519   -24.490 -21.043 1.00 31.64  ?  15  G   A "C3'" 1 
ATOM   312  O  "O3'" . G   A 1 15 ? 5.817   -25.088 -22.297 1.00 41.15  ?  15  G   A "O3'" 1 
ATOM   313  C  "C2'" . G   A 1 15 ? 4.122   -23.896 -20.954 1.00 25.65  ?  15  G   A "C2'" 1 
ATOM   314  O  "O2'" . G   A 1 15 ? 3.149   -24.782 -21.491 1.00 29.55  ?  15  G   A "O2'" 1 
ATOM   315  C  "C1'" . G   A 1 15 ? 3.922   -23.829 -19.432 1.00 22.36  ?  15  G   A "C1'" 1 
ATOM   316  N  N9    . G   A 1 15 ? 4.254   -22.482 -18.920 1.00 22.53  ?  15  G   A N9    1 
ATOM   317  C  C8    . G   A 1 15 ? 5.440   -22.061 -18.366 1.00 23.33  ?  15  G   A C8    1 
ATOM   318  N  N7    . G   A 1 15 ? 5.424   -20.795 -18.030 1.00 22.88  ?  15  G   A N7    1 
ATOM   319  C  C5    . G   A 1 15 ? 4.152   -20.353 -18.394 1.00 25.11  ?  15  G   A C5    1 
ATOM   320  C  C6    . G   A 1 15 ? 3.538   -19.067 -18.273 1.00 22.84  ?  15  G   A C6    1 
ATOM   321  O  O6    . G   A 1 15 ? 4.007   -18.004 -17.835 1.00 25.14  ?  15  G   A O6    1 
ATOM   322  N  N1    . G   A 1 15 ? 2.245   -19.063 -18.769 1.00 18.10  ?  15  G   A N1    1 
ATOM   323  C  C2    . G   A 1 15 ? 1.598   -20.165 -19.294 1.00 25.25  ?  15  G   A C2    1 
ATOM   324  N  N2    . G   A 1 15 ? 0.333   -19.947 -19.714 1.00 21.11  ?  15  G   A N2    1 
ATOM   325  N  N3    . G   A 1 15 ? 2.149   -21.360 -19.416 1.00 22.35  ?  15  G   A N3    1 
ATOM   326  C  C4    . G   A 1 15 ? 3.426   -21.388 -18.954 1.00 20.40  ?  15  G   A C4    1 
ATOM   327  P  P     . A   A 1 16 ? 6.731   -24.312 -23.371 1.00 30.86  ?  16  A   A P     1 
ATOM   328  O  OP1   . A   A 1 16 ? 6.742   -25.219 -24.561 1.00 34.28  ?  16  A   A OP1   1 
ATOM   329  O  OP2   . A   A 1 16 ? 7.990   -23.899 -22.722 1.00 28.29  ?  16  A   A OP2   1 
ATOM   330  O  "O5'" . A   A 1 16 ? 5.865   -23.043 -23.766 1.00 24.78  ?  16  A   A "O5'" 1 
ATOM   331  C  "C5'" . A   A 1 16 ? 4.612   -23.184 -24.437 1.00 25.39  ?  16  A   A "C5'" 1 
ATOM   332  C  "C4'" . A   A 1 16 ? 4.402   -22.094 -25.458 1.00 29.62  ?  16  A   A "C4'" 1 
ATOM   333  O  "O4'" . A   A 1 16 ? 5.507   -22.124 -26.409 1.00 32.48  ?  16  A   A "O4'" 1 
ATOM   334  C  "C3'" . A   A 1 16 ? 3.120   -22.209 -26.286 1.00 33.42  ?  16  A   A "C3'" 1 
ATOM   335  O  "O3'" . A   A 1 16 ? 2.673   -20.903 -26.662 1.00 33.83  ?  16  A   A "O3'" 1 
ATOM   336  C  "C2'" . A   A 1 16 ? 3.603   -22.949 -27.530 1.00 38.55  ?  16  A   A "C2'" 1 
ATOM   337  O  "O2'" . A   A 1 16 ? 2.798   -22.766 -28.673 1.00 35.38  ?  16  A   A "O2'" 1 
ATOM   338  C  "C1'" . A   A 1 16 ? 5.009   -22.363 -27.720 1.00 32.93  ?  16  A   A "C1'" 1 
ATOM   339  N  N9    . A   A 1 16 ? 5.913   -23.311 -28.368 1.00 34.34  ?  16  A   A N9    1 
ATOM   340  C  C8    . A   A 1 16 ? 6.634   -24.266 -27.697 1.00 40.88  ?  16  A   A C8    1 
ATOM   341  N  N7    . A   A 1 16 ? 7.360   -25.040 -28.462 1.00 39.80  ?  16  A   A N7    1 
ATOM   342  C  C5    . A   A 1 16 ? 7.090   -24.569 -29.730 1.00 30.02  ?  16  A   A C5    1 
ATOM   343  C  C6    . A   A 1 16 ? 7.571   -25.004 -30.967 1.00 39.62  ?  16  A   A C6    1 
ATOM   344  N  N6    . A   A 1 16 ? 8.428   -26.025 -31.078 1.00 42.20  ?  16  A   A N6    1 
ATOM   345  N  N1    . A   A 1 16 ? 7.139   -24.356 -32.062 1.00 25.95  ?  16  A   A N1    1 
ATOM   346  C  C2    . A   A 1 16 ? 6.279   -23.334 -31.894 1.00 27.02  ?  16  A   A C2    1 
ATOM   347  N  N3    . A   A 1 16 ? 5.752   -22.831 -30.769 1.00 38.28  ?  16  A   A N3    1 
ATOM   348  C  C4    . A   A 1 16 ? 6.208   -23.502 -29.703 1.00 35.31  ?  16  A   A C4    1 
ATOM   349  P  P     . A   A 1 17 ? 1.114   -20.542 -26.862 1.00 42.94  ?  17  A   A P     1 
ATOM   350  O  OP1   . A   A 1 17 ? 0.233   -21.740 -26.744 1.00 38.92  ?  17  A   A OP1   1 
ATOM   351  O  OP2   . A   A 1 17 ? 1.056   -19.706 -28.090 1.00 33.84  ?  17  A   A OP2   1 
ATOM   352  O  "O5'" . A   A 1 17 ? 0.800   -19.640 -25.579 1.00 34.05  ?  17  A   A "O5'" 1 
ATOM   353  C  "C5'" . A   A 1 17 ? -0.395  -18.888 -25.423 1.00 37.49  ?  17  A   A "C5'" 1 
ATOM   354  C  "C4'" . A   A 1 17 ? -0.189  -17.860 -24.337 1.00 28.56  ?  17  A   A "C4'" 1 
ATOM   355  O  "O4'" . A   A 1 17 ? 0.111   -18.546 -23.092 1.00 29.85  ?  17  A   A "O4'" 1 
ATOM   356  C  "C3'" . A   A 1 17 ? 1.020   -16.963 -24.574 1.00 22.82  ?  17  A   A "C3'" 1 
ATOM   357  O  "O3'" . A   A 1 17 ? 0.691   -15.855 -25.380 1.00 32.46  ?  17  A   A "O3'" 1 
ATOM   358  C  "C2'" . A   A 1 17 ? 1.469   -16.598 -23.164 1.00 27.04  ?  17  A   A "C2'" 1 
ATOM   359  O  "O2'" . A   A 1 17 ? 0.643   -15.573 -22.621 1.00 32.14  ?  17  A   A "O2'" 1 
ATOM   360  C  "C1'" . A   A 1 17 ? 1.172   -17.894 -22.416 1.00 27.64  ?  17  A   A "C1'" 1 
ATOM   361  N  N9    . A   A 1 17 ? 2.326   -18.809 -22.383 1.00 24.73  ?  17  A   A N9    1 
ATOM   362  C  C8    . A   A 1 17 ? 2.374   -20.084 -22.885 1.00 24.63  ?  17  A   A C8    1 
ATOM   363  N  N7    . A   A 1 17 ? 3.527   -20.690 -22.698 1.00 26.15  ?  17  A   A N7    1 
ATOM   364  C  C5    . A   A 1 17 ? 4.290   -19.761 -22.013 1.00 25.04  ?  17  A   A C5    1 
ATOM   365  C  C6    . A   A 1 17 ? 5.604   -19.809 -21.527 1.00 20.51  ?  17  A   A C6    1 
ATOM   366  N  N6    . A   A 1 17 ? 6.409   -20.859 -21.666 1.00 22.43  ?  17  A   A N6    1 
ATOM   367  N  N1    . A   A 1 17 ? 6.067   -18.729 -20.893 1.00 26.34  ?  17  A   A N1    1 
ATOM   368  C  C2    . A   A 1 17 ? 5.248   -17.674 -20.756 1.00 18.10  ?  17  A   A C2    1 
ATOM   369  N  N3    . A   A 1 17 ? 3.996   -17.511 -21.170 1.00 22.67  ?  17  A   A N3    1 
ATOM   370  C  C4    . A   A 1 17 ? 3.569   -18.605 -21.809 1.00 21.66  ?  17  A   A C4    1 
ATOM   371  P  P     . C   A 1 18 ? 1.845   -14.982 -26.082 1.00 36.35  ?  18  C   A P     1 
ATOM   372  O  OP1   . C   A 1 18 ? 1.196   -14.021 -27.003 1.00 37.24  ?  18  C   A OP1   1 
ATOM   373  O  OP2   . C   A 1 18 ? 2.875   -15.922 -26.565 1.00 28.29  ?  18  C   A OP2   1 
ATOM   374  O  "O5'" . C   A 1 18 ? 2.411   -14.125 -24.863 1.00 32.47  ?  18  C   A "O5'" 1 
ATOM   375  C  "C5'" . C   A 1 18 ? 3.675   -13.499 -24.926 1.00 32.45  ?  18  C   A "C5'" 1 
ATOM   376  C  "C4'" . C   A 1 18 ? 4.267   -13.371 -23.546 1.00 24.75  ?  18  C   A "C4'" 1 
ATOM   377  O  "O4'" . C   A 1 18 ? 4.540   -14.697 -23.037 1.00 22.64  ?  18  C   A "O4'" 1 
ATOM   378  C  "C3'" . C   A 1 18 ? 5.591   -12.640 -23.520 1.00 27.06  ?  18  C   A "C3'" 1 
ATOM   379  O  "O3'" . C   A 1 18 ? 5.774   -12.091 -22.226 1.00 28.29  ?  18  C   A "O3'" 1 
ATOM   380  C  "C2'" . C   A 1 18 ? 6.592   -13.762 -23.728 1.00 26.64  ?  18  C   A "C2'" 1 
ATOM   381  O  "O2'" . C   A 1 18 ? 7.869   -13.474 -23.209 1.00 26.30  ?  18  C   A "O2'" 1 
ATOM   382  C  "C1'" . C   A 1 18 ? 5.942   -14.911 -22.963 1.00 25.67  ?  18  C   A "C1'" 1 
ATOM   383  N  N1    . C   A 1 18 ? 6.238   -16.235 -23.535 1.00 29.95  ?  18  C   A N1    1 
ATOM   384  C  C2    . C   A 1 18 ? 7.386   -16.930 -23.130 1.00 27.31  ?  18  C   A C2    1 
ATOM   385  O  O2    . C   A 1 18 ? 8.151   -16.406 -22.292 1.00 26.70  ?  18  C   A O2    1 
ATOM   386  N  N3    . C   A 1 18 ? 7.646   -18.153 -23.674 1.00 25.88  ?  18  C   A N3    1 
ATOM   387  C  C4    . C   A 1 18 ? 6.800   -18.666 -24.582 1.00 26.54  ?  18  C   A C4    1 
ATOM   388  N  N4    . C   A 1 18 ? 7.063   -19.872 -25.094 1.00 24.28  ?  18  C   A N4    1 
ATOM   389  C  C5    . C   A 1 18 ? 5.637   -17.975 -25.017 1.00 21.70  ?  18  C   A C5    1 
ATOM   390  C  C6    . C   A 1 18 ? 5.401   -16.769 -24.476 1.00 24.98  ?  18  C   A C6    1 
ATOM   391  P  P     . A   A 1 19 ? 5.951   -10.505 -22.052 1.00 33.84  ?  19  A   A P     1 
ATOM   392  O  OP1   . A   A 1 19 ? 4.594   -9.949  -21.878 1.00 33.72  ?  19  A   A OP1   1 
ATOM   393  O  OP2   . A   A 1 19 ? 6.833   -9.944  -23.088 1.00 35.61  ?  19  A   A OP2   1 
ATOM   394  O  "O5'" . A   A 1 19 ? 6.768   -10.391 -20.695 1.00 34.06  ?  19  A   A "O5'" 1 
ATOM   395  C  "C5'" . A   A 1 19 ? 6.113   -10.412 -19.442 1.00 26.73  ?  19  A   A "C5'" 1 
ATOM   396  C  "C4'" . A   A 1 19 ? 7.114   -10.531 -18.326 1.00 22.09  ?  19  A   A "C4'" 1 
ATOM   397  O  "O4'" . A   A 1 19 ? 8.152   -9.527  -18.537 1.00 23.29  ?  19  A   A "O4'" 1 
ATOM   398  C  "C3'" . A   A 1 19 ? 6.561   -10.269 -16.925 1.00 22.70  ?  19  A   A "C3'" 1 
ATOM   399  O  "O3'" . A   A 1 19 ? 7.268   -11.081 -15.987 1.00 22.23  ?  19  A   A "O3'" 1 
ATOM   400  C  "C2'" . A   A 1 19 ? 6.922   -8.802  -16.700 1.00 22.71  ?  19  A   A "C2'" 1 
ATOM   401  O  "O2'" . A   A 1 19 ? 7.027   -8.412  -15.349 1.00 25.72  ?  19  A   A "O2'" 1 
ATOM   402  C  "C1'" . A   A 1 19 ? 8.282   -8.745  -17.371 1.00 20.90  ?  19  A   A "C1'" 1 
ATOM   403  N  N9    . A   A 1 19 ? 8.722   -7.422  -17.764 1.00 21.09  ?  19  A   A N9    1 
ATOM   404  C  C8    . A   A 1 19 ? 8.075   -6.462  -18.476 1.00 24.72  ?  19  A   A C8    1 
ATOM   405  N  N7    . A   A 1 19 ? 8.825   -5.406  -18.686 1.00 28.82  ?  19  A   A N7    1 
ATOM   406  C  C5    . A   A 1 19 ? 10.035  -5.717  -18.089 1.00 26.27  ?  19  A   A C5    1 
ATOM   407  C  C6    . A   A 1 19 ? 11.246  -5.027  -17.961 1.00 26.19  ?  19  A   A C6    1 
ATOM   408  N  N6    . A   A 1 19 ? 11.452  -3.808  -18.451 1.00 33.43  ?  19  A   A N6    1 
ATOM   409  N  N1    . A   A 1 19 ? 12.246  -5.642  -17.299 1.00 24.81  ?  19  A   A N1    1 
ATOM   410  C  C2    . A   A 1 19 ? 12.047  -6.859  -16.793 1.00 32.86  ?  19  A   A C2    1 
ATOM   411  N  N3    . A   A 1 19 ? 10.948  -7.609  -16.844 1.00 25.08  ?  19  A   A N3    1 
ATOM   412  C  C4    . A   A 1 19 ? 9.980   -6.966  -17.511 1.00 23.51  ?  19  A   A C4    1 
ATOM   413  P  P     . G   A 1 20 ? 6.924   -12.644 -15.853 1.00 24.60  ?  20  G   A P     1 
ATOM   414  O  OP1   . G   A 1 20 ? 5.559   -12.902 -16.361 1.00 23.29  ?  20  G   A OP1   1 
ATOM   415  O  OP2   . G   A 1 20 ? 7.397   -13.087 -14.523 1.00 25.06  ?  20  G   A OP2   1 
ATOM   416  O  "O5'" . G   A 1 20 ? 7.826   -13.359 -16.941 1.00 24.37  ?  20  G   A "O5'" 1 
ATOM   417  C  "C5'" . G   A 1 20 ? 9.155   -13.727 -16.638 1.00 24.10  ?  20  G   A "C5'" 1 
ATOM   418  C  "C4'" . G   A 1 20 ? 10.134  -12.831 -17.344 1.00 24.52  ?  20  G   A "C4'" 1 
ATOM   419  O  "O4'" . G   A 1 20 ? 10.081  -11.483 -16.805 1.00 23.66  ?  20  G   A "O4'" 1 
ATOM   420  C  "C3'" . G   A 1 20 ? 11.589  -13.241 -17.222 1.00 28.15  ?  20  G   A "C3'" 1 
ATOM   421  O  "O3'" . G   A 1 20 ? 11.915  -14.211 -18.202 1.00 27.24  ?  20  G   A "O3'" 1 
ATOM   422  C  "C2'" . G   A 1 20 ? 12.313  -11.921 -17.405 1.00 20.38  ?  20  G   A "C2'" 1 
ATOM   423  O  "O2'" . G   A 1 20 ? 12.284  -11.545 -18.775 1.00 22.27  ?  20  G   A "O2'" 1 
ATOM   424  C  "C1'" . G   A 1 20 ? 11.380  -10.975 -16.649 1.00 25.60  ?  20  G   A "C1'" 1 
ATOM   425  N  N9    . G   A 1 20 ? 11.685  -10.951 -15.200 1.00 19.16  ?  20  G   A N9    1 
ATOM   426  C  C8    . G   A 1 20 ? 10.927  -11.471 -14.166 1.00 22.04  ?  20  G   A C8    1 
ATOM   427  N  N7    . G   A 1 20 ? 11.483  -11.312 -13.002 1.00 19.17  ?  20  G   A N7    1 
ATOM   428  C  C5    . G   A 1 20 ? 12.680  -10.653 -13.261 1.00 18.21  ?  20  G   A C5    1 
ATOM   429  C  C6    . G   A 1 20 ? 13.701  -10.191 -12.380 1.00 19.34  ?  20  G   A C6    1 
ATOM   430  O  O6    . G   A 1 20 ? 13.745  -10.302 -11.148 1.00 20.46  ?  20  G   A O6    1 
ATOM   431  N  N1    . G   A 1 20 ? 14.762  -9.588  -13.074 1.00 21.83  ?  20  G   A N1    1 
ATOM   432  C  C2    . G   A 1 20 ? 14.793  -9.419  -14.435 1.00 24.44  ?  20  G   A C2    1 
ATOM   433  N  N2    . G   A 1 20 ? 15.872  -8.788  -14.958 1.00 23.14  ?  20  G   A N2    1 
ATOM   434  N  N3    . G   A 1 20 ? 13.826  -9.824  -15.262 1.00 25.78  ?  20  G   A N3    1 
ATOM   435  C  C4    . G   A 1 20 ? 12.809  -10.436 -14.611 1.00 20.67  ?  20  G   A C4    1 
ATOM   436  P  P     . G   A 1 21 ? 13.141  -15.215 -18.003 1.00 28.46  ?  21  G   A P     1 
ATOM   437  O  OP1   . G   A 1 21 ? 13.195  -16.064 -19.228 1.00 27.72  ?  21  G   A OP1   1 
ATOM   438  O  OP2   . G   A 1 21 ? 13.115  -15.895 -16.701 1.00 26.87  ?  21  G   A OP2   1 
ATOM   439  O  "O5'" . G   A 1 21 ? 14.393  -14.238 -17.957 1.00 23.26  ?  21  G   A "O5'" 1 
ATOM   440  C  "C5'" . G   A 1 21 ? 14.880  -13.597 -19.123 1.00 31.13  ?  21  G   A "C5'" 1 
ATOM   441  C  "C4'" . G   A 1 21 ? 16.187  -12.929 -18.805 1.00 25.71  ?  21  G   A "C4'" 1 
ATOM   442  O  "O4'" . G   A 1 21 ? 15.991  -11.886 -17.806 1.00 26.63  ?  21  G   A "O4'" 1 
ATOM   443  C  "C3'" . G   A 1 21 ? 17.222  -13.841 -18.174 1.00 35.26  ?  21  G   A "C3'" 1 
ATOM   444  O  "O3'" . G   A 1 21 ? 17.881  -14.640 -19.139 1.00 27.57  ?  21  G   A "O3'" 1 
ATOM   445  C  "C2'" . G   A 1 21 ? 18.130  -12.854 -17.461 1.00 29.64  ?  21  G   A "C2'" 1 
ATOM   446  O  "O2'" . G   A 1 21 ? 18.944  -12.192 -18.415 1.00 29.14  ?  21  G   A "O2'" 1 
ATOM   447  C  "C1'" . G   A 1 21 ? 17.109  -11.843 -16.937 1.00 30.83  ?  21  G   A "C1'" 1 
ATOM   448  N  N9    . G   A 1 21 ? 16.665  -12.162 -15.561 1.00 24.71  ?  21  G   A N9    1 
ATOM   449  C  C8    . G   A 1 21 ? 15.535  -12.836 -15.179 1.00 24.53  ?  21  G   A C8    1 
ATOM   450  N  N7    . G   A 1 21 ? 15.419  -12.967 -13.880 1.00 25.98  ?  21  G   A N7    1 
ATOM   451  C  C5    . G   A 1 21 ? 16.558  -12.363 -13.366 1.00 23.71  ?  21  G   A C5    1 
ATOM   452  C  C6    . G   A 1 21 ? 16.998  -12.195 -12.024 1.00 25.16  ?  21  G   A C6    1 
ATOM   453  O  O6    . G   A 1 21 ? 16.448  -12.554 -10.967 1.00 28.23  ?  21  G   A O6    1 
ATOM   454  N  N1    . G   A 1 21 ? 18.215  -11.521 -11.972 1.00 26.68  ?  21  G   A N1    1 
ATOM   455  C  C2    . G   A 1 21 ? 18.903  -11.071 -13.061 1.00 25.94  ?  21  G   A C2    1 
ATOM   456  N  N2    . G   A 1 21 ? 20.050  -10.441 -12.803 1.00 29.93  ?  21  G   A N2    1 
ATOM   457  N  N3    . G   A 1 21 ? 18.512  -11.225 -14.316 1.00 27.14  ?  21  G   A N3    1 
ATOM   458  C  C4    . G   A 1 21 ? 17.333  -11.864 -14.398 1.00 28.22  ?  21  G   A C4    1 
ATOM   459  P  P     . U   A 1 22 ? 18.539  -16.040 -18.730 1.00 32.20  ?  22  U   A P     1 
ATOM   460  O  OP1   . U   A 1 22 ? 19.062  -16.622 -19.991 1.00 34.08  ?  22  U   A OP1   1 
ATOM   461  O  OP2   . U   A 1 22 ? 17.577  -16.905 -17.965 1.00 30.74  ?  22  U   A OP2   1 
ATOM   462  O  "O5'" . U   A 1 22 ? 19.734  -15.603 -17.773 1.00 34.34  ?  22  U   A "O5'" 1 
ATOM   463  C  "C5'" . U   A 1 22 ? 20.926  -15.054 -18.310 1.00 33.41  ?  22  U   A "C5'" 1 
ATOM   464  C  "C4'" . U   A 1 22 ? 21.908  -14.715 -17.219 1.00 29.55  ?  22  U   A "C4'" 1 
ATOM   465  O  "O4'" . U   A 1 22 ? 21.338  -13.727 -16.314 1.00 34.21  ?  22  U   A "O4'" 1 
ATOM   466  C  "C3'" . U   A 1 22 ? 22.302  -15.853 -16.293 1.00 39.10  ?  22  U   A "C3'" 1 
ATOM   467  O  "O3'" . U   A 1 22 ? 23.239  -16.747 -16.867 1.00 48.12  ?  22  U   A "O3'" 1 
ATOM   468  C  "C2'" . U   A 1 22 ? 22.832  -15.092 -15.089 1.00 39.49  ?  22  U   A "C2'" 1 
ATOM   469  O  "O2'" . U   A 1 22 ? 24.080  -14.502 -15.406 1.00 35.52  ?  22  U   A "O2'" 1 
ATOM   470  C  "C1'" . U   A 1 22 ? 21.811  -13.961 -14.997 1.00 35.14  ?  22  U   A "C1'" 1 
ATOM   471  N  N1    . U   A 1 22 ? 20.682  -14.326 -14.101 1.00 35.36  ?  22  U   A N1    1 
ATOM   472  C  C2    . U   A 1 22 ? 20.904  -14.209 -12.738 1.00 33.97  ?  22  U   A C2    1 
ATOM   473  O  O2    . U   A 1 22 ? 21.959  -13.812 -12.282 1.00 31.70  ?  22  U   A O2    1 
ATOM   474  N  N3    . U   A 1 22 ? 19.853  -14.571 -11.922 1.00 31.05  ?  22  U   A N3    1 
ATOM   475  C  C4    . U   A 1 22 ? 18.615  -15.050 -12.311 1.00 27.37  ?  22  U   A C4    1 
ATOM   476  O  O4    . U   A 1 22 ? 17.767  -15.328 -11.450 1.00 32.11  ?  22  U   A O4    1 
ATOM   477  C  C5    . U   A 1 22 ? 18.457  -15.156 -13.736 1.00 28.28  ?  22  U   A C5    1 
ATOM   478  C  C6    . U   A 1 22 ? 19.467  -14.816 -14.557 1.00 31.64  ?  22  U   A C6    1 
ATOM   479  P  P     . G   A 1 23 ? 23.206  -18.321 -16.530 1.00 43.68  ?  23  G   A P     1 
ATOM   480  O  OP1   . G   A 1 23 ? 24.097  -18.961 -17.528 1.00 46.33  ?  23  G   A OP1   1 
ATOM   481  O  OP2   . G   A 1 23 ? 21.801  -18.821 -16.400 1.00 36.36  ?  23  G   A OP2   1 
ATOM   482  O  "O5'" . G   A 1 23 ? 23.916  -18.416 -15.111 1.00 44.39  ?  23  G   A "O5'" 1 
ATOM   483  C  "C5'" . G   A 1 23 ? 25.145  -17.754 -14.866 1.00 39.04  ?  23  G   A "C5'" 1 
ATOM   484  C  "C4'" . G   A 1 23 ? 25.429  -17.664 -13.389 1.00 50.16  ?  23  G   A "C4'" 1 
ATOM   485  O  "O4'" . G   A 1 23 ? 24.602  -16.638 -12.773 1.00 43.03  ?  23  G   A "O4'" 1 
ATOM   486  C  "C3'" . G   A 1 23 ? 25.127  -18.907 -12.569 1.00 51.00  ?  23  G   A "C3'" 1 
ATOM   487  O  "O3'" . G   A 1 23 ? 26.118  -19.904 -12.692 1.00 54.56  ?  23  G   A "O3'" 1 
ATOM   488  C  "C2'" . G   A 1 23 ? 25.001  -18.336 -11.167 1.00 48.28  ?  23  G   A "C2'" 1 
ATOM   489  O  "O2'" . G   A 1 23 ? 26.287  -18.038 -10.643 1.00 53.37  ?  23  G   A "O2'" 1 
ATOM   490  C  "C1'" . G   A 1 23 ? 24.272  -17.019 -11.457 1.00 42.73  ?  23  G   A "C1'" 1 
ATOM   491  N  N9    . G   A 1 23 ? 22.807  -17.192 -11.370 1.00 37.34  ?  23  G   A N9    1 
ATOM   492  C  C8    . G   A 1 23 ? 21.917  -17.427 -12.388 1.00 41.44  ?  23  G   A C8    1 
ATOM   493  N  N7    . G   A 1 23 ? 20.685  -17.564 -11.974 1.00 37.76  ?  23  G   A N7    1 
ATOM   494  C  C5    . G   A 1 23 ? 20.766  -17.420 -10.595 1.00 36.78  ?  23  G   A C5    1 
ATOM   495  C  C6    . G   A 1 23 ? 19.758  -17.471 -9.595  1.00 34.80  ?  23  G   A C6    1 
ATOM   496  O  O6    . G   A 1 23 ? 18.553  -17.651 -9.742  1.00 24.32  ?  23  G   A O6    1 
ATOM   497  N  N1    . G   A 1 23 ? 20.277  -17.279 -8.317  1.00 31.55  ?  23  G   A N1    1 
ATOM   498  C  C2    . G   A 1 23 ? 21.609  -17.064 -8.047  1.00 35.11  ?  23  G   A C2    1 
ATOM   499  N  N2    . G   A 1 23 ? 21.954  -16.900 -6.762  1.00 34.17  ?  23  G   A N2    1 
ATOM   500  N  N3    . G   A 1 23 ? 22.556  -17.010 -8.970  1.00 36.14  ?  23  G   A N3    1 
ATOM   501  C  C4    . G   A 1 23 ? 22.069  -17.204 -10.210 1.00 39.98  ?  23  G   A C4    1 
ATOM   502  P  P     . G   A 1 24 ? 25.822  -21.411 -12.220 1.00 61.77  ?  24  G   A P     1 
ATOM   503  O  OP1   . G   A 1 24 ? 26.911  -22.254 -12.784 1.00 65.78  ?  24  G   A OP1   1 
ATOM   504  O  OP2   . G   A 1 24 ? 24.402  -21.787 -12.445 1.00 52.22  ?  24  G   A OP2   1 
ATOM   505  O  "O5'" . G   A 1 24 ? 26.025  -21.343 -10.652 1.00 61.86  ?  24  G   A "O5'" 1 
ATOM   506  C  "C5'" . G   A 1 24 ? 25.251  -22.167 -9.808  1.00 55.23  ?  24  G   A "C5'" 1 
ATOM   507  C  "C4'" . G   A 1 24 ? 25.070  -21.542 -8.457  1.00 57.38  ?  24  G   A "C4'" 1 
ATOM   508  O  "O4'" . G   A 1 24 ? 24.250  -20.348 -8.565  1.00 58.86  ?  24  G   A "O4'" 1 
ATOM   509  C  "C3'" . G   A 1 24 ? 24.341  -22.424 -7.467  1.00 57.58  ?  24  G   A "C3'" 1 
ATOM   510  O  "O3'" . G   A 1 24 ? 25.239  -23.307 -6.824  1.00 64.18  ?  24  G   A "O3'" 1 
ATOM   511  C  "C2'" . G   A 1 24 ? 23.677  -21.421 -6.535  1.00 53.27  ?  24  G   A "C2'" 1 
ATOM   512  O  "O2'" . G   A 1 24 ? 24.615  -20.923 -5.591  1.00 58.89  ?  24  G   A "O2'" 1 
ATOM   513  C  "C1'" . G   A 1 24 ? 23.324  -20.296 -7.507  1.00 45.36  ?  24  G   A "C1'" 1 
ATOM   514  N  N9    . G   A 1 24 ? 21.973  -20.446 -8.092  1.00 41.61  ?  24  G   A N9    1 
ATOM   515  C  C8    . G   A 1 24 ? 21.675  -20.577 -9.429  1.00 39.78  ?  24  G   A C8    1 
ATOM   516  N  N7    . G   A 1 24 ? 20.400  -20.680 -9.679  1.00 37.22  ?  24  G   A N7    1 
ATOM   517  C  C5    . G   A 1 24 ? 19.813  -20.612 -8.428  1.00 38.94  ?  24  G   A C5    1 
ATOM   518  C  C6    . G   A 1 24 ? 18.446  -20.657 -8.062  1.00 36.37  ?  24  G   A C6    1 
ATOM   519  O  O6    . G   A 1 24 ? 17.451  -20.797 -8.782  1.00 33.67  ?  24  G   A O6    1 
ATOM   520  N  N1    . G   A 1 24 ? 18.289  -20.546 -6.690  1.00 35.41  ?  24  G   A N1    1 
ATOM   521  C  C2    . G   A 1 24 ? 19.314  -20.399 -5.791  1.00 37.41  ?  24  G   A C2    1 
ATOM   522  N  N2    . G   A 1 24 ? 18.965  -20.298 -4.510  1.00 27.50  ?  24  G   A N2    1 
ATOM   523  N  N3    . G   A 1 24 ? 20.592  -20.348 -6.113  1.00 41.55  ?  24  G   A N3    1 
ATOM   524  C  C4    . G   A 1 24 ? 20.768  -20.460 -7.443  1.00 38.93  ?  24  G   A C4    1 
ATOM   525  P  P     . G   A 1 25 ? 25.031  -24.894 -6.918  1.00 65.71  ?  25  G   A P     1 
ATOM   526  O  OP1   . G   A 1 25 ? 26.374  -25.524 -6.953  1.00 68.91  ?  25  G   A OP1   1 
ATOM   527  O  OP2   . G   A 1 25 ? 24.078  -25.220 -8.006  1.00 56.60  ?  25  G   A OP2   1 
ATOM   528  O  "O5'" . G   A 1 25 ? 24.365  -25.222 -5.512  1.00 68.11  ?  25  G   A "O5'" 1 
ATOM   529  C  "C5'" . G   A 1 25 ? 23.181  -25.987 -5.431  1.00 64.48  ?  25  G   A "C5'" 1 
ATOM   530  C  "C4'" . G   A 1 25 ? 22.071  -25.234 -4.745  1.00 59.08  ?  25  G   A "C4'" 1 
ATOM   531  O  "O4'" . G   A 1 25 ? 21.717  -24.060 -5.519  1.00 52.21  ?  25  G   A "O4'" 1 
ATOM   532  C  "C3'" . G   A 1 25 ? 20.785  -26.029 -4.629  1.00 62.04  ?  25  G   A "C3'" 1 
ATOM   533  O  "O3'" . G   A 1 25 ? 20.780  -26.818 -3.458  1.00 72.44  ?  25  G   A "O3'" 1 
ATOM   534  C  "C2'" . G   A 1 25 ? 19.691  -24.969 -4.662  1.00 58.26  ?  25  G   A "C2'" 1 
ATOM   535  O  "O2'" . G   A 1 25 ? 19.476  -24.427 -3.368  1.00 58.09  ?  25  G   A "O2'" 1 
ATOM   536  C  "C1'" . G   A 1 25 ? 20.317  -23.894 -5.552  1.00 48.70  ?  25  G   A "C1'" 1 
ATOM   537  N  N9    . G   A 1 25 ? 19.879  -23.949 -6.964  1.00 45.59  ?  25  G   A N9    1 
ATOM   538  C  C8    . G   A 1 25 ? 20.729  -24.019 -8.046  1.00 50.40  ?  25  G   A C8    1 
ATOM   539  N  N7    . G   A 1 25 ? 20.121  -24.015 -9.205  1.00 42.33  ?  25  G   A N7    1 
ATOM   540  C  C5    . G   A 1 25 ? 18.784  -23.926 -8.874  1.00 45.98  ?  25  G   A C5    1 
ATOM   541  C  C6    . G   A 1 25 ? 17.656  -23.879 -9.726  1.00 45.84  ?  25  G   A C6    1 
ATOM   542  O  O6    . G   A 1 25 ? 17.623  -23.919 -10.961 1.00 52.34  ?  25  G   A O6    1 
ATOM   543  N  N1    . G   A 1 25 ? 16.476  -23.790 -9.006  1.00 46.07  ?  25  G   A N1    1 
ATOM   544  C  C2    . G   A 1 25 ? 16.393  -23.745 -7.638  1.00 41.12  ?  25  G   A C2    1 
ATOM   545  N  N2    . G   A 1 25 ? 15.154  -23.662 -7.146  1.00 42.86  ?  25  G   A N2    1 
ATOM   546  N  N3    . G   A 1 25 ? 17.440  -23.788 -6.823  1.00 42.57  ?  25  G   A N3    1 
ATOM   547  C  C4    . G   A 1 25 ? 18.607  -23.881 -7.501  1.00 42.77  ?  25  G   A C4    1 
ATOM   548  P  P     . A   A 1 26 ? 20.855  -28.412 -3.566  1.00 73.90  ?  26  A   A P     1 
ATOM   549  O  OP1   . A   A 1 26 ? 21.411  -28.904 -2.278  1.00 67.96  ?  26  A   A OP1   1 
ATOM   550  O  OP2   . A   A 1 26 ? 21.522  -28.773 -4.845  1.00 62.06  ?  26  A   A OP2   1 
ATOM   551  O  "O5'" . A   A 1 26 ? 19.323  -28.828 -3.622  1.00 67.95  ?  26  A   A "O5'" 1 
ATOM   552  C  "C5'" . A   A 1 26 ? 18.432  -28.364 -2.615  1.00 69.27  ?  26  A   A "C5'" 1 
ATOM   553  C  "C4'" . A   A 1 26 ? 16.999  -28.349 -3.079  1.00 74.82  ?  26  A   A "C4'" 1 
ATOM   554  O  "O4'" . A   A 1 26 ? 16.883  -27.559 -4.297  1.00 66.83  ?  26  A   A "O4'" 1 
ATOM   555  C  "C3'" . A   A 1 26 ? 16.393  -29.716 -3.397  1.00 70.80  ?  26  A   A "C3'" 1 
ATOM   556  O  "O3'" . A   A 1 26 ? 15.020  -29.714 -3.017  1.00 76.45  ?  26  A   A "O3'" 1 
ATOM   557  C  "C2'" . A   A 1 26 ? 16.487  -29.778 -4.917  1.00 72.60  ?  26  A   A "C2'" 1 
ATOM   558  O  "O2'" . A   A 1 26 ? 15.552  -30.647 -5.524  1.00 82.48  ?  26  A   A "O2'" 1 
ATOM   559  C  "C1'" . A   A 1 26 ? 16.230  -28.322 -5.288  1.00 63.98  ?  26  A   A "C1'" 1 
ATOM   560  N  N9    . A   A 1 26 ? 16.740  -27.928 -6.603  1.00 57.37  ?  26  A   A N9    1 
ATOM   561  C  C8    . A   A 1 26 ? 18.039  -27.790 -7.031  1.00 57.37  ?  26  A   A C8    1 
ATOM   562  N  N7    . A   A 1 26 ? 18.145  -27.413 -8.284  1.00 53.78  ?  26  A   A N7    1 
ATOM   563  C  C5    . A   A 1 26 ? 16.825  -27.296 -8.700  1.00 56.05  ?  26  A   A C5    1 
ATOM   564  C  C6    . A   A 1 26 ? 16.250  -26.933 -9.928  1.00 54.20  ?  26  A   A C6    1 
ATOM   565  N  N6    . A   A 1 26 ? 16.971  -26.611 -11.005 1.00 58.68  ?  26  A   A N6    1 
ATOM   566  N  N1    . A   A 1 26 ? 14.895  -26.916 -10.014 1.00 60.05  ?  26  A   A N1    1 
ATOM   567  C  C2    . A   A 1 26 ? 14.173  -27.242 -8.929  1.00 66.09  ?  26  A   A C2    1 
ATOM   568  N  N3    . A   A 1 26 ? 14.602  -27.600 -7.717  1.00 67.84  ?  26  A   A N3    1 
ATOM   569  C  C4    . A   A 1 26 ? 15.951  -27.606 -7.674  1.00 59.45  ?  26  A   A C4    1 
ATOM   570  P  P     . A   A 1 27 ? 14.598  -30.016 -1.497  1.00 83.31  ?  27  A   A P     1 
ATOM   571  O  OP1   . A   A 1 27 ? 14.993  -28.865 -0.637  1.00 66.75  ?  27  A   A OP1   1 
ATOM   572  O  OP2   . A   A 1 27 ? 15.106  -31.374 -1.174  1.00 83.36  ?  27  A   A OP2   1 
ATOM   573  O  "O5'" . A   A 1 27 ? 13.006  -30.096 -1.557  1.00 76.67  ?  27  A   A "O5'" 1 
ATOM   574  C  "C5'" . A   A 1 27 ? 12.200  -28.934 -1.403  1.00 73.28  ?  27  A   A "C5'" 1 
ATOM   575  C  "C4'" . A   A 1 27 ? 12.388  -27.972 -2.551  1.00 75.82  ?  27  A   A "C4'" 1 
ATOM   576  O  "O4'" . A   A 1 27 ? 12.242  -28.660 -3.820  1.00 83.03  ?  27  A   A "O4'" 1 
ATOM   577  C  "C3'" . A   A 1 27 ? 11.396  -26.823 -2.646  1.00 60.22  ?  27  A   A "C3'" 1 
ATOM   578  O  "O3'" . A   A 1 27 ? 11.699  -25.768 -1.761  1.00 61.72  ?  27  A   A "O3'" 1 
ATOM   579  C  "C2'" . A   A 1 27 ? 11.506  -26.416 -4.107  1.00 66.96  ?  27  A   A "C2'" 1 
ATOM   580  O  "O2'" . A   A 1 27 ? 12.672  -25.629 -4.312  1.00 73.35  ?  27  A   A "O2'" 1 
ATOM   581  C  "C1'" . A   A 1 27 ? 11.711  -27.772 -4.785  1.00 70.41  ?  27  A   A "C1'" 1 
ATOM   582  N  N9    . A   A 1 27 ? 10.454  -28.330 -5.324  1.00 64.13  ?  27  A   A N9    1 
ATOM   583  C  C8    . A   A 1 27 ? 9.802   -29.485 -4.955  1.00 59.49  ?  27  A   A C8    1 
ATOM   584  N  N7    . A   A 1 27 ? 8.703   -29.712 -5.639  1.00 57.10  ?  27  A   A N7    1 
ATOM   585  C  C5    . A   A 1 27 ? 8.628   -28.637 -6.522  1.00 58.06  ?  27  A   A C5    1 
ATOM   586  C  C6    . A   A 1 27 ? 7.695   -28.288 -7.523  1.00 51.22  ?  27  A   A C6    1 
ATOM   587  N  N6    . A   A 1 27 ? 6.610   -29.009 -7.820  1.00 43.76  ?  27  A   A N6    1 
ATOM   588  N  N1    . A   A 1 27 ? 7.914   -27.151 -8.219  1.00 46.07  ?  27  A   A N1    1 
ATOM   589  C  C2    . A   A 1 27 ? 9.002   -26.410 -7.929  1.00 50.90  ?  27  A   A C2    1 
ATOM   590  N  N3    . A   A 1 27 ? 9.949   -26.634 -7.016  1.00 53.98  ?  27  A   A N3    1 
ATOM   591  C  C4    . A   A 1 27 ? 9.702   -27.778 -6.340  1.00 61.90  ?  27  A   A C4    1 
ATOM   592  P  P     . A   A 1 28 ? 10.520  -24.887 -1.132  1.00 69.91  ?  28  A   A P     1 
ATOM   593  O  OP1   . A   A 1 28 ? 11.199  -23.903 -0.248  1.00 77.52  ?  28  A   A OP1   1 
ATOM   594  O  OP2   . A   A 1 28 ? 9.448   -25.771 -0.616  1.00 53.36  ?  28  A   A OP2   1 
ATOM   595  O  "O5'" . A   A 1 28 ? 9.863   -24.139 -2.379  1.00 58.99  ?  28  A   A "O5'" 1 
ATOM   596  C  "C5'" . A   A 1 28 ? 10.549  -23.114 -3.077  1.00 46.22  ?  28  A   A "C5'" 1 
ATOM   597  C  "C4'" . A   A 1 28 ? 9.707   -22.582 -4.208  1.00 37.04  ?  28  A   A "C4'" 1 
ATOM   598  O  "O4'" . A   A 1 28 ? 9.289   -23.680 -5.055  1.00 38.09  ?  28  A   A "O4'" 1 
ATOM   599  C  "C3'" . A   A 1 28 ? 8.410   -21.901 -3.811  1.00 34.55  ?  28  A   A "C3'" 1 
ATOM   600  O  "O3'" . A   A 1 28 ? 8.607   -20.539 -3.473  1.00 42.95  ?  28  A   A "O3'" 1 
ATOM   601  C  "C2'" . A   A 1 28 ? 7.528   -22.074 -5.050  1.00 31.60  ?  28  A   A "C2'" 1 
ATOM   602  O  "O2'" . A   A 1 28 ? 7.791   -21.038 -5.990  1.00 31.28  ?  28  A   A "O2'" 1 
ATOM   603  C  "C1'" . A   A 1 28 ? 8.038   -23.397 -5.627  1.00 29.01  ?  28  A   A "C1'" 1 
ATOM   604  N  N9    . A   A 1 28 ? 7.137   -24.553 -5.432  1.00 31.63  ?  28  A   A N9    1 
ATOM   605  C  C8    . A   A 1 28 ? 7.161   -25.543 -4.480  1.00 39.39  ?  28  A   A C8    1 
ATOM   606  N  N7    . A   A 1 28 ? 6.228   -26.455 -4.647  1.00 36.47  ?  28  A   A N7    1 
ATOM   607  C  C5    . A   A 1 28 ? 5.549   -26.056 -5.783  1.00 28.40  ?  28  A   A C5    1 
ATOM   608  C  C6    . A   A 1 28 ? 4.456   -26.581 -6.492  1.00 33.97  ?  28  A   A C6    1 
ATOM   609  N  N6    . A   A 1 28 ? 3.784   -27.686 -6.158  1.00 40.52  ?  28  A   A N6    1 
ATOM   610  N  N1    . A   A 1 28 ? 4.043   -25.921 -7.593  1.00 35.34  ?  28  A   A N1    1 
ATOM   611  C  C2    . A   A 1 28 ? 4.684   -24.800 -7.954  1.00 31.27  ?  28  A   A C2    1 
ATOM   612  N  N3    . A   A 1 28 ? 5.719   -24.219 -7.357  1.00 28.53  ?  28  A   A N3    1 
ATOM   613  C  C4    . A   A 1 28 ? 6.117   -24.896 -6.280  1.00 26.45  ?  28  A   A C4    1 
ATOM   614  P  P     . C   A 1 29 ? 8.351   -19.994 -1.981  1.00 32.85  ?  29  C   A P     1 
ATOM   615  O  OP1   . C   A 1 29 ? 7.376   -20.874 -1.279  1.00 37.60  ?  29  C   A OP1   1 
ATOM   616  O  OP2   . C   A 1 29 ? 8.013   -18.555 -2.098  1.00 32.14  ?  29  C   A OP2   1 
ATOM   617  O  "O5'" . C   A 1 29 ? 9.773   -20.086 -1.328  1.00 28.64  ?  29  C   A "O5'" 1 
ATOM   618  C  "C5'" . C   A 1 29 ? 10.752  -19.111 -1.640  1.00 29.90  ?  29  C   A "C5'" 1 
ATOM   619  C  "C4'" . C   A 1 29 ? 12.133  -19.613 -1.356  1.00 32.94  ?  29  C   A "C4'" 1 
ATOM   620  O  "O4'" . C   A 1 29 ? 12.461  -20.671 -2.289  1.00 41.40  ?  29  C   A "O4'" 1 
ATOM   621  C  "C3'" . C   A 1 29 ? 13.265  -18.617 -1.527  1.00 36.01  ?  29  C   A "C3'" 1 
ATOM   622  O  "O3'" . C   A 1 29 ? 13.408  -17.750 -0.418  1.00 44.83  ?  29  C   A "O3'" 1 
ATOM   623  C  "C2'" . C   A 1 29 ? 14.465  -19.524 -1.747  1.00 39.69  ?  29  C   A "C2'" 1 
ATOM   624  O  "O2'" . C   A 1 29 ? 14.925  -20.069 -0.518  1.00 41.10  ?  29  C   A "O2'" 1 
ATOM   625  C  "C1'" . C   A 1 29 ? 13.840  -20.658 -2.560  1.00 34.05  ?  29  C   A "C1'" 1 
ATOM   626  N  N1    . C   A 1 29 ? 14.029  -20.477 -4.013  1.00 28.30  ?  29  C   A N1    1 
ATOM   627  C  C2    . C   A 1 29 ? 15.301  -20.699 -4.555  1.00 33.91  ?  29  C   A C2    1 
ATOM   628  O  O2    . C   A 1 29 ? 16.232  -21.026 -3.820  1.00 37.45  ?  29  C   A O2    1 
ATOM   629  N  N3    . C   A 1 29 ? 15.500  -20.555 -5.879  1.00 29.55  ?  29  C   A N3    1 
ATOM   630  C  C4    . C   A 1 29 ? 14.476  -20.205 -6.650  1.00 25.85  ?  29  C   A C4    1 
ATOM   631  N  N4    . C   A 1 29 ? 14.723  -20.067 -7.953  1.00 34.26  ?  29  C   A N4    1 
ATOM   632  C  C5    . C   A 1 29 ? 13.167  -19.979 -6.136  1.00 29.17  ?  29  C   A C5    1 
ATOM   633  C  C6    . C   A 1 29 ? 12.984  -20.123 -4.811  1.00 22.54  ?  29  C   A C6    1 
ATOM   634  P  P     . C   A 1 30 ? 13.879  -16.231 -0.635  1.00 39.11  ?  30  C   A P     1 
ATOM   635  O  OP1   . C   A 1 30 ? 13.680  -15.555 0.672   1.00 57.44  ?  30  C   A OP1   1 
ATOM   636  O  OP2   . C   A 1 30 ? 13.272  -15.682 -1.869  1.00 39.39  ?  30  C   A OP2   1 
ATOM   637  O  "O5'" . C   A 1 30 ? 15.439  -16.344 -0.884  1.00 38.61  ?  30  C   A "O5'" 1 
ATOM   638  C  "C5'" . C   A 1 30 ? 16.316  -16.844 0.110   1.00 38.36  ?  30  C   A "C5'" 1 
ATOM   639  C  "C4'" . C   A 1 30 ? 17.741  -16.757 -0.365  1.00 44.47  ?  30  C   A "C4'" 1 
ATOM   640  O  "O4'" . C   A 1 30 ? 17.998  -17.779 -1.365  1.00 33.75  ?  30  C   A "O4'" 1 
ATOM   641  C  "C3'" . C   A 1 30 ? 18.106  -15.470 -1.077  1.00 38.54  ?  30  C   A "C3'" 1 
ATOM   642  O  "O3'" . C   A 1 30 ? 18.338  -14.400 -0.195  1.00 39.91  ?  30  C   A "O3'" 1 
ATOM   643  C  "C2'" . C   A 1 30 ? 19.325  -15.884 -1.882  1.00 39.87  ?  30  C   A "C2'" 1 
ATOM   644  O  "O2'" . C   A 1 30 ? 20.458  -16.002 -1.035  1.00 33.01  ?  30  C   A "O2'" 1 
ATOM   645  C  "C1'" . C   A 1 30 ? 18.914  -17.286 -2.324  1.00 29.35  ?  30  C   A "C1'" 1 
ATOM   646  N  N1    . C   A 1 30 ? 18.260  -17.287 -3.656  1.00 30.96  ?  30  C   A N1    1 
ATOM   647  C  C2    . C   A 1 30 ? 19.045  -17.267 -4.807  1.00 33.72  ?  30  C   A C2    1 
ATOM   648  O  O2    . C   A 1 30 ? 20.265  -17.231 -4.686  1.00 34.15  ?  30  C   A O2    1 
ATOM   649  N  N3    . C   A 1 30 ? 18.472  -17.287 -6.033  1.00 29.13  ?  30  C   A N3    1 
ATOM   650  C  C4    . C   A 1 30 ? 17.144  -17.327 -6.134  1.00 32.32  ?  30  C   A C4    1 
ATOM   651  N  N4    . C   A 1 30 ? 16.595  -17.338 -7.353  1.00 26.88  ?  30  C   A N4    1 
ATOM   652  C  C5    . C   A 1 30 ? 16.314  -17.349 -4.982  1.00 33.77  ?  30  C   A C5    1 
ATOM   653  C  C6    . C   A 1 30 ? 16.904  -17.338 -3.777  1.00 31.14  ?  30  C   A C6    1 
ATOM   654  P  P     . A   A 1 31 ? 18.022  -12.896 -0.646  1.00 36.57  ?  31  A   A P     1 
ATOM   655  O  OP1   . A   A 1 31 ? 18.092  -12.097 0.603   1.00 35.49  ?  31  A   A OP1   1 
ATOM   656  O  OP2   . A   A 1 31 ? 16.779  -12.863 -1.446  1.00 41.17  ?  31  A   A OP2   1 
ATOM   657  O  "O5'" . A   A 1 31 ? 19.236  -12.523 -1.597  1.00 42.03  ?  31  A   A "O5'" 1 
ATOM   658  C  "C5'" . A   A 1 31 ? 20.568  -12.583 -1.123  1.00 36.79  ?  31  A   A "C5'" 1 
ATOM   659  C  "C4'" . A   A 1 31 ? 21.551  -12.375 -2.237  1.00 37.45  ?  31  A   A "C4'" 1 
ATOM   660  O  "O4'" . A   A 1 31 ? 21.541  -13.526 -3.123  1.00 40.99  ?  31  A   A "O4'" 1 
ATOM   661  C  "C3'" . A   A 1 31 ? 21.271  -11.202 -3.161  1.00 39.76  ?  31  A   A "C3'" 1 
ATOM   662  O  "O3'" . A   A 1 31 ? 21.680  -9.958  -2.629  1.00 35.77  ?  31  A   A "O3'" 1 
ATOM   663  C  "C2'" . A   A 1 31 ? 22.021  -11.599 -4.422  1.00 35.09  ?  31  A   A "C2'" 1 
ATOM   664  O  "O2'" . A   A 1 31 ? 23.417  -11.407 -4.244  1.00 42.16  ?  31  A   A "O2'" 1 
ATOM   665  C  "C1'" . A   A 1 31 ? 21.761  -13.102 -4.456  1.00 35.41  ?  31  A   A "C1'" 1 
ATOM   666  N  N9    . A   A 1 31 ? 20.582  -13.452 -5.278  1.00 30.47  ?  31  A   A N9    1 
ATOM   667  C  C8    . A   A 1 31 ? 19.281  -13.655 -4.877  1.00 32.32  ?  31  A   A C8    1 
ATOM   668  N  N7    . A   A 1 31 ? 18.457  -13.976 -5.855  1.00 30.07  ?  31  A   A N7    1 
ATOM   669  C  C5    . A   A 1 31 ? 19.277  -13.971 -6.981  1.00 31.08  ?  31  A   A C5    1 
ATOM   670  C  C6    . A   A 1 31 ? 19.032  -14.220 -8.340  1.00 29.06  ?  31  A   A C6    1 
ATOM   671  N  N6    . A   A 1 31 ? 17.845  -14.547 -8.840  1.00 27.27  ?  31  A   A N6    1 
ATOM   672  N  N1    . A   A 1 31 ? 20.069  -14.146 -9.196  1.00 28.20  ?  31  A   A N1    1 
ATOM   673  C  C2    . A   A 1 31 ? 21.276  -13.818 -8.729  1.00 30.46  ?  31  A   A C2    1 
ATOM   674  N  N3    . A   A 1 31 ? 21.633  -13.553 -7.475  1.00 41.71  ?  31  A   A N3    1 
ATOM   675  C  C4    . A   A 1 31 ? 20.580  -13.653 -6.638  1.00 37.94  ?  31  A   A C4    1 
ATOM   676  P  P     . C   A 1 32 ? 20.825  -8.628  -2.918  1.00 43.14  ?  32  C   A P     1 
ATOM   677  O  OP1   . C   A 1 32 ? 21.322  -7.576  -1.994  1.00 48.36  ?  32  C   A OP1   1 
ATOM   678  O  OP2   . C   A 1 32 ? 19.368  -8.914  -2.946  1.00 36.74  ?  32  C   A OP2   1 
ATOM   679  O  "O5'" . C   A 1 32 ? 21.251  -8.246  -4.400  1.00 36.51  ?  32  C   A "O5'" 1 
ATOM   680  C  "C5'" . C   A 1 32 ? 22.584  -7.870  -4.691  1.00 25.48  ?  32  C   A "C5'" 1 
ATOM   681  C  "C4'" . C   A 1 32 ? 22.852  -7.918  -6.171  1.00 34.05  ?  32  C   A "C4'" 1 
ATOM   682  O  "O4'" . C   A 1 32 ? 22.639  -9.268  -6.666  1.00 35.94  ?  32  C   A "O4'" 1 
ATOM   683  C  "C3'" . C   A 1 32 ? 21.941  -7.070  -7.041  1.00 34.25  ?  32  C   A "C3'" 1 
ATOM   684  O  "O3'" . C   A 1 32 ? 22.268  -5.690  -7.051  1.00 32.54  ?  32  C   A "O3'" 1 
ATOM   685  C  "C2'" . C   A 1 32 ? 22.068  -7.749  -8.397  1.00 28.37  ?  32  C   A "C2'" 1 
ATOM   686  O  "O2'" . C   A 1 32 ? 23.303  -7.412  -9.017  1.00 34.96  ?  32  C   A "O2'" 1 
ATOM   687  C  "C1'" . C   A 1 32 ? 22.130  -9.217  -7.989  1.00 34.23  ?  32  C   A "C1'" 1 
ATOM   688  N  N1    . C   A 1 32 ? 20.789  -9.846  -8.028  1.00 26.39  ?  32  C   A N1    1 
ATOM   689  C  C2    . C   A 1 32 ? 20.325  -10.314 -9.261  1.00 32.35  ?  32  C   A C2    1 
ATOM   690  O  O2    . C   A 1 32 ? 21.056  -10.179 -10.269 1.00 25.60  ?  32  C   A O2    1 
ATOM   691  N  N3    . C   A 1 32 ? 19.079  -10.870 -9.324  1.00 27.76  ?  32  C   A N3    1 
ATOM   692  C  C4    . C   A 1 32 ? 18.329  -10.985 -8.224  1.00 27.57  ?  32  C   A C4    1 
ATOM   693  N  N4    . C   A 1 32 ? 17.128  -11.555 -8.344  1.00 23.05  ?  32  C   A N4    1 
ATOM   694  C  C5    . C   A 1 32 ? 18.784  -10.507 -6.953  1.00 29.41  ?  32  C   A C5    1 
ATOM   695  C  C6    . C   A 1 32 ? 20.008  -9.943  -6.911  1.00 24.41  ?  32  C   A C6    1 
ATOM   696  P  P     . C   A 1 33 ? 21.080  -4.603  -7.183  1.00 38.07  ?  33  C   A P     1 
ATOM   697  O  OP1   . C   A 1 33 ? 21.636  -3.260  -6.912  1.00 47.03  ?  33  C   A OP1   1 
ATOM   698  O  OP2   . C   A 1 33 ? 19.907  -5.093  -6.430  1.00 37.09  ?  33  C   A OP2   1 
ATOM   699  O  "O5'" . C   A 1 33 ? 20.661  -4.674  -8.717  1.00 29.70  ?  33  C   A "O5'" 1 
ATOM   700  C  "C5'" . C   A 1 33 ? 21.610  -4.428  -9.736  1.00 28.19  ?  33  C   A "C5'" 1 
ATOM   701  C  "C4'" . C   A 1 33 ? 21.091  -4.873  -11.074 1.00 31.92  ?  33  C   A "C4'" 1 
ATOM   702  O  "O4'" . C   A 1 33 ? 20.865  -6.307  -11.078 1.00 24.62  ?  33  C   A "O4'" 1 
ATOM   703  C  "C3'" . C   A 1 33 ? 19.751  -4.312  -11.492 1.00 22.61  ?  33  C   A "C3'" 1 
ATOM   704  O  "O3'" . C   A 1 33 ? 19.819  -2.963  -11.913 1.00 24.90  ?  33  C   A "O3'" 1 
ATOM   705  C  "C2'" . C   A 1 33 ? 19.332  -5.293  -12.579 1.00 19.97  ?  33  C   A "C2'" 1 
ATOM   706  O  "O2'" . C   A 1 33 ? 20.067  -5.055  -13.778 1.00 26.08  ?  33  C   A "O2'" 1 
ATOM   707  C  "C1'" . C   A 1 33 ? 19.811  -6.615  -11.972 1.00 24.57  ?  33  C   A "C1'" 1 
ATOM   708  N  N1    . C   A 1 33 ? 18.712  -7.252  -11.219 1.00 22.29  ?  33  C   A N1    1 
ATOM   709  C  C2    . C   A 1 33 ? 17.821  -8.006  -11.956 1.00 22.30  ?  33  C   A C2    1 
ATOM   710  O  O2    . C   A 1 33 ? 18.042  -8.129  -13.170 1.00 23.50  ?  33  C   A O2    1 
ATOM   711  N  N3    . C   A 1 33 ? 16.777  -8.585  -11.306 1.00 22.64  ?  33  C   A N3    1 
ATOM   712  C  C4    . C   A 1 33 ? 16.634  -8.396  -9.999  1.00 21.63  ?  33  C   A C4    1 
ATOM   713  N  N4    . C   A 1 33 ? 15.587  -8.955  -9.381  1.00 22.41  ?  33  C   A N4    1 
ATOM   714  C  C5    . C   A 1 33 ? 17.526  -7.598  -9.234  1.00 30.93  ?  33  C   A C5    1 
ATOM   715  C  C6    . C   A 1 33 ? 18.538  -7.036  -9.898  1.00 22.46  ?  33  C   A C6    1 
ATOM   716  P  P     . G   A 1 34 ? 18.541  -2.000  -11.748 1.00 30.17  ?  34  G   A P     1 
ATOM   717  O  OP1   . G   A 1 34 ? 18.936  -0.718  -12.366 1.00 28.05  ?  34  G   A OP1   1 
ATOM   718  O  OP2   . G   A 1 34 ? 18.020  -2.015  -10.359 1.00 29.95  ?  34  G   A OP2   1 
ATOM   719  O  "O5'" . G   A 1 34 ? 17.445  -2.629  -12.711 1.00 26.58  ?  34  G   A "O5'" 1 
ATOM   720  C  "C5'" . G   A 1 34 ? 17.650  -2.645  -14.115 1.00 23.29  ?  34  G   A "C5'" 1 
ATOM   721  C  "C4'" . G   A 1 34 ? 16.572  -3.429  -14.819 1.00 18.36  ?  34  G   A "C4'" 1 
ATOM   722  O  "O4'" . G   A 1 34 ? 16.554  -4.807  -14.350 1.00 25.47  ?  34  G   A "O4'" 1 
ATOM   723  C  "C3'" . G   A 1 34 ? 15.156  -2.953  -14.581 1.00 24.47  ?  34  G   A "C3'" 1 
ATOM   724  O  "O3'" . G   A 1 34 ? 14.839  -1.793  -15.339 1.00 25.43  ?  34  G   A "O3'" 1 
ATOM   725  C  "C2'" . G   A 1 34 ? 14.346  -4.189  -14.957 1.00 24.39  ?  34  G   A "C2'" 1 
ATOM   726  O  "O2'" . G   A 1 34 ? 14.376  -4.366  -16.360 1.00 25.70  ?  34  G   A "O2'" 1 
ATOM   727  C  "C1'" . G   A 1 34 ? 15.223  -5.296  -14.377 1.00 19.51  ?  34  G   A "C1'" 1 
ATOM   728  N  N9    . G   A 1 34 ? 14.813  -5.678  -13.013 1.00 22.31  ?  34  G   A N9    1 
ATOM   729  C  C8    . G   A 1 34 ? 15.462  -5.435  -11.832 1.00 23.67  ?  34  G   A C8    1 
ATOM   730  N  N7    . G   A 1 34 ? 14.840  -5.934  -10.800 1.00 25.67  ?  34  G   A N7    1 
ATOM   731  C  C5    . G   A 1 34 ? 13.719  -6.546  -11.319 1.00 20.75  ?  34  G   A C5    1 
ATOM   732  C  C6    . G   A 1 34 ? 12.691  -7.249  -10.647 1.00 18.63  ?  34  G   A C6    1 
ATOM   733  O  O6    . G   A 1 34 ? 12.646  -7.427  -9.426  1.00 21.58  ?  34  G   A O6    1 
ATOM   734  N  N1    . G   A 1 34 ? 11.716  -7.734  -11.534 1.00 17.01  ?  34  G   A N1    1 
ATOM   735  C  C2    . G   A 1 34 ? 11.764  -7.531  -12.903 1.00 22.01  ?  34  G   A C2    1 
ATOM   736  N  N2    . G   A 1 34 ? 10.772  -8.032  -13.656 1.00 19.07  ?  34  G   A N2    1 
ATOM   737  N  N3    . G   A 1 34 ? 12.744  -6.874  -13.532 1.00 20.73  ?  34  G   A N3    1 
ATOM   738  C  C4    . G   A 1 34 ? 13.680  -6.414  -12.681 1.00 22.55  ?  34  G   A C4    1 
ATOM   739  P  P     . G   A 1 35 ? 13.937  -0.615  -14.718 1.00 30.94  ?  35  G   A P     1 
ATOM   740  O  OP1   . G   A 1 35 ? 13.756  0.485   -15.697 1.00 31.54  ?  35  G   A OP1   1 
ATOM   741  O  OP2   . G   A 1 35 ? 14.421  -0.295  -13.377 1.00 22.97  ?  35  G   A OP2   1 
ATOM   742  O  "O5'" . G   A 1 35 ? 12.484  -1.245  -14.618 1.00 31.46  ?  35  G   A "O5'" 1 
ATOM   743  C  "C5'" . G   A 1 35 ? 11.839  -1.749  -15.771 1.00 25.93  ?  35  G   A "C5'" 1 
ATOM   744  C  "C4'" . G   A 1 35 ? 10.658  -2.616  -15.405 1.00 28.95  ?  35  G   A "C4'" 1 
ATOM   745  O  "O4'" . G   A 1 35 ? 11.117  -3.796  -14.700 1.00 21.54  ?  35  G   A "O4'" 1 
ATOM   746  C  "C3'" . G   A 1 35 ? 9.639   -2.010  -14.463 1.00 22.12  ?  35  G   A "C3'" 1 
ATOM   747  O  "O3'" . G   A 1 35 ? 8.755   -1.108  -15.096 1.00 27.96  ?  35  G   A "O3'" 1 
ATOM   748  C  "C2'" . G   A 1 35 ? 8.961   -3.250  -13.888 1.00 26.04  ?  35  G   A "C2'" 1 
ATOM   749  O  "O2'" . G   A 1 35 ? 8.078   -3.815  -14.847 1.00 22.91  ?  35  G   A "O2'" 1 
ATOM   750  C  "C1'" . G   A 1 35 ? 10.153  -4.189  -13.746 1.00 25.05  ?  35  G   A "C1'" 1 
ATOM   751  N  N9    . G   A 1 35 ? 10.759  -4.118  -12.401 1.00 25.22  ?  35  G   A N9    1 
ATOM   752  C  C8    . G   A 1 35 ? 11.860  -3.413  -11.966 1.00 26.54  ?  35  G   A C8    1 
ATOM   753  N  N7    . G   A 1 35 ? 12.107  -3.591  -10.681 1.00 19.75  ?  35  G   A N7    1 
ATOM   754  C  C5    . G   A 1 35 ? 11.119  -4.458  -10.271 1.00 25.46  ?  35  G   A C5    1 
ATOM   755  C  C6    . G   A 1 35 ? 10.860  -5.010  -8.990  1.00 22.57  ?  35  G   A C6    1 
ATOM   756  O  O6    . G   A 1 35 ? 11.491  -4.834  -7.938  1.00 22.72  ?  35  G   A O6    1 
ATOM   757  N  N1    . G   A 1 35 ? 9.741   -5.834  -9.006  1.00 19.09  ?  35  G   A N1    1 
ATOM   758  C  C2    . G   A 1 35 ? 8.992   -6.082  -10.133 1.00 17.46  ?  35  G   A C2    1 
ATOM   759  N  N2    . G   A 1 35 ? 7.944   -6.903  -10.001 1.00 17.30  ?  35  G   A N2    1 
ATOM   760  N  N3    . G   A 1 35 ? 9.222   -5.573  -11.333 1.00 20.37  ?  35  G   A N3    1 
ATOM   761  C  C4    . G   A 1 35 ? 10.292  -4.774  -11.317 1.00 20.37  ?  35  G   A C4    1 
ATOM   762  P  P     . G   A 1 36 ? 7.826   -0.128  -14.216 1.00 33.51  ?  36  G   A P     1 
ATOM   763  O  OP1   . G   A 1 36 ? 7.168   0.828   -15.150 1.00 31.73  ?  36  G   A OP1   1 
ATOM   764  O  OP2   . G   A 1 36 ? 8.586   0.406   -13.067 1.00 26.78  ?  36  G   A OP2   1 
ATOM   765  O  "O5'" . G   A 1 36 ? 6.691   -1.106  -13.668 1.00 33.11  ?  36  G   A "O5'" 1 
ATOM   766  C  "C5'" . G   A 1 36 ? 6.198   -1.003  -12.346 1.00 30.80  ?  36  G   A "C5'" 1 
ATOM   767  C  "C4'" . G   A 1 36 ? 5.415   -2.233  -11.967 1.00 25.10  ?  36  G   A "C4'" 1 
ATOM   768  O  "O4'" . G   A 1 36 ? 6.340   -3.294  -11.611 1.00 25.79  ?  36  G   A "O4'" 1 
ATOM   769  C  "C3'" . G   A 1 36 ? 4.508   -2.085  -10.748 1.00 25.41  ?  36  G   A "C3'" 1 
ATOM   770  O  "O3'" . G   A 1 36 ? 3.219   -1.601  -11.100 1.00 27.38  ?  36  G   A "O3'" 1 
ATOM   771  C  "C2'" . G   A 1 36 ? 4.464   -3.489  -10.179 1.00 23.02  ?  36  G   A "C2'" 1 
ATOM   772  O  "O2'" . G   A 1 36 ? 3.569   -4.287  -10.940 1.00 25.47  ?  36  G   A "O2'" 1 
ATOM   773  C  "C1'" . G   A 1 36 ? 5.876   -3.979  -10.465 1.00 23.48  ?  36  G   A "C1'" 1 
ATOM   774  N  N9    . G   A 1 36 ? 6.811   -3.720  -9.340  1.00 20.15  ?  36  G   A N9    1 
ATOM   775  C  C8    . G   A 1 36 ? 7.900   -2.877  -9.375  1.00 19.35  ?  36  G   A C8    1 
ATOM   776  N  N7    . G   A 1 36 ? 8.557   -2.861  -8.248  1.00 18.82  ?  36  G   A N7    1 
ATOM   777  C  C5    . G   A 1 36 ? 7.838   -3.719  -7.415  1.00 20.49  ?  36  G   A C5    1 
ATOM   778  C  C6    . G   A 1 36 ? 8.056   -4.115  -6.068  1.00 20.82  ?  36  G   A C6    1 
ATOM   779  O  O6    . G   A 1 36 ? 8.941   -3.794  -5.267  1.00 17.96  ?  36  G   A O6    1 
ATOM   780  N  N1    . G   A 1 36 ? 7.104   -5.013  -5.630  1.00 18.46  ?  36  G   A N1    1 
ATOM   781  C  C2    . G   A 1 36 ? 6.052   -5.482  -6.373  1.00 21.97  ?  36  G   A C2    1 
ATOM   782  N  N2    . G   A 1 36 ? 5.251   -6.346  -5.728  1.00 19.05  ?  36  G   A N2    1 
ATOM   783  N  N3    . G   A 1 36 ? 5.844   -5.140  -7.629  1.00 20.19  ?  36  G   A N3    1 
ATOM   784  C  C4    . G   A 1 36 ? 6.762   -4.260  -8.084  1.00 19.15  ?  36  G   A C4    1 
ATOM   785  P  P     . G   A 1 37 ? 2.447   -0.556  -10.150 1.00 28.62  ?  37  G   A P     1 
ATOM   786  O  OP1   . G   A 1 37 ? 1.120   -0.353  -10.770 1.00 29.97  ?  37  G   A OP1   1 
ATOM   787  O  OP2   . G   A 1 37 ? 3.371   0.596   -9.953  1.00 28.12  ?  37  G   A OP2   1 
ATOM   788  O  "O5'" . G   A 1 37 ? 2.332   -1.318  -8.755  1.00 28.94  ?  37  G   A "O5'" 1 
ATOM   789  C  "C5'" . G   A 1 37 ? 1.480   -2.443  -8.584  1.00 21.01  ?  37  G   A "C5'" 1 
ATOM   790  C  "C4'" . G   A 1 37 ? 1.588   -2.992  -7.182  1.00 25.55  ?  37  G   A "C4'" 1 
ATOM   791  O  "O4'" . G   A 1 37 ? 2.935   -3.497  -6.973  1.00 23.44  ?  37  G   A "O4'" 1 
ATOM   792  C  "C3'" . G   A 1 37 ? 1.400   -1.964  -6.076  1.00 29.02  ?  37  G   A "C3'" 1 
ATOM   793  O  "O3'" . G   A 1 37 ? 0.037   -1.686  -5.755  1.00 30.03  ?  37  G   A "O3'" 1 
ATOM   794  C  "C2'" . G   A 1 37 ? 2.216   -2.534  -4.924  1.00 20.58  ?  37  G   A "C2'" 1 
ATOM   795  O  "O2'" . G   A 1 37 ? 1.517   -3.578  -4.267  1.00 20.13  ?  37  G   A "O2'" 1 
ATOM   796  C  "C1'" . G   A 1 37 ? 3.389   -3.162  -5.675  1.00 20.38  ?  37  G   A "C1'" 1 
ATOM   797  N  N9    . G   A 1 37 ? 4.556   -2.263  -5.808  1.00 20.13  ?  37  G   A N9    1 
ATOM   798  C  C8    . G   A 1 37 ? 4.806   -1.430  -6.890  1.00 23.42  ?  37  G   A C8    1 
ATOM   799  N  N7    . G   A 1 37 ? 5.933   -0.777  -6.764  1.00 21.78  ?  37  G   A N7    1 
ATOM   800  C  C5    . G   A 1 37 ? 6.451   -1.215  -5.555  1.00 22.41  ?  37  G   A C5    1 
ATOM   801  C  C6    . G   A 1 37 ? 7.647   -0.841  -4.924  1.00 25.51  ?  37  G   A C6    1 
ATOM   802  O  O6    . G   A 1 37 ? 8.490   -0.052  -5.357  1.00 25.85  ?  37  G   A O6    1 
ATOM   803  N  N1    . G   A 1 37 ? 7.820   -1.489  -3.711  1.00 28.58  ?  37  G   A N1    1 
ATOM   804  C  C2    . G   A 1 37 ? 6.961   -2.405  -3.174  1.00 21.55  ?  37  G   A C2    1 
ATOM   805  N  N2    . G   A 1 37 ? 7.327   -2.910  -1.986  1.00 25.71  ?  37  G   A N2    1 
ATOM   806  N  N3    . G   A 1 37 ? 5.819   -2.756  -3.751  1.00 20.67  ?  37  G   A N3    1 
ATOM   807  C  C4    . G   A 1 37 ? 5.626   -2.128  -4.942  1.00 21.45  ?  37  G   A C4    1 
ATOM   808  P  P     . A   A 1 38 ? -0.342  -0.164  -5.383  1.00 54.67  ?  38  A   A P     1 
ATOM   809  O  OP1   . A   A 1 38 ? -0.905  0.462   -6.598  1.00 41.02  ?  38  A   A OP1   1 
ATOM   810  O  OP2   . A   A 1 38 ? 0.847   0.476   -4.719  1.00 40.69  ?  38  A   A OP2   1 
ATOM   811  O  "O5'" . A   A 1 38 ? -1.437  -0.298  -4.229  1.00 47.92  ?  38  A   A "O5'" 1 
ATOM   812  C  "C5'" . A   A 1 38 ? -2.575  -1.122  -4.390  1.00 29.39  ?  38  A   A "C5'" 1 
ATOM   813  C  "C4'" . A   A 1 38 ? -2.744  -2.081  -3.232  1.00 25.52  ?  38  A   A "C4'" 1 
ATOM   814  O  "O4'" . A   A 1 38 ? -1.597  -2.958  -3.128  1.00 24.87  ?  38  A   A "O4'" 1 
ATOM   815  C  "C3'" . A   A 1 38 ? -2.875  -1.507  -1.834  1.00 29.60  ?  38  A   A "C3'" 1 
ATOM   816  O  "O3'" . A   A 1 38 ? -4.151  -0.958  -1.577  1.00 34.59  ?  38  A   A "O3'" 1 
ATOM   817  C  "C2'" . A   A 1 38 ? -2.559  -2.724  -0.977  1.00 32.57  ?  38  A   A "C2'" 1 
ATOM   818  O  "O2'" . A   A 1 38 ? -3.656  -3.634  -0.945  1.00 31.74  ?  38  A   A "O2'" 1 
ATOM   819  C  "C1'" . A   A 1 38 ? -1.435  -3.371  -1.793  1.00 24.92  ?  38  A   A "C1'" 1 
ATOM   820  N  N9    . A   A 1 38 ? -0.121  -2.902  -1.336  1.00 27.62  ?  38  A   A N9    1 
ATOM   821  C  C8    . A   A 1 38 ? 0.642   -1.921  -1.914  1.00 27.40  ?  38  A   A C8    1 
ATOM   822  N  N7    . A   A 1 38 ? 1.754   -1.700  -1.269  1.00 22.83  ?  38  A   A N7    1 
ATOM   823  C  C5    . A   A 1 38 ? 1.705   -2.570  -0.200  1.00 22.69  ?  38  A   A C5    1 
ATOM   824  C  C6    . A   A 1 38 ? 2.603   -2.799  0.852   1.00 23.11  ?  38  A   A C6    1 
ATOM   825  N  N6    . A   A 1 38 ? 3.759   -2.133  0.971   1.00 27.96  ?  38  A   A N6    1 
ATOM   826  N  N1    . A   A 1 38 ? 2.290   -3.747  1.753   1.00 24.78  ?  38  A   A N1    1 
ATOM   827  C  C2    . A   A 1 38 ? 1.117   -4.402  1.618   1.00 28.00  ?  38  A   A C2    1 
ATOM   828  N  N3    . A   A 1 38 ? 0.179   -4.273  0.675   1.00 22.63  ?  38  A   A N3    1 
ATOM   829  C  C4    . A   A 1 38 ? 0.548   -3.327  -0.218  1.00 24.83  ?  38  A   A C4    1 
ATOM   830  P  P     . G   A 1 39 ? -4.301  0.399   -0.727  1.00 35.62  ?  39  G   A P     1 
ATOM   831  O  OP1   . G   A 1 39 ? -5.770  0.517   -0.502  1.00 40.28  ?  39  G   A OP1   1 
ATOM   832  O  OP2   . G   A 1 39 ? -3.599  1.519   -1.374  1.00 26.78  ?  39  G   A OP2   1 
ATOM   833  O  "O5'" . G   A 1 39 ? -3.515  0.112   0.627   1.00 28.93  ?  39  G   A "O5'" 1 
ATOM   834  C  "C5'" . G   A 1 39 ? -4.038  -0.740  1.625   1.00 24.64  ?  39  G   A "C5'" 1 
ATOM   835  C  "C4'" . G   A 1 39 ? -2.971  -1.131  2.624   1.00 29.23  ?  39  G   A "C4'" 1 
ATOM   836  O  "O4'" . G   A 1 39 ? -1.768  -1.571  1.931   1.00 29.17  ?  39  G   A "O4'" 1 
ATOM   837  C  "C3'" . G   A 1 39 ? -2.482  -0.020  3.542   1.00 25.50  ?  39  G   A "C3'" 1 
ATOM   838  O  "O3'" . G   A 1 39 ? -3.338  0.177   4.651   1.00 33.62  ?  39  G   A "O3'" 1 
ATOM   839  C  "C2'" . G   A 1 39 ? -1.092  -0.496  3.929   1.00 19.09  ?  39  G   A "C2'" 1 
ATOM   840  O  "O2'" . G   A 1 39 ? -1.162  -1.514  4.910   1.00 25.27  ?  39  G   A "O2'" 1 
ATOM   841  C  "C1'" . G   A 1 39 ? -0.623  -1.128  2.619   1.00 23.71  ?  39  G   A "C1'" 1 
ATOM   842  N  N9    . G   A 1 39 ? 0.076   -0.155  1.760   1.00 23.44  ?  39  G   A N9    1 
ATOM   843  C  C8    . G   A 1 39 ? -0.355  0.427   0.599   1.00 23.21  ?  39  G   A C8    1 
ATOM   844  N  N7    . G   A 1 39 ? 0.506   1.240   0.064   1.00 28.30  ?  39  G   A N7    1 
ATOM   845  C  C5    . G   A 1 39 ? 1.584   1.191   0.919   1.00 22.10  ?  39  G   A C5    1 
ATOM   846  C  C6    . G   A 1 39 ? 2.828   1.869   0.878   1.00 21.15  ?  39  G   A C6    1 
ATOM   847  O  O6    . G   A 1 39 ? 3.231   2.653   0.039   1.00 24.20  ?  39  G   A O6    1 
ATOM   848  N  N1    . G   A 1 39 ? 3.618   1.539   1.967   1.00 24.21  ?  39  G   A N1    1 
ATOM   849  C  C2    . G   A 1 39 ? 3.283   0.670   2.953   1.00 26.39  ?  39  G   A C2    1 
ATOM   850  N  N2    . G   A 1 39 ? 4.197   0.469   3.925   1.00 28.12  ?  39  G   A N2    1 
ATOM   851  N  N3    . G   A 1 39 ? 2.125   0.025   3.005   1.00 27.99  ?  39  G   A N3    1 
ATOM   852  C  C4    . G   A 1 39 ? 1.340   0.336   1.964   1.00 24.93  ?  39  G   A C4    1 
ATOM   853  P  P     . C   A 1 40 ? -3.580  1.662   5.220   1.00 29.61  ?  40  C   A P     1 
ATOM   854  O  OP1   . C   A 1 40 ? -4.574  1.546   6.309   1.00 32.75  ?  40  C   A OP1   1 
ATOM   855  O  OP2   . C   A 1 40 ? -3.757  2.650   4.139   1.00 29.14  ?  40  C   A OP2   1 
ATOM   856  O  "O5'" . C   A 1 40 ? -2.199  2.040   5.890   1.00 29.46  ?  40  C   A "O5'" 1 
ATOM   857  C  "C5'" . C   A 1 40 ? -1.653  1.240   6.916   1.00 27.09  ?  40  C   A "C5'" 1 
ATOM   858  C  "C4'" . C   A 1 40 ? -0.253  1.685   7.189   1.00 34.12  ?  40  C   A "C4'" 1 
ATOM   859  O  "O4'" . C   A 1 40 ? 0.552   1.430   6.008   1.00 29.43  ?  40  C   A "O4'" 1 
ATOM   860  C  "C3'" . C   A 1 40 ? -0.092  3.177   7.409   1.00 30.01  ?  40  C   A "C3'" 1 
ATOM   861  O  "O3'" . C   A 1 40 ? -0.450  3.590   8.716   1.00 33.60  ?  40  C   A "O3'" 1 
ATOM   862  C  "C2'" . C   A 1 40 ? 1.367   3.396   7.057   1.00 31.52  ?  40  C   A "C2'" 1 
ATOM   863  O  "O2'" . C   A 1 40 ? 2.184   2.879   8.097   1.00 30.17  ?  40  C   A "O2'" 1 
ATOM   864  C  "C1'" . C   A 1 40 ? 1.514   2.457   5.856   1.00 26.24  ?  40  C   A "C1'" 1 
ATOM   865  N  N1    . C   A 1 40 ? 1.282   3.119   4.558   1.00 32.43  ?  40  C   A N1    1 
ATOM   866  C  C2    . C   A 1 40 ? 2.306   3.876   3.991   1.00 25.06  ?  40  C   A C2    1 
ATOM   867  O  O2    . C   A 1 40 ? 3.372   3.986   4.623   1.00 30.35  ?  40  C   A O2    1 
ATOM   868  N  N3    . C   A 1 40 ? 2.113   4.449   2.790   1.00 27.98  ?  40  C   A N3    1 
ATOM   869  C  C4    . C   A 1 40 ? 0.949   4.285   2.162   1.00 28.59  ?  40  C   A C4    1 
ATOM   870  N  N4    . C   A 1 40 ? 0.784   4.860   0.973   1.00 24.19  ?  40  C   A N4    1 
ATOM   871  C  C5    . C   A 1 40 ? -0.117  3.519   2.727   1.00 29.26  ?  40  C   A C5    1 
ATOM   872  C  C6    . C   A 1 40 ? 0.093   2.953   3.909   1.00 26.23  ?  40  C   A C6    1 
ATOM   873  P  P     . G   A 1 41 ? -1.183  5.003   8.949   1.00 41.18  ?  41  G   A P     1 
ATOM   874  O  OP1   . G   A 1 41 ? -1.537  5.003   10.385  1.00 44.08  ?  41  G   A OP1   1 
ATOM   875  O  OP2   . G   A 1 41 ? -2.217  5.292   7.933   1.00 33.56  ?  41  G   A OP2   1 
ATOM   876  O  "O5'" . G   A 1 41 ? -0.018  6.054   8.746   1.00 33.70  ?  41  G   A "O5'" 1 
ATOM   877  C  "C5'" . G   A 1 41 ? 1.150   5.958   9.546   1.00 42.66  ?  41  G   A "C5'" 1 
ATOM   878  C  "C4'" . G   A 1 41 ? 2.165   7.007   9.183   1.00 39.59  ?  41  G   A "C4'" 1 
ATOM   879  O  "O4'" . G   A 1 41 ? 2.788   6.675   7.918   1.00 41.99  ?  41  G   A "O4'" 1 
ATOM   880  C  "C3'" . G   A 1 41 ? 1.633   8.411   8.967   1.00 46.65  ?  41  G   A "C3'" 1 
ATOM   881  O  "O3'" . G   A 1 41 ? 1.395   9.099   10.186  1.00 58.19  ?  41  G   A "O3'" 1 
ATOM   882  C  "C2'" . G   A 1 41 ? 2.727   9.040   8.116   1.00 43.80  ?  41  G   A "C2'" 1 
ATOM   883  O  "O2'" . G   A 1 41 ? 3.832   9.375   8.937   1.00 42.92  ?  41  G   A "O2'" 1 
ATOM   884  C  "C1'" . G   A 1 41 ? 3.140   7.859   7.235   1.00 37.95  ?  41  G   A "C1'" 1 
ATOM   885  N  N9    . G   A 1 41 ? 2.491   7.857   5.906   1.00 36.21  ?  41  G   A N9    1 
ATOM   886  C  C8    . G   A 1 41 ? 1.410   7.101   5.519   1.00 39.97  ?  41  G   A C8    1 
ATOM   887  N  N7    . G   A 1 41 ? 1.064   7.302   4.277   1.00 33.77  ?  41  G   A N7    1 
ATOM   888  C  C5    . G   A 1 41 ? 1.970   8.230   3.793   1.00 35.10  ?  41  G   A C5    1 
ATOM   889  C  C6    . G   A 1 41 ? 2.096   8.830   2.506   1.00 30.54  ?  41  G   A C6    1 
ATOM   890  O  O6    . G   A 1 41 ? 1.411   8.663   1.483   1.00 35.76  ?  41  G   A O6    1 
ATOM   891  N  N1    . G   A 1 41 ? 3.159   9.725   2.458   1.00 37.49  ?  41  G   A N1    1 
ATOM   892  C  C2    . G   A 1 41 ? 3.988   9.999   3.520   1.00 38.82  ?  41  G   A C2    1 
ATOM   893  N  N2    . G   A 1 41 ? 4.959   10.895  3.285   1.00 39.15  ?  41  G   A N2    1 
ATOM   894  N  N3    . G   A 1 41 ? 3.876   9.449   4.716   1.00 30.94  ?  41  G   A N3    1 
ATOM   895  C  C4    . G   A 1 41 ? 2.855   8.580   4.790   1.00 33.06  ?  41  G   A C4    1 
ATOM   896  P  P     . A   A 1 42 ? 0.337   10.311  10.252  1.00 57.87  ?  42  A   A P     1 
ATOM   897  O  OP1   . A   A 1 42 ? 0.194   10.669  11.689  1.00 64.90  ?  42  A   A OP1   1 
ATOM   898  O  OP2   . A   A 1 42 ? -0.880  10.011  9.461   1.00 48.88  ?  42  A   A OP2   1 
ATOM   899  O  "O5'" . A   A 1 42 ? 1.073   11.497  9.488   1.00 46.94  ?  42  A   A "O5'" 1 
ATOM   900  C  "C5'" . A   A 1 42 ? 2.199   12.152  10.049  1.00 53.79  ?  42  A   A "C5'" 1 
ATOM   901  C  "C4'" . A   A 1 42 ? 2.741   13.195  9.104   1.00 55.43  ?  42  A   A "C4'" 1 
ATOM   902  O  "O4'" . A   A 1 42 ? 3.259   12.551  7.909   1.00 51.59  ?  42  A   A "O4'" 1 
ATOM   903  C  "C3'" . A   A 1 42 ? 1.735   14.206  8.565   1.00 57.44  ?  42  A   A "C3'" 1 
ATOM   904  O  "O3'" . A   A 1 42 ? 1.446   15.255  9.474   1.00 54.92  ?  42  A   A "O3'" 1 
ATOM   905  C  "C2'" . A   A 1 42 ? 2.409   14.678  7.285   1.00 51.00  ?  42  A   A "C2'" 1 
ATOM   906  O  "O2'" . A   A 1 42 ? 3.466   15.577  7.591   1.00 47.98  ?  42  A   A "O2'" 1 
ATOM   907  C  "C1'" . A   A 1 42 ? 3.019   13.369  6.778   1.00 53.77  ?  42  A   A "C1'" 1 
ATOM   908  N  N9    . A   A 1 42 ? 2.114   12.642  5.851   1.00 42.22  ?  42  A   A N9    1 
ATOM   909  C  C8    . A   A 1 42 ? 1.258   11.617  6.163   1.00 44.58  ?  42  A   A C8    1 
ATOM   910  N  N7    . A   A 1 42 ? 0.578   11.150  5.146   1.00 43.66  ?  42  A   A N7    1 
ATOM   911  C  C5    . A   A 1 42 ? 1.013   11.914  4.083   1.00 41.03  ?  42  A   A C5    1 
ATOM   912  C  C6    . A   A 1 42 ? 0.665   11.909  2.722   1.00 40.27  ?  42  A   A C6    1 
ATOM   913  N  N6    . A   A 1 42 ? -0.227  11.071  2.204   1.00 32.20  ?  42  A   A N6    1 
ATOM   914  N  N1    . A   A 1 42 ? 1.271   12.798  1.911   1.00 40.77  ?  42  A   A N1    1 
ATOM   915  C  C2    . A   A 1 42 ? 2.168   13.632  2.452   1.00 45.36  ?  42  A   A C2    1 
ATOM   916  N  N3    . A   A 1 42 ? 2.576   13.732  3.718   1.00 40.51  ?  42  A   A N3    1 
ATOM   917  C  C4    . A   A 1 42 ? 1.957   12.835  4.497   1.00 39.64  ?  42  A   A C4    1 
ATOM   918  P  P     . C   A 1 43 ? -0.036  15.886  9.561   1.00 63.01  ?  43  C   A P     1 
ATOM   919  O  OP1   . C   A 1 43 ? -0.070  16.736  10.779  1.00 75.33  ?  43  C   A OP1   1 
ATOM   920  O  OP2   . C   A 1 43 ? -1.074  14.830  9.424   1.00 59.34  ?  43  C   A OP2   1 
ATOM   921  O  "O5'" . C   A 1 43 ? -0.115  16.833  8.280   1.00 57.72  ?  43  C   A "O5'" 1 
ATOM   922  C  "C5'" . C   A 1 43 ? 0.778   17.927  8.117   1.00 53.00  ?  43  C   A "C5'" 1 
ATOM   923  C  "C4'" . C   A 1 43 ? 0.718   18.474  6.713   1.00 57.61  ?  43  C   A "C4'" 1 
ATOM   924  O  "O4'" . C   A 1 43 ? 1.217   17.469  5.787   1.00 56.08  ?  43  C   A "O4'" 1 
ATOM   925  C  "C3'" . C   A 1 43 ? -0.673  18.799  6.185   1.00 56.75  ?  43  C   A "C3'" 1 
ATOM   926  O  "O3'" . C   A 1 43 ? -1.180  20.050  6.624   1.00 63.58  ?  43  C   A "O3'" 1 
ATOM   927  C  "C2'" . C   A 1 43 ? -0.479  18.700  4.680   1.00 51.27  ?  43  C   A "C2'" 1 
ATOM   928  O  "O2'" . C   A 1 43 ? 0.198   19.846  4.189   1.00 58.16  ?  43  C   A "O2'" 1 
ATOM   929  C  "C1'" . C   A 1 43 ? 0.472   17.507  4.587   1.00 52.19  ?  43  C   A "C1'" 1 
ATOM   930  N  N1    . C   A 1 43 ? -0.268  16.228  4.440   1.00 45.47  ?  43  C   A N1    1 
ATOM   931  C  C2    . C   A 1 43 ? -0.681  15.850  3.157   1.00 41.58  ?  43  C   A C2    1 
ATOM   932  O  O2    . C   A 1 43 ? -0.393  16.596  2.212   1.00 39.05  ?  43  C   A O2    1 
ATOM   933  N  N3    . C   A 1 43 ? -1.371  14.693  2.986   1.00 38.73  ?  43  C   A N3    1 
ATOM   934  C  C4    . C   A 1 43 ? -1.642  13.922  4.038   1.00 41.38  ?  43  C   A C4    1 
ATOM   935  N  N4    . C   A 1 43 ? -2.319  12.789  3.824   1.00 44.80  ?  43  C   A N4    1 
ATOM   936  C  C5    . C   A 1 43 ? -1.242  14.282  5.361   1.00 45.17  ?  43  C   A C5    1 
ATOM   937  C  C6    . C   A 1 43 ? -0.562  15.428  5.512   1.00 42.98  ?  43  C   A C6    1 
ATOM   938  P  P     . C   A 1 44 ? -2.770  20.264  6.788   1.00 64.76  ?  44  C   A P     1 
ATOM   939  O  OP1   . C   A 1 44 ? -3.003  21.557  7.474   1.00 67.17  ?  44  C   A OP1   1 
ATOM   940  O  OP2   . C   A 1 44 ? -3.339  19.020  7.370   1.00 52.96  ?  44  C   A OP2   1 
ATOM   941  O  "O5'" . C   A 1 44 ? -3.298  20.431  5.291   1.00 57.87  ?  44  C   A "O5'" 1 
ATOM   942  C  "C5'" . C   A 1 44 ? -2.778  21.447  4.446   1.00 62.11  ?  44  C   A "C5'" 1 
ATOM   943  C  "C4'" . C   A 1 44 ? -3.296  21.341  3.030   1.00 61.15  ?  44  C   A "C4'" 1 
ATOM   944  O  "O4'" . C   A 1 44 ? -2.727  20.175  2.369   1.00 65.47  ?  44  C   A "O4'" 1 
ATOM   945  C  "C3'" . C   A 1 44 ? -4.796  21.152  2.870   1.00 59.22  ?  44  C   A "C3'" 1 
ATOM   946  O  "O3'" . C   A 1 44 ? -5.533  22.354  3.018   1.00 51.76  ?  44  C   A "O3'" 1 
ATOM   947  C  "C2'" . C   A 1 44 ? -4.894  20.550  1.476   1.00 57.49  ?  44  C   A "C2'" 1 
ATOM   948  O  "O2'" . C   A 1 44 ? -4.723  21.557  0.496   1.00 61.19  ?  44  C   A "O2'" 1 
ATOM   949  C  "C1'" . C   A 1 44 ? -3.665  19.636  1.460   1.00 50.67  ?  44  C   A "C1'" 1 
ATOM   950  N  N1    . C   A 1 44 ? -4.022  18.265  1.894   1.00 51.91  ?  44  C   A N1    1 
ATOM   951  C  C2    . C   A 1 44 ? -4.572  17.403  0.946   1.00 45.02  ?  44  C   A C2    1 
ATOM   952  O  O2    . C   A 1 44 ? -4.702  17.820  -0.209  1.00 53.72  ?  44  C   A O2    1 
ATOM   953  N  N3    . C   A 1 44 ? -4.931  16.148  1.308   1.00 42.08  ?  44  C   A N3    1 
ATOM   954  C  C4    . C   A 1 44 ? -4.772  15.747  2.569   1.00 37.72  ?  44  C   A C4    1 
ATOM   955  N  N4    . C   A 1 44 ? -5.149  14.511  2.881   1.00 38.78  ?  44  C   A N4    1 
ATOM   956  C  C5    . C   A 1 44 ? -4.226  16.601  3.565   1.00 42.19  ?  44  C   A C5    1 
ATOM   957  C  C6    . C   A 1 44 ? -3.877  17.840  3.191   1.00 49.20  ?  44  C   A C6    1 
ATOM   958  P  P     . C   A 1 45 ? -7.028  22.322  3.618   1.00 65.84  ?  45  C   A P     1 
ATOM   959  O  OP1   . C   A 1 45 ? -7.458  23.734  3.781   1.00 69.96  ?  45  C   A OP1   1 
ATOM   960  O  OP2   . C   A 1 45 ? -7.108  21.372  4.758   1.00 56.59  ?  45  C   A OP2   1 
ATOM   961  O  "O5'" . C   A 1 45 ? -7.908  21.717  2.440   1.00 61.41  ?  45  C   A "O5'" 1 
ATOM   962  C  "C5'" . C   A 1 45 ? -8.008  22.389  1.197   1.00 55.81  ?  45  C   A "C5'" 1 
ATOM   963  C  "C4'" . C   A 1 45 ? -8.683  21.527  0.169   1.00 53.41  ?  45  C   A "C4'" 1 
ATOM   964  O  "O4'" . C   A 1 45 ? -7.923  20.305  -0.027  1.00 61.60  ?  45  C   A "O4'" 1 
ATOM   965  C  "C3'" . C   A 1 45 ? -10.070 21.028  0.534   1.00 57.07  ?  45  C   A "C3'" 1 
ATOM   966  O  "O3'" . C   A 1 45 ? -11.084 22.005  0.364   1.00 57.79  ?  45  C   A "O3'" 1 
ATOM   967  C  "C2'" . C   A 1 45 ? -10.225 19.823  -0.377  1.00 53.27  ?  45  C   A "C2'" 1 
ATOM   968  O  "O2'" . C   A 1 45 ? -10.520 20.250  -1.699  1.00 54.55  ?  45  C   A "O2'" 1 
ATOM   969  C  "C1'" . C   A 1 45 ? -8.804  19.247  -0.357  1.00 53.53  ?  45  C   A "C1'" 1 
ATOM   970  N  N1    . C   A 1 45 ? -8.651  18.139  0.624   1.00 41.93  ?  45  C   A N1    1 
ATOM   971  C  C2    . C   A 1 45 ? -9.173  16.880  0.303   1.00 42.74  ?  45  C   A C2    1 
ATOM   972  O  O2    . C   A 1 45 ? -9.747  16.744  -0.787  1.00 41.23  ?  45  C   A O2    1 
ATOM   973  N  N3    . C   A 1 45 ? -9.054  15.845  1.175   1.00 40.91  ?  45  C   A N3    1 
ATOM   974  C  C4    . C   A 1 45 ? -8.432  16.026  2.348   1.00 37.32  ?  45  C   A C4    1 
ATOM   975  N  N4    . C   A 1 45 ? -8.324  14.990  3.190   1.00 29.67  ?  45  C   A N4    1 
ATOM   976  C  C5    . C   A 1 45 ? -7.888  17.292  2.690   1.00 36.60  ?  45  C   A C5    1 
ATOM   977  C  C6    . C   A 1 45 ? -8.019  18.299  1.819   1.00 39.28  ?  45  C   A C6    1 
ATOM   978  P  P     . U   A 1 46 ? -12.355 22.030  1.350   1.00 65.29  ?  46  U   A P     1 
ATOM   979  O  OP1   . U   A 1 46 ? -13.202 23.174  0.921   1.00 69.38  ?  46  U   A OP1   1 
ATOM   980  O  OP2   . U   A 1 46 ? -11.911 21.901  2.764   1.00 64.84  ?  46  U   A OP2   1 
ATOM   981  O  "O5'" . U   A 1 46 ? -13.141 20.692  1.007   1.00 49.06  ?  46  U   A "O5'" 1 
ATOM   982  C  "C5'" . U   A 1 46 ? -13.705 20.501  -0.280  1.00 52.46  ?  46  U   A "C5'" 1 
ATOM   983  C  "C4'" . U   A 1 46 ? -14.172 19.084  -0.463  1.00 46.76  ?  46  U   A "C4'" 1 
ATOM   984  O  "O4'" . U   A 1 46 ? -13.037 18.180  -0.385  1.00 41.84  ?  46  U   A "O4'" 1 
ATOM   985  C  "C3'" . U   A 1 46 ? -15.120 18.569  0.601   1.00 47.35  ?  46  U   A "C3'" 1 
ATOM   986  O  "O3'" . U   A 1 46 ? -16.457 19.009  0.418   1.00 53.62  ?  46  U   A "O3'" 1 
ATOM   987  C  "C2'" . U   A 1 46 ? -14.928 17.059  0.504   1.00 52.84  ?  46  U   A "C2'" 1 
ATOM   988  O  "O2'" . U   A 1 46 ? -15.622 16.522  -0.616  1.00 50.69  ?  46  U   A "O2'" 1 
ATOM   989  C  "C1'" . U   A 1 46 ? -13.428 16.971  0.231   1.00 41.31  ?  46  U   A "C1'" 1 
ATOM   990  N  N1    . U   A 1 46 ? -12.658 16.806  1.483   1.00 43.85  ?  46  U   A N1    1 
ATOM   991  C  C2    . U   A 1 46 ? -12.655 15.551  2.056   1.00 37.56  ?  46  U   A C2    1 
ATOM   992  O  O2    . U   A 1 46 ? -13.237 14.598  1.566   1.00 38.30  ?  46  U   A O2    1 
ATOM   993  N  N3    . U   A 1 46 ? -11.939 15.454  3.227   1.00 43.76  ?  46  U   A N3    1 
ATOM   994  C  C4    . U   A 1 46 ? -11.240 16.462  3.857   1.00 38.69  ?  46  U   A C4    1 
ATOM   995  O  O4    . U   A 1 46 ? -10.641 16.216  4.905   1.00 35.58  ?  46  U   A O4    1 
ATOM   996  C  C5    . U   A 1 46 ? -11.287 17.731  3.200   1.00 44.19  ?  46  U   A C5    1 
ATOM   997  C  C6    . U   A 1 46 ? -11.980 17.856  2.065   1.00 48.04  ?  46  U   A C6    1 
ATOM   998  P  P     . U   A 1 47 ? -17.398 19.305  1.688   1.00 63.88  ?  47  U   A P     1 
ATOM   999  O  OP1   . U   A 1 47 ? -18.719 19.717  1.154   1.00 62.82  ?  47  U   A OP1   1 
ATOM   1000 O  OP2   . U   A 1 47 ? -16.666 20.177  2.643   1.00 59.74  ?  47  U   A OP2   1 
ATOM   1001 O  "O5'" . U   A 1 47 ? -17.612 17.876  2.354   1.00 48.33  ?  47  U   A "O5'" 1 
ATOM   1002 C  "C5'" . U   A 1 47 ? -18.322 16.876  1.646   1.00 54.10  ?  47  U   A "C5'" 1 
ATOM   1003 C  "C4'" . U   A 1 47 ? -18.105 15.496  2.212   1.00 45.52  ?  47  U   A "C4'" 1 
ATOM   1004 O  "O4'" . U   A 1 47 ? -16.694 15.232  2.422   1.00 55.15  ?  47  U   A "O4'" 1 
ATOM   1005 C  "C3'" . U   A 1 47 ? -18.706 15.225  3.569   1.00 53.34  ?  47  U   A "C3'" 1 
ATOM   1006 O  "O3'" . U   A 1 47 ? -20.113 15.068  3.529   1.00 48.88  ?  47  U   A "O3'" 1 
ATOM   1007 C  "C2'" . U   A 1 47 ? -17.943 13.980  4.011   1.00 47.15  ?  47  U   A "C2'" 1 
ATOM   1008 O  "O2'" . U   A 1 47 ? -18.434 12.831  3.340   1.00 42.53  ?  47  U   A "O2'" 1 
ATOM   1009 C  "C1'" . U   A 1 47 ? -16.549 14.270  3.452   1.00 48.22  ?  47  U   A "C1'" 1 
ATOM   1010 N  N1    . U   A 1 47 ? -15.591 14.760  4.473   1.00 34.03  ?  47  U   A N1    1 
ATOM   1011 C  C2    . U   A 1 47 ? -15.071 13.832  5.364   1.00 37.59  ?  47  U   A C2    1 
ATOM   1012 O  O2    . U   A 1 47 ? -15.386 12.645  5.369   1.00 35.21  ?  47  U   A O2    1 
ATOM   1013 N  N3    . U   A 1 47 ? -14.174 14.358  6.265   1.00 31.50  ?  47  U   A N3    1 
ATOM   1014 C  C4    . U   A 1 47 ? -13.753 15.663  6.356   1.00 36.80  ?  47  U   A C4    1 
ATOM   1015 O  O4    . U   A 1 47 ? -12.938 15.968  7.220   1.00 44.06  ?  47  U   A O4    1 
ATOM   1016 C  C5    . U   A 1 47 ? -14.316 16.560  5.392   1.00 32.71  ?  47  U   A C5    1 
ATOM   1017 C  C6    . U   A 1 47 ? -15.194 16.076  4.507   1.00 37.58  ?  47  U   A C6    1 
ATOM   1018 P  P     . G   A 1 48 ? -20.972 15.395  4.844   1.00 57.56  ?  48  G   A P     1 
ATOM   1019 O  OP1   . G   A 1 48 ? -22.327 15.879  4.489   1.00 61.95  ?  48  G   A OP1   1 
ATOM   1020 O  OP2   . G   A 1 48 ? -20.104 16.204  5.732   1.00 42.38  ?  48  G   A OP2   1 
ATOM   1021 O  "O5'" . G   A 1 48 ? -21.142 13.968  5.503   1.00 57.79  ?  48  G   A "O5'" 1 
ATOM   1022 C  "C5'" . G   A 1 48 ? -20.870 13.787  6.872   1.00 45.81  ?  48  G   A "C5'" 1 
ATOM   1023 C  "C4'" . G   A 1 48 ? -20.245 12.449  7.139   1.00 44.26  ?  48  G   A "C4'" 1 
ATOM   1024 O  "O4'" . G   A 1 48 ? -18.845 12.472  6.749   1.00 45.22  ?  48  G   A "O4'" 1 
ATOM   1025 C  "C3'" . G   A 1 48 ? -20.231 12.077  8.608   1.00 33.31  ?  48  G   A "C3'" 1 
ATOM   1026 O  "O3'" . G   A 1 48 ? -21.432 11.430  8.987   1.00 38.05  ?  48  G   A "O3'" 1 
ATOM   1027 C  "C2'" . G   A 1 48 ? -18.993 11.202  8.747   1.00 33.59  ?  48  G   A "C2'" 1 
ATOM   1028 O  "O2'" . G   A 1 48 ? -19.283 9.873   8.338   1.00 36.92  ?  48  G   A "O2'" 1 
ATOM   1029 C  "C1'" . G   A 1 48 ? -18.053 11.838  7.724   1.00 37.17  ?  48  G   A "C1'" 1 
ATOM   1030 N  N9    . G   A 1 48 ? -17.190 12.872  8.309   1.00 26.62  ?  48  G   A N9    1 
ATOM   1031 C  C8    . G   A 1 48 ? -17.199 14.181  7.923   1.00 30.23  ?  48  G   A C8    1 
ATOM   1032 N  N7    . G   A 1 48 ? -16.335 14.922  8.558   1.00 27.25  ?  48  G   A N7    1 
ATOM   1033 C  C5    . G   A 1 48 ? -15.726 14.027  9.426   1.00 29.14  ?  48  G   A C5    1 
ATOM   1034 C  C6    . G   A 1 48 ? -14.715 14.273  10.371  1.00 26.20  ?  48  G   A C6    1 
ATOM   1035 O  O6    . G   A 1 48 ? -14.152 15.355  10.601  1.00 30.64  ?  48  G   A O6    1 
ATOM   1036 N  N1    . G   A 1 48 ? -14.366 13.105  11.047  1.00 27.46  ?  48  G   A N1    1 
ATOM   1037 C  C2    . G   A 1 48 ? -14.936 11.869  10.842  1.00 26.72  ?  48  G   A C2    1 
ATOM   1038 N  N2    . G   A 1 48 ? -14.472 10.848  11.576  1.00 28.18  ?  48  G   A N2    1 
ATOM   1039 N  N3    . G   A 1 48 ? -15.885 11.629  9.950   1.00 32.76  ?  48  G   A N3    1 
ATOM   1040 C  C4    . G   A 1 48 ? -16.231 12.756  9.288   1.00 25.32  ?  48  G   A C4    1 
ATOM   1041 P  P     . C   A 1 49 ? -22.056 11.762  10.413  1.00 40.24  ?  49  C   A P     1 
ATOM   1042 O  OP1   . C   A 1 49 ? -23.420 11.196  10.497  1.00 42.73  ?  49  C   A OP1   1 
ATOM   1043 O  OP2   . C   A 1 49 ? -21.790 13.194  10.689  1.00 32.01  ?  49  C   A OP2   1 
ATOM   1044 O  "O5'" . C   A 1 49 ? -21.110 10.959  11.414  1.00 32.47  ?  49  C   A "O5'" 1 
ATOM   1045 C  "C5'" . C   A 1 49 ? -21.066 9.544   11.435  1.00 36.18  ?  49  C   A "C5'" 1 
ATOM   1046 C  "C4'" . C   A 1 49 ? -20.034 9.089   12.433  1.00 27.85  ?  49  C   A "C4'" 1 
ATOM   1047 O  "O4'" . C   A 1 49 ? -18.733 9.557   12.004  1.00 27.47  ?  49  C   A "O4'" 1 
ATOM   1048 C  "C3'" . C   A 1 49 ? -20.183 9.680   13.825  1.00 24.59  ?  49  C   A "C3'" 1 
ATOM   1049 O  "O3'" . C   A 1 49 ? -21.144 9.004   14.603  1.00 28.89  ?  49  C   A "O3'" 1 
ATOM   1050 C  "C2'" . C   A 1 49 ? -18.772 9.574   14.367  1.00 21.50  ?  49  C   A "C2'" 1 
ATOM   1051 O  "O2'" . C   A 1 49 ? -18.498 8.226   14.694  1.00 23.99  ?  49  C   A "O2'" 1 
ATOM   1052 C  "C1'" . C   A 1 49 ? -17.956 9.908   13.124  1.00 28.68  ?  49  C   A "C1'" 1 
ATOM   1053 N  N1    . C   A 1 49 ? -17.598 11.336  13.030  1.00 23.53  ?  49  C   A N1    1 
ATOM   1054 C  C2    . C   A 1 49 ? -16.565 11.796  13.842  1.00 21.49  ?  49  C   A C2    1 
ATOM   1055 O  O2    . C   A 1 49 ? -16.025 10.981  14.613  1.00 25.38  ?  49  C   A O2    1 
ATOM   1056 N  N3    . C   A 1 49 ? -16.199 13.093  13.772  1.00 25.57  ?  49  C   A N3    1 
ATOM   1057 C  C4    . C   A 1 49 ? -16.814 13.919  12.928  1.00 21.58  ?  49  C   A C4    1 
ATOM   1058 N  N4    . C   A 1 49 ? -16.420 15.193  12.910  1.00 24.05  ?  49  C   A N4    1 
ATOM   1059 C  C5    . C   A 1 49 ? -17.883 13.488  12.112  1.00 23.58  ?  49  C   A C5    1 
ATOM   1060 C  C6    . C   A 1 49 ? -18.242 12.197  12.185  1.00 25.31  ?  49  C   A C6    1 
ATOM   1061 P  P     . C   A 1 50 ? -21.936 9.783   15.762  1.00 28.47  ?  50  C   A P     1 
ATOM   1062 O  OP1   . C   A 1 50 ? -22.962 8.835   16.232  1.00 26.39  ?  50  C   A OP1   1 
ATOM   1063 O  OP2   . C   A 1 50 ? -22.268 11.149  15.309  1.00 24.45  ?  50  C   A OP2   1 
ATOM   1064 O  "O5'" . C   A 1 50 ? -20.808 10.064  16.860  1.00 26.08  ?  50  C   A "O5'" 1 
ATOM   1065 C  "C5'" . C   A 1 50 ? -20.278 9.022   17.663  1.00 23.07  ?  50  C   A "C5'" 1 
ATOM   1066 C  "C4'" . C   A 1 50 ? -19.514 9.603   18.831  1.00 16.70  ?  50  C   A "C4'" 1 
ATOM   1067 O  "O4'" . C   A 1 50 ? -18.263 10.160  18.389  1.00 20.78  ?  50  C   A "O4'" 1 
ATOM   1068 C  "C3'" . C   A 1 50 ? -20.191 10.763  19.529  1.00 20.59  ?  50  C   A "C3'" 1 
ATOM   1069 O  "O3'" . C   A 1 50 ? -21.206 10.325  20.400  1.00 25.76  ?  50  C   A "O3'" 1 
ATOM   1070 C  "C2'" . C   A 1 50 ? -19.023 11.448  20.228  1.00 19.29  ?  50  C   A "C2'" 1 
ATOM   1071 O  "O2'" . C   A 1 50 ? -18.667 10.725  21.402  1.00 26.04  ?  50  C   A "O2'" 1 
ATOM   1072 C  "C1'" . C   A 1 50 ? -17.910 11.263  19.186  1.00 18.31  ?  50  C   A "C1'" 1 
ATOM   1073 N  N1    . C   A 1 50 ? -17.768 12.447  18.312  1.00 22.79  ?  50  C   A N1    1 
ATOM   1074 C  C2    . C   A 1 50 ? -16.939 13.485  18.723  1.00 24.48  ?  50  C   A C2    1 
ATOM   1075 O  O2    . C   A 1 50 ? -16.320 13.341  19.796  1.00 24.39  ?  50  C   A O2    1 
ATOM   1076 N  N3    . C   A 1 50 ? -16.830 14.599  17.945  1.00 22.12  ?  50  C   A N3    1 
ATOM   1077 C  C4    . C   A 1 50 ? -17.539 14.676  16.813  1.00 23.61  ?  50  C   A C4    1 
ATOM   1078 N  N4    . C   A 1 50 ? -17.430 15.759  16.051  1.00 20.86  ?  50  C   A N4    1 
ATOM   1079 C  C5    . C   A 1 50 ? -18.415 13.633  16.391  1.00 28.01  ?  50  C   A C5    1 
ATOM   1080 C  C6    . C   A 1 50 ? -18.504 12.549  17.167  1.00 24.63  ?  50  C   A C6    1 
ATOM   1081 P  P     . G   A 1 51 ? -22.418 11.312  20.765  1.00 25.16  ?  51  G   A P     1 
ATOM   1082 O  OP1   . G   A 1 51 ? -23.561 10.427  20.984  1.00 19.78  ?  51  G   A OP1   1 
ATOM   1083 O  OP2   . G   A 1 51 ? -22.467 12.467  19.850  1.00 23.20  ?  51  G   A OP2   1 
ATOM   1084 O  "O5'" . G   A 1 51 ? -21.946 11.886  22.170  1.00 19.89  ?  51  G   A "O5'" 1 
ATOM   1085 C  "C5'" . G   A 1 51 ? -21.686 10.965  23.223  1.00 21.64  ?  51  G   A "C5'" 1 
ATOM   1086 C  "C4'" . G   A 1 51 ? -21.191 11.708  24.417  1.00 19.61  ?  51  G   A "C4'" 1 
ATOM   1087 O  "O4'" . G   A 1 51 ? -19.900 12.318  24.101  1.00 19.27  ?  51  G   A "O4'" 1 
ATOM   1088 C  "C3'" . G   A 1 51 ? -22.117 12.859  24.846  1.00 19.94  ?  51  G   A "C3'" 1 
ATOM   1089 O  "O3'" . G   A 1 51 ? -22.148 12.929  26.265  1.00 21.04  ?  51  G   A "O3'" 1 
ATOM   1090 C  "C2'" . G   A 1 51 ? -21.398 14.084  24.312  1.00 16.48  ?  51  G   A "C2'" 1 
ATOM   1091 O  "O2'" . G   A 1 51 ? -21.691 15.299  24.974  1.00 21.01  ?  51  G   A "O2'" 1 
ATOM   1092 C  "C1'" . G   A 1 51 ? -19.941 13.654  24.520  1.00 16.97  ?  51  G   A "C1'" 1 
ATOM   1093 N  N9    . G   A 1 51 ? -18.974 14.506  23.841  1.00 22.15  ?  51  G   A N9    1 
ATOM   1094 C  C8    . G   A 1 51 ? -17.952 15.159  24.469  1.00 18.93  ?  51  G   A C8    1 
ATOM   1095 N  N7    . G   A 1 51 ? -17.287 15.948  23.687  1.00 19.45  ?  51  G   A N7    1 
ATOM   1096 C  C5    . G   A 1 51 ? -17.956 15.823  22.488  1.00 19.26  ?  51  G   A C5    1 
ATOM   1097 C  C6    . G   A 1 51 ? -17.691 16.456  21.257  1.00 21.09  ?  51  G   A C6    1 
ATOM   1098 O  O6    . G   A 1 51 ? -16.808 17.252  21.036  1.00 21.68  ?  51  G   A O6    1 
ATOM   1099 N  N1    . G   A 1 51 ? -18.590 16.066  20.274  1.00 20.69  ?  51  G   A N1    1 
ATOM   1100 C  C2    . G   A 1 51 ? -19.616 15.183  20.453  1.00 21.32  ?  51  G   A C2    1 
ATOM   1101 N  N2    . G   A 1 51 ? -20.365 14.926  19.379  1.00 21.01  ?  51  G   A N2    1 
ATOM   1102 N  N3    . G   A 1 51 ? -19.881 14.576  21.598  1.00 18.31  ?  51  G   A N3    1 
ATOM   1103 C  C4    . G   A 1 51 ? -19.004 14.953  22.554  1.00 20.87  ?  51  G   A C4    1 
ATOM   1104 P  P     . C   A 1 52 ? -23.433 12.404  27.055  1.00 22.63  ?  52  C   A P     1 
ATOM   1105 O  OP1   . C   A 1 52 ? -23.106 12.632  28.471  1.00 24.09  ?  52  C   A OP1   1 
ATOM   1106 O  OP2   . C   A 1 52 ? -23.853 11.098  26.501  1.00 20.76  ?  52  C   A OP2   1 
ATOM   1107 O  "O5'" . C   A 1 52 ? -24.564 13.441  26.627  1.00 19.80  ?  52  C   A "O5'" 1 
ATOM   1108 C  "C5'" . C   A 1 52 ? -24.937 14.495  27.485  1.00 18.63  ?  52  C   A "C5'" 1 
ATOM   1109 C  "C4'" . C   A 1 52 ? -25.988 15.364  26.839  1.00 22.94  ?  52  C   A "C4'" 1 
ATOM   1110 O  "O4'" . C   A 1 52 ? -25.375 16.182  25.824  1.00 23.80  ?  52  C   A "O4'" 1 
ATOM   1111 C  "C3'" . C   A 1 52 ? -27.107 14.649  26.104  1.00 21.45  ?  52  C   A "C3'" 1 
ATOM   1112 O  "O3'" . C   A 1 52 ? -28.105 14.203  26.997  1.00 21.99  ?  52  C   A "O3'" 1 
ATOM   1113 C  "C2'" . C   A 1 52 ? -27.601 15.720  25.138  1.00 26.87  ?  52  C   A "C2'" 1 
ATOM   1114 O  "O2'" . C   A 1 52 ? -28.425 16.669  25.827  1.00 31.42  ?  52  C   A "O2'" 1 
ATOM   1115 C  "C1'" . C   A 1 52 ? -26.295 16.422  24.779  1.00 23.20  ?  52  C   A "C1'" 1 
ATOM   1116 N  N1    . C   A 1 52 ? -25.698 15.928  23.512  1.00 23.67  ?  52  C   A N1    1 
ATOM   1117 C  C2    . C   A 1 52 ? -25.928 16.693  22.370  1.00 29.74  ?  52  C   A C2    1 
ATOM   1118 O  O2    . C   A 1 52 ? -26.608 17.717  22.467  1.00 18.87  ?  52  C   A O2    1 
ATOM   1119 N  N3    . C   A 1 52 ? -25.379 16.300  21.211  1.00 20.36  ?  52  C   A N3    1 
ATOM   1120 C  C4    . C   A 1 52 ? -24.634 15.190  21.141  1.00 28.96  ?  52  C   A C4    1 
ATOM   1121 N  N4    . C   A 1 52 ? -24.117 14.851  19.948  1.00 23.64  ?  52  C   A N4    1 
ATOM   1122 C  C5    . C   A 1 52 ? -24.380 14.387  22.289  1.00 21.86  ?  52  C   A C5    1 
ATOM   1123 C  C6    . C   A 1 52 ? -24.924 14.801  23.443  1.00 21.51  ?  52  C   A C6    1 
ATOM   1124 P  P     . C   A 1 53 ? -28.910 12.850  26.725  1.00 28.20  ?  53  C   A P     1 
ATOM   1125 O  OP1   . C   A 1 53 ? -29.832 12.624  27.880  1.00 25.71  ?  53  C   A OP1   1 
ATOM   1126 O  OP2   . C   A 1 53 ? -27.995 11.763  26.356  1.00 27.65  ?  53  C   A OP2   1 
ATOM   1127 O  "O5'" . C   A 1 53 ? -29.776 13.179  25.437  1.00 24.37  ?  53  C   A "O5'" 1 
ATOM   1128 C  "C5'" . C   A 1 53 ? -30.582 12.165  24.862  1.00 28.98  ?  53  C   A "C5'" 1 
ATOM   1129 C  "C4'" . C   A 1 53 ? -31.948 12.690  24.537  1.00 31.19  ?  53  C   A "C4'" 1 
ATOM   1130 O  "O4'" . C   A 1 53 ? -32.638 13.096  25.754  1.00 32.73  ?  53  C   A "O4'" 1 
ATOM   1131 C  "C3'" . C   A 1 53 ? -31.974 13.941  23.678  1.00 21.10  ?  53  C   A "C3'" 1 
ATOM   1132 O  "O3'" . C   A 1 53 ? -31.753 13.662  22.305  1.00 30.56  ?  53  C   A "O3'" 1 
ATOM   1133 C  "C2'" . C   A 1 53 ? -33.358 14.495  23.976  1.00 26.28  ?  53  C   A "C2'" 1 
ATOM   1134 O  "O2'" . C   A 1 53 ? -34.340 13.736  23.283  1.00 32.22  ?  53  C   A "O2'" 1 
ATOM   1135 C  "C1'" . C   A 1 53 ? -33.483 14.197  25.472  1.00 27.52  ?  53  C   A "C1'" 1 
ATOM   1136 N  N1    . C   A 1 53 ? -33.054 15.368  26.281  1.00 28.26  ?  53  C   A N1    1 
ATOM   1137 C  C2    . C   A 1 53 ? -33.901 16.485  26.292  1.00 28.35  ?  53  C   A C2    1 
ATOM   1138 O  O2    . C   A 1 53 ? -34.976 16.403  25.675  1.00 28.48  ?  53  C   A O2    1 
ATOM   1139 N  N3    . C   A 1 53 ? -33.551 17.598  26.972  1.00 24.15  ?  53  C   A N3    1 
ATOM   1140 C  C4    . C   A 1 53 ? -32.404 17.629  27.641  1.00 19.50  ?  53  C   A C4    1 
ATOM   1141 N  N4    . C   A 1 53 ? -32.085 18.733  28.316  1.00 18.37  ?  53  C   A N4    1 
ATOM   1142 C  C5    . C   A 1 53 ? -31.504 16.523  27.620  1.00 19.49  ?  53  C   A C5    1 
ATOM   1143 C  C6    . C   A 1 53 ? -31.859 15.423  26.941  1.00 23.91  ?  53  C   A C6    1 
ATOM   1144 P  P     . C   A 1 54 ? -30.964 14.701  21.377  1.00 30.27  ?  54  C   A P     1 
ATOM   1145 O  OP1   . C   A 1 54 ? -30.865 14.099  20.020  1.00 37.14  ?  54  C   A OP1   1 
ATOM   1146 O  OP2   . C   A 1 54 ? -29.740 15.203  22.035  1.00 28.92  ?  54  C   A OP2   1 
ATOM   1147 O  "O5'" . C   A 1 54 ? -31.938 15.966  21.323  1.00 29.37  ?  54  C   A "O5'" 1 
ATOM   1148 C  "C5'" . C   A 1 54 ? -33.268 15.875  20.831  1.00 35.54  ?  54  C   A "C5'" 1 
ATOM   1149 C  "C4'" . C   A 1 54 ? -33.983 17.192  21.011  1.00 28.36  ?  54  C   A "C4'" 1 
ATOM   1150 O  "O4'" . C   A 1 54 ? -34.208 17.450  22.428  1.00 27.12  ?  54  C   A "O4'" 1 
ATOM   1151 C  "C3'" . C   A 1 54 ? -33.213 18.414  20.547  1.00 23.66  ?  54  C   A "C3'" 1 
ATOM   1152 O  "O3'" . C   A 1 54 ? -33.257 18.617  19.150  1.00 28.83  ?  54  C   A "O3'" 1 
ATOM   1153 C  "C2'" . C   A 1 54 ? -33.866 19.531  21.336  1.00 29.48  ?  54  C   A "C2'" 1 
ATOM   1154 O  "O2'" . C   A 1 54 ? -35.141 19.835  20.771  1.00 28.26  ?  54  C   A "O2'" 1 
ATOM   1155 C  "C1'" . C   A 1 54 ? -34.076 18.835  22.686  1.00 23.27  ?  54  C   A "C1'" 1 
ATOM   1156 N  N1    . C   A 1 54 ? -32.920 19.038  23.595  1.00 29.38  ?  54  C   A N1    1 
ATOM   1157 C  C2    . C   A 1 54 ? -32.792 20.252  24.281  1.00 22.67  ?  54  C   A C2    1 
ATOM   1158 O  O2    . C   A 1 54 ? -33.643 21.132  24.106  1.00 26.91  ?  54  C   A O2    1 
ATOM   1159 N  N3    . C   A 1 54 ? -31.738 20.463  25.112  1.00 22.60  ?  54  C   A N3    1 
ATOM   1160 C  C4    . C   A 1 54 ? -30.825 19.495  25.288  1.00 22.60  ?  54  C   A C4    1 
ATOM   1161 N  N4    . C   A 1 54 ? -29.824 19.744  26.121  1.00 18.71  ?  54  C   A N4    1 
ATOM   1162 C  C5    . C   A 1 54 ? -30.916 18.249  24.597  1.00 21.21  ?  54  C   A C5    1 
ATOM   1163 C  C6    . C   A 1 54 ? -31.961 18.063  23.770  1.00 29.06  ?  54  C   A C6    1 
ATOM   1164 P  P     . G   A 1 55 ? -32.040 19.354  18.434  1.00 30.71  ?  55  G   A P     1 
ATOM   1165 O  OP1   . G   A 1 55 ? -32.333 19.142  16.990  1.00 35.92  ?  55  G   A OP1   1 
ATOM   1166 O  OP2   . G   A 1 55 ? -30.714 18.902  18.982  1.00 33.80  ?  55  G   A OP2   1 
ATOM   1167 O  "O5'" . G   A 1 55 ? -32.160 20.894  18.829  1.00 29.37  ?  55  G   A "O5'" 1 
ATOM   1168 C  "C5'" . G   A 1 55 ? -33.313 21.652  18.464  1.00 32.85  ?  55  G   A "C5'" 1 
ATOM   1169 C  "C4'" . G   A 1 55 ? -33.282 23.063  19.004  1.00 31.65  ?  55  G   A "C4'" 1 
ATOM   1170 O  "O4'" . G   A 1 55 ? -33.395 23.063  20.453  1.00 26.51  ?  55  G   A "O4'" 1 
ATOM   1171 C  "C3'" . G   A 1 55 ? -32.027 23.874  18.735  1.00 26.77  ?  55  G   A "C3'" 1 
ATOM   1172 O  "O3'" . G   A 1 55 ? -31.980 24.401  17.412  1.00 37.54  ?  55  G   A "O3'" 1 
ATOM   1173 C  "C2'" . G   A 1 55 ? -32.109 24.953  19.806  1.00 28.71  ?  55  G   A "C2'" 1 
ATOM   1174 O  "O2'" . G   A 1 55 ? -33.069 25.945  19.437  1.00 24.98  ?  55  G   A "O2'" 1 
ATOM   1175 C  "C1'" . G   A 1 55 ? -32.671 24.156  20.982  1.00 26.56  ?  55  G   A "C1'" 1 
ATOM   1176 N  N9    . G   A 1 55 ? -31.617 23.614  21.878  1.00 24.73  ?  55  G   A N9    1 
ATOM   1177 C  C8    . G   A 1 55 ? -31.193 22.306  21.918  1.00 34.97  ?  55  G   A C8    1 
ATOM   1178 N  N7    . G   A 1 55 ? -30.267 22.061  22.810  1.00 25.77  ?  55  G   A N7    1 
ATOM   1179 C  C5    . G   A 1 55 ? -30.075 23.288  23.428  1.00 25.23  ?  55  G   A C5    1 
ATOM   1180 C  C6    . G   A 1 55 ? -29.217 23.653  24.493  1.00 26.61  ?  55  G   A C6    1 
ATOM   1181 O  O6    . G   A 1 55 ? -28.400 22.980  25.139  1.00 22.50  ?  55  G   A O6    1 
ATOM   1182 N  N1    . G   A 1 55 ? -29.356 24.992  24.813  1.00 22.75  ?  55  G   A N1    1 
ATOM   1183 C  C2    . G   A 1 55 ? -30.215 25.867  24.189  1.00 18.69  ?  55  G   A C2    1 
ATOM   1184 N  N2    . G   A 1 55 ? -30.162 27.126  24.627  1.00 23.31  ?  55  G   A N2    1 
ATOM   1185 N  N3    . G   A 1 55 ? -31.018 25.537  23.203  1.00 21.83  ?  55  G   A N3    1 
ATOM   1186 C  C4    . G   A 1 55 ? -30.910 24.248  22.867  1.00 22.41  ?  55  G   A C4    1 
ATOM   1187 P  P     . C   A 1 56 ? -30.584 24.568  16.618  1.00 36.58  ?  56  C   A P     1 
ATOM   1188 O  OP1   . C   A 1 56 ? -30.939 25.029  15.249  1.00 31.10  ?  56  C   A OP1   1 
ATOM   1189 O  OP2   . C   A 1 56 ? -29.759 23.349  16.754  1.00 35.13  ?  56  C   A OP2   1 
ATOM   1190 O  "O5'" . C   A 1 56 ? -29.819 25.740  17.368  1.00 29.36  ?  56  C   A "O5'" 1 
ATOM   1191 C  "C5'" . C   A 1 56 ? -30.373 27.049  17.417  1.00 31.38  ?  56  C   A "C5'" 1 
ATOM   1192 C  "C4'" . C   A 1 56 ? -29.679 27.908  18.443  1.00 32.97  ?  56  C   A "C4'" 1 
ATOM   1193 O  "O4'" . C   A 1 56 ? -29.922 27.388  19.777  1.00 28.35  ?  56  C   A "O4'" 1 
ATOM   1194 C  "C3'" . C   A 1 56 ? -28.168 27.966  18.364  1.00 35.22  ?  56  C   A "C3'" 1 
ATOM   1195 O  "O3'" . C   A 1 56 ? -27.677 28.822  17.348  1.00 41.20  ?  56  C   A "O3'" 1 
ATOM   1196 C  "C2'" . C   A 1 56 ? -27.793 28.422  19.759  1.00 30.98  ?  56  C   A "C2'" 1 
ATOM   1197 O  "O2'" . C   A 1 56 ? -28.018 29.813  19.915  1.00 34.41  ?  56  C   A "O2'" 1 
ATOM   1198 C  "C1'" . C   A 1 56 ? -28.809 27.661  20.600  1.00 28.21  ?  56  C   A "C1'" 1 
ATOM   1199 N  N1    . C   A 1 56 ? -28.241 26.380  21.070  1.00 24.76  ?  56  C   A N1    1 
ATOM   1200 C  C2    . C   A 1 56 ? -27.468 26.437  22.219  1.00 27.14  ?  56  C   A C2    1 
ATOM   1201 O  O2    . C   A 1 56 ? -27.292 27.545  22.749  1.00 20.33  ?  56  C   A O2    1 
ATOM   1202 N  N3    . C   A 1 56 ? -26.893 25.288  22.677  1.00 25.17  ?  56  C   A N3    1 
ATOM   1203 C  C4    . C   A 1 56 ? -27.107 24.127  22.055  1.00 22.72  ?  56  C   A C4    1 
ATOM   1204 N  N4    . C   A 1 56 ? -26.537 23.023  22.582  1.00 24.21  ?  56  C   A N4    1 
ATOM   1205 C  C5    . C   A 1 56 ? -27.928 24.039  20.877  1.00 26.80  ?  56  C   A C5    1 
ATOM   1206 C  C6    . C   A 1 56 ? -28.472 25.189  20.424  1.00 25.05  ?  56  C   A C6    1 
ATOM   1207 P  P     . C   A 1 57 ? -26.265 28.485  16.662  1.00 38.64  ?  57  C   A P     1 
ATOM   1208 O  OP1   . C   A 1 57 ? -26.092 29.452  15.549  1.00 57.65  ?  57  C   A OP1   1 
ATOM   1209 O  OP2   . C   A 1 57 ? -26.197 27.027  16.400  1.00 39.88  ?  57  C   A OP2   1 
ATOM   1210 O  "O5'" . C   A 1 57 ? -25.189 28.813  17.784  1.00 35.52  ?  57  C   A "O5'" 1 
ATOM   1211 C  "C5'" . C   A 1 57 ? -25.061 30.115  18.312  1.00 27.26  ?  57  C   A "C5'" 1 
ATOM   1212 C  "C4'" . C   A 1 57 ? -24.317 30.112  19.621  1.00 31.10  ?  57  C   A "C4'" 1 
ATOM   1213 O  "O4'" . C   A 1 57 ? -24.886 29.139  20.550  1.00 32.14  ?  57  C   A "O4'" 1 
ATOM   1214 C  "C3'" . C   A 1 57 ? -22.845 29.734  19.577  1.00 34.13  ?  57  C   A "C3'" 1 
ATOM   1215 O  "O3'" . C   A 1 57 ? -22.002 30.768  19.083  1.00 40.08  ?  57  C   A "O3'" 1 
ATOM   1216 C  "C2'" . C   A 1 57 ? -22.575 29.393  21.035  1.00 27.26  ?  57  C   A "C2'" 1 
ATOM   1217 O  "O2'" . C   A 1 57 ? -22.535 30.580  21.815  1.00 34.65  ?  57  C   A "O2'" 1 
ATOM   1218 C  "C1'" . C   A 1 57 ? -23.862 28.668  21.414  1.00 32.52  ?  57  C   A "C1'" 1 
ATOM   1219 N  N1    . C   A 1 57 ? -23.741 27.189  21.333  1.00 22.62  ?  57  C   A N1    1 
ATOM   1220 C  C2    . C   A 1 57 ? -23.035 26.532  22.354  1.00 20.51  ?  57  C   A C2    1 
ATOM   1221 O  O2    . C   A 1 57 ? -22.505 27.208  23.269  1.00 24.63  ?  57  C   A O2    1 
ATOM   1222 N  N3    . C   A 1 57 ? -22.948 25.180  22.307  1.00 20.66  ?  57  C   A N3    1 
ATOM   1223 C  C4    . C   A 1 57 ? -23.519 24.479  21.331  1.00 21.18  ?  57  C   A C4    1 
ATOM   1224 N  N4    . C   A 1 57 ? -23.416 23.141  21.324  1.00 20.40  ?  57  C   A N4    1 
ATOM   1225 C  C5    . C   A 1 57 ? -24.244 25.127  20.287  1.00 25.32  ?  57  C   A C5    1 
ATOM   1226 C  C6    . C   A 1 57 ? -24.330 26.461  20.341  1.00 26.73  ?  57  C   A C6    1 
ATOM   1227 P  P     . U   A 1 58 ? -20.752 30.423  18.123  1.00 36.00  ?  58  U   A P     1 
ATOM   1228 O  OP1   . U   A 1 58 ? -20.290 31.691  17.514  1.00 49.70  ?  58  U   A OP1   1 
ATOM   1229 O  OP2   . U   A 1 58 ? -21.079 29.237  17.297  1.00 36.19  ?  58  U   A OP2   1 
ATOM   1230 O  "O5'" . U   A 1 58 ? -19.595 29.946  19.096  1.00 28.99  ?  58  U   A "O5'" 1 
ATOM   1231 C  "C5'" . U   A 1 58 ? -19.045 30.818  20.061  1.00 29.41  ?  58  U   A "C5'" 1 
ATOM   1232 C  "C4'" . U   A 1 58 ? -18.281 30.059  21.108  1.00 33.49  ?  58  U   A "C4'" 1 
ATOM   1233 O  "O4'" . U   A 1 58 ? -19.161 29.143  21.818  1.00 32.81  ?  58  U   A "O4'" 1 
ATOM   1234 C  "C3'" . U   A 1 58 ? -17.162 29.153  20.614  1.00 26.93  ?  58  U   A "C3'" 1 
ATOM   1235 O  "O3'" . U   A 1 58 ? -15.982 29.846  20.254  1.00 42.23  ?  58  U   A "O3'" 1 
ATOM   1236 C  "C2'" . U   A 1 58 ? -16.957 28.236  21.801  1.00 24.67  ?  58  U   A "C2'" 1 
ATOM   1237 O  "O2'" . U   A 1 58 ? -16.242 28.931  22.811  1.00 34.80  ?  58  U   A "O2'" 1 
ATOM   1238 C  "C1'" . U   A 1 58 ? -18.410 28.032  22.270  1.00 17.57  ?  58  U   A "C1'" 1 
ATOM   1239 N  N1    . U   A 1 58 ? -18.996 26.807  21.712  1.00 19.22  ?  58  U   A N1    1 
ATOM   1240 C  C2    . U   A 1 58 ? -18.616 25.658  22.377  1.00 20.57  ?  58  U   A C2    1 
ATOM   1241 O  O2    . U   A 1 58 ? -17.872 25.678  23.348  1.00 24.67  ?  58  U   A O2    1 
ATOM   1242 N  N3    . U   A 1 58 ? -19.151 24.541  21.847  1.00 21.63  ?  58  U   A N3    1 
ATOM   1243 C  C4    . U   A 1 58 ? -20.014 24.448  20.773  1.00 23.32  ?  58  U   A C4    1 
ATOM   1244 O  O4    . U   A 1 58 ? -20.413 23.357  20.405  1.00 25.63  ?  58  U   A O4    1 
ATOM   1245 C  C5    . U   A 1 58 ? -20.356 25.684  20.133  1.00 31.44  ?  58  U   A C5    1 
ATOM   1246 C  C6    . U   A 1 58 ? -19.829 26.793  20.630  1.00 23.91  ?  58  U   A C6    1 
ATOM   1247 P  P     . G   A 1 59 ? -15.038 29.223  19.117  1.00 30.43  ?  59  G   A P     1 
ATOM   1248 O  OP1   . G   A 1 59 ? -13.943 30.227  18.850  1.00 31.82  ?  59  G   A OP1   1 
ATOM   1249 O  OP2   . G   A 1 59 ? -15.952 28.765  18.043  1.00 26.59  ?  59  G   A OP2   1 
ATOM   1250 O  "O5'" . G   A 1 59 ? -14.400 27.903  19.764  1.00 29.63  ?  59  G   A "O5'" 1 
ATOM   1251 C  "C5'" . G   A 1 59 ? -13.341 27.969  20.718  1.00 38.73  ?  59  G   A "C5'" 1 
ATOM   1252 C  "C4'" . G   A 1 59 ? -13.087 26.660  21.461  1.00 47.41  ?  59  G   A "C4'" 1 
ATOM   1253 O  "O4'" . G   A 1 59 ? -14.324 26.123  22.029  1.00 42.52  ?  59  G   A "O4'" 1 
ATOM   1254 C  "C3'" . G   A 1 59 ? -12.529 25.458  20.697  1.00 37.27  ?  59  G   A "C3'" 1 
ATOM   1255 O  "O3'" . G   A 1 59 ? -11.168 25.526  20.296  1.00 53.63  ?  59  G   A "O3'" 1 
ATOM   1256 C  "C2'" . G   A 1 59 ? -12.817 24.329  21.678  1.00 30.39  ?  59  G   A "C2'" 1 
ATOM   1257 O  "O2'" . G   A 1 59 ? -11.974 24.439  22.822  1.00 31.23  ?  59  G   A "O2'" 1 
ATOM   1258 C  "C1'" . G   A 1 59 ? -14.226 24.704  22.109  1.00 28.32  ?  59  G   A "C1'" 1 
ATOM   1259 N  N9    . G   A 1 59 ? -15.209 24.070  21.212  1.00 23.04  ?  59  G   A N9    1 
ATOM   1260 C  C8    . G   A 1 59 ? -16.005 24.583  20.226  1.00 30.21  ?  59  G   A C8    1 
ATOM   1261 N  N7    . G   A 1 59 ? -16.755 23.679  19.642  1.00 26.32  ?  59  G   A N7    1 
ATOM   1262 C  C5    . G   A 1 59 ? -16.430 22.493  20.275  1.00 23.70  ?  59  G   A C5    1 
ATOM   1263 C  C6    . G   A 1 59 ? -16.906 21.173  20.080  1.00 26.32  ?  59  G   A C6    1 
ATOM   1264 O  O6    . G   A 1 59 ? -17.750 20.763  19.292  1.00 24.87  ?  59  G   A O6    1 
ATOM   1265 N  N1    . G   A 1 59 ? -16.298 20.250  20.952  1.00 25.05  ?  59  G   A N1    1 
ATOM   1266 C  C2    . G   A 1 59 ? -15.347 20.598  21.880  1.00 18.63  ?  59  G   A C2    1 
ATOM   1267 N  N2    . G   A 1 59 ? -14.839 19.636  22.657  1.00 20.45  ?  59  G   A N2    1 
ATOM   1268 N  N3    . G   A 1 59 ? -14.904 21.825  22.071  1.00 32.17  ?  59  G   A N3    1 
ATOM   1269 C  C4    . G   A 1 59 ? -15.480 22.717  21.231  1.00 29.08  ?  59  G   A C4    1 
ATOM   1270 P  P     . G   A 1 60 ? -10.650 24.587  19.078  1.00 51.48  ?  60  G   A P     1 
ATOM   1271 O  OP1   . G   A 1 60 ? -9.267  25.028  18.805  1.00 46.92  ?  60  G   A OP1   1 
ATOM   1272 O  OP2   . G   A 1 60 ? -11.613 24.483  17.959  1.00 49.78  ?  60  G   A OP2   1 
ATOM   1273 O  "O5'" . G   A 1 60 ? -10.650 23.109  19.674  1.00 43.69  ?  60  G   A "O5'" 1 
ATOM   1274 C  "C5'" . G   A 1 60 ? -9.772  22.748  20.720  1.00 34.84  ?  60  G   A "C5'" 1 
ATOM   1275 C  "C4'" . G   A 1 60 ? -10.061 21.366  21.249  1.00 29.63  ?  60  G   A "C4'" 1 
ATOM   1276 O  "O4'" . G   A 1 60 ? -11.487 21.149  21.457  1.00 26.43  ?  60  G   A "O4'" 1 
ATOM   1277 C  "C3'" . G   A 1 60 ? -9.654  20.180  20.395  1.00 24.49  ?  60  G   A "C3'" 1 
ATOM   1278 O  "O3'" . G   A 1 60 ? -8.257  19.941  20.402  1.00 34.53  ?  60  G   A "O3'" 1 
ATOM   1279 C  "C2'" . G   A 1 60 ? -10.447 19.066  21.055  1.00 22.50  ?  60  G   A "C2'" 1 
ATOM   1280 O  "O2'" . G   A 1 60 ? -9.886  18.799  22.323  1.00 24.70  ?  60  G   A "O2'" 1 
ATOM   1281 C  "C1'" . G   A 1 60 ? -11.779 19.775  21.304  1.00 19.58  ?  60  G   A "C1'" 1 
ATOM   1282 N  N9    . G   A 1 60 ? -12.698 19.608  20.167  1.00 22.23  ?  60  G   A N9    1 
ATOM   1283 C  C8    . G   A 1 60 ? -13.001 20.540  19.222  1.00 26.65  ?  60  G   A C8    1 
ATOM   1284 N  N7    . G   A 1 60 ? -13.860 20.119  18.345  1.00 21.23  ?  60  G   A N7    1 
ATOM   1285 C  C5    . G   A 1 60 ? -14.137 18.821  18.709  1.00 20.76  ?  60  G   A C5    1 
ATOM   1286 C  C6    . G   A 1 60 ? -14.994 17.859  18.113  1.00 23.04  ?  60  G   A C6    1 
ATOM   1287 O  O6    . G   A 1 60 ? -15.724 17.948  17.117  1.00 18.41  ?  60  G   A O6    1 
ATOM   1288 N  N1    . G   A 1 60 ? -14.979 16.664  18.821  1.00 20.16  ?  60  G   A N1    1 
ATOM   1289 C  C2    . G   A 1 60 ? -14.239 16.425  19.962  1.00 16.93  ?  60  G   A C2    1 
ATOM   1290 N  N2    . G   A 1 60 ? -14.375 15.218  20.500  1.00 20.71  ?  60  G   A N2    1 
ATOM   1291 N  N3    . G   A 1 60 ? -13.433 17.311  20.513  1.00 20.88  ?  60  G   A N3    1 
ATOM   1292 C  C4    . G   A 1 60 ? -13.425 18.482  19.839  1.00 18.47  ?  60  G   A C4    1 
ATOM   1293 P  P     . G   A 1 61 ? -7.566  19.196  19.160  1.00 34.58  ?  61  G   A P     1 
ATOM   1294 O  OP1   . G   A 1 61 ? -6.116  19.115  19.466  1.00 35.58  ?  61  G   A OP1   1 
ATOM   1295 O  OP2   . G   A 1 61 ? -8.093  19.787  17.916  1.00 29.44  ?  61  G   A OP2   1 
ATOM   1296 O  "O5'" . G   A 1 61 ? -8.194  17.733  19.132  1.00 31.73  ?  61  G   A "O5'" 1 
ATOM   1297 C  "C5'" . G   A 1 61 ? -7.863  16.784  20.118  1.00 32.45  ?  61  G   A "C5'" 1 
ATOM   1298 C  "C4'" . G   A 1 61 ? -8.745  15.564  20.057  1.00 33.25  ?  61  G   A "C4'" 1 
ATOM   1299 O  "O4'" . G   A 1 61 ? -10.154 15.925  20.013  1.00 32.22  ?  61  G   A "O4'" 1 
ATOM   1300 C  "C3'" . G   A 1 61 ? -8.593  14.636  18.869  1.00 30.50  ?  61  G   A "C3'" 1 
ATOM   1301 O  "O3'" . G   A 1 61 ? -7.416  13.855  18.927  1.00 37.00  ?  61  G   A "O3'" 1 
ATOM   1302 C  "C2'" . G   A 1 61 ? -9.865  13.804  18.982  1.00 24.79  ?  61  G   A "C2'" 1 
ATOM   1303 O  "O2'" . G   A 1 61 ? -9.733  12.872  20.042  1.00 30.91  ?  61  G   A "O2'" 1 
ATOM   1304 C  "C1'" . G   A 1 61 ? -10.879 14.873  19.401  1.00 24.19  ?  61  G   A "C1'" 1 
ATOM   1305 N  N9    . G   A 1 61 ? -11.584 15.412  18.232  1.00 25.23  ?  61  G   A N9    1 
ATOM   1306 C  C8    . G   A 1 61 ? -11.406 16.664  17.700  1.00 23.80  ?  61  G   A C8    1 
ATOM   1307 N  N7    . G   A 1 61 ? -12.159 16.855  16.658  1.00 28.77  ?  61  G   A N7    1 
ATOM   1308 C  C5    . G   A 1 61 ? -12.853 15.661  16.491  1.00 25.42  ?  61  G   A C5    1 
ATOM   1309 C  C6    . G   A 1 61 ? -13.806 15.275  15.525  1.00 26.04  ?  61  G   A C6    1 
ATOM   1310 O  O6    . G   A 1 61 ? -14.234 15.939  14.591  1.00 33.73  ?  61  G   A O6    1 
ATOM   1311 N  N1    . G   A 1 61 ? -14.264 13.978  15.703  1.00 22.46  ?  61  G   A N1    1 
ATOM   1312 C  C2    . G   A 1 61 ? -13.848 13.159  16.720  1.00 24.79  ?  61  G   A C2    1 
ATOM   1313 N  N2    . G   A 1 61 ? -14.397 11.940  16.776  1.00 26.05  ?  61  G   A N2    1 
ATOM   1314 N  N3    . G   A 1 61 ? -12.959 13.506  17.622  1.00 20.33  ?  61  G   A N3    1 
ATOM   1315 C  C4    . G   A 1 61 ? -12.515 14.761  17.460  1.00 21.84  ?  61  G   A C4    1 
ATOM   1316 P  P     . C   A 1 62 ? -6.631  13.433  17.577  1.00 35.93  ?  62  C   A P     1 
ATOM   1317 O  OP1   . C   A 1 62 ? -5.468  12.628  18.037  1.00 37.52  ?  62  C   A OP1   1 
ATOM   1318 O  OP2   . C   A 1 62 ? -6.450  14.620  16.698  1.00 34.83  ?  62  C   A OP2   1 
ATOM   1319 O  "O5'" . C   A 1 62 ? -7.584  12.395  16.863  1.00 26.39  ?  62  C   A "O5'" 1 
ATOM   1320 C  "C5'" . C   A 1 62 ? -7.902  11.171  17.498  1.00 25.56  ?  62  C   A "C5'" 1 
ATOM   1321 C  "C4'" . C   A 1 62 ? -9.065  10.491  16.837  1.00 30.17  ?  62  C   A "C4'" 1 
ATOM   1322 O  "O4'" . C   A 1 62 ? -10.208 11.387  16.800  1.00 27.88  ?  62  C   A "O4'" 1 
ATOM   1323 C  "C3'" . C   A 1 62 ? -8.890  10.092  15.377  1.00 26.70  ?  62  C   A "C3'" 1 
ATOM   1324 O  "O3'" . C   A 1 62 ? -8.108  8.919   15.190  1.00 32.42  ?  62  C   A "O3'" 1 
ATOM   1325 C  "C2'" . C   A 1 62 ? -10.332 9.924   14.937  1.00 24.39  ?  62  C   A "C2'" 1 
ATOM   1326 O  "O2'" . C   A 1 62 ? -10.866 8.726   15.475  1.00 26.41  ?  62  C   A "O2'" 1 
ATOM   1327 C  "C1'" . C   A 1 62 ? -10.993 11.095  15.662  1.00 26.91  ?  62  C   A "C1'" 1 
ATOM   1328 N  N1    . C   A 1 62 ? -11.075 12.305  14.821  1.00 21.53  ?  62  C   A N1    1 
ATOM   1329 C  C2    . C   A 1 62 ? -12.044 12.325  13.829  1.00 21.92  ?  62  C   A C2    1 
ATOM   1330 O  O2    . C   A 1 62 ? -12.766 11.337  13.667  1.00 26.63  ?  62  C   A O2    1 
ATOM   1331 N  N3    . C   A 1 62 ? -12.168 13.416  13.066  1.00 24.40  ?  62  C   A N3    1 
ATOM   1332 C  C4    . C   A 1 62 ? -11.388 14.469  13.253  1.00 30.85  ?  62  C   A C4    1 
ATOM   1333 N  N4    . C   A 1 62 ? -11.577 15.512  12.449  1.00 29.19  ?  62  C   A N4    1 
ATOM   1334 C  C5    . C   A 1 62 ? -10.381 14.490  14.260  1.00 29.40  ?  62  C   A C5    1 
ATOM   1335 C  C6    . C   A 1 62 ? -10.275 13.389  15.032  1.00 28.92  ?  62  C   A C6    1 
ATOM   1336 P  P     . A   A 1 63 ? -7.239  8.743   13.834  1.00 29.14  ?  63  A   A P     1 
ATOM   1337 O  OP1   . A   A 1 63 ? -6.411  7.538   14.069  1.00 33.11  ?  63  A   A OP1   1 
ATOM   1338 O  OP2   . A   A 1 63 ? -6.661  10.045  13.479  1.00 28.15  ?  63  A   A OP2   1 
ATOM   1339 O  "O5'" . A   A 1 63 ? -8.297  8.319   12.728  1.00 25.99  ?  63  A   A "O5'" 1 
ATOM   1340 C  "C5'" . A   A 1 63 ? -8.836  7.013   12.745  1.00 24.25  ?  63  A   A "C5'" 1 
ATOM   1341 C  "C4'" . A   A 1 63 ? -10.008 6.851   11.814  1.00 34.75  ?  63  A   A "C4'" 1 
ATOM   1342 O  "O4'" . A   A 1 63 ? -11.009 7.876   12.047  1.00 38.43  ?  63  A   A "O4'" 1 
ATOM   1343 C  "C3'" . A   A 1 63 ? -9.696  6.977   10.335  1.00 33.95  ?  63  A   A "C3'" 1 
ATOM   1344 O  "O3'" . A   A 1 63 ? -9.130  5.795   9.819   1.00 40.92  ?  63  A   A "O3'" 1 
ATOM   1345 C  "C2'" . A   A 1 63 ? -11.053 7.316   9.738   1.00 32.75  ?  63  A   A "C2'" 1 
ATOM   1346 O  "O2'" . A   A 1 63 ? -11.872 6.158   9.663   1.00 43.91  ?  63  A   A "O2'" 1 
ATOM   1347 C  "C1'" . A   A 1 63 ? -11.627 8.226   10.818  1.00 37.78  ?  63  A   A "C1'" 1 
ATOM   1348 N  N9    . A   A 1 63 ? -11.342 9.636   10.532  1.00 28.05  ?  63  A   A N9    1 
ATOM   1349 C  C8    . A   A 1 63 ? -10.393 10.429  11.106  1.00 26.56  ?  63  A   A C8    1 
ATOM   1350 N  N7    . A   A 1 63 ? -10.384 11.648  10.649  1.00 29.51  ?  63  A   A N7    1 
ATOM   1351 C  C5    . A   A 1 63 ? -11.389 11.653  9.702   1.00 24.70  ?  63  A   A C5    1 
ATOM   1352 C  C6    . A   A 1 63 ? -11.854 12.663  8.853   1.00 29.94  ?  63  A   A C6    1 
ATOM   1353 N  N6    . A   A 1 63 ? -11.349 13.894  8.845   1.00 24.95  ?  63  A   A N6    1 
ATOM   1354 N  N1    . A   A 1 63 ? -12.866 12.348  8.022   1.00 28.66  ?  63  A   A N1    1 
ATOM   1355 C  C2    . A   A 1 63 ? -13.355 11.102  8.038   1.00 30.36  ?  63  A   A C2    1 
ATOM   1356 N  N3    . A   A 1 63 ? -12.983 10.066  8.788   1.00 30.13  ?  63  A   A N3    1 
ATOM   1357 C  C4    . A   A 1 63 ? -11.987 10.421  9.607   1.00 26.32  ?  63  A   A C4    1 
ATOM   1358 P  P     . A   A 1 64 ? -8.192  5.871   8.521   1.00 37.83  ?  64  A   A P     1 
ATOM   1359 O  OP1   . A   A 1 64 ? -7.646  4.497   8.340   1.00 45.33  ?  64  A   A OP1   1 
ATOM   1360 O  OP2   . A   A 1 64 ? -7.306  7.056   8.616   1.00 27.25  ?  64  A   A OP2   1 
ATOM   1361 O  "O5'" . A   A 1 64 ? -9.223  6.198   7.357   1.00 38.70  ?  64  A   A "O5'" 1 
ATOM   1362 C  "C5'" . A   A 1 64 ? -10.259 5.294   6.999   1.00 39.55  ?  64  A   A "C5'" 1 
ATOM   1363 C  "C4'" . A   A 1 64 ? -11.078 5.849   5.860   1.00 45.14  ?  64  A   A "C4'" 1 
ATOM   1364 O  "O4'" . A   A 1 64 ? -11.782 7.041   6.294   1.00 43.22  ?  64  A   A "O4'" 1 
ATOM   1365 C  "C3'" . A   A 1 64 ? -10.291 6.319   4.642   1.00 51.02  ?  64  A   A "C3'" 1 
ATOM   1366 O  "O3'" . A   A 1 64 ? -9.899  5.259   3.790   1.00 48.81  ?  64  A   A "O3'" 1 
ATOM   1367 C  "C2'" . A   A 1 64 ? -11.254 7.303   3.995   1.00 53.21  ?  64  A   A "C2'" 1 
ATOM   1368 O  "O2'" . A   A 1 64 ? -12.284 6.606   3.310   1.00 49.99  ?  64  A   A "O2'" 1 
ATOM   1369 C  "C1'" . A   A 1 64 ? -11.872 7.964   5.229   1.00 41.40  ?  64  A   A "C1'" 1 
ATOM   1370 N  N9    . A   A 1 64 ? -11.169 9.212   5.601   1.00 36.47  ?  64  A   A N9    1 
ATOM   1371 C  C8    . A   A 1 64 ? -10.100 9.395   6.444   1.00 37.08  ?  64  A   A C8    1 
ATOM   1372 N  N7    . A   A 1 64 ? -9.700  10.644  6.551   1.00 38.26  ?  64  A   A N7    1 
ATOM   1373 C  C5    . A   A 1 64 ? -10.557 11.339  5.717   1.00 28.18  ?  64  A   A C5    1 
ATOM   1374 C  C6    . A   A 1 64 ? -10.659 12.703  5.394   1.00 31.22  ?  64  A   A C6    1 
ATOM   1375 N  N6    . A   A 1 64 ? -9.868  13.669  5.877   1.00 35.75  ?  64  A   A N6    1 
ATOM   1376 N  N1    . A   A 1 64 ? -11.620 13.046  4.512   1.00 33.05  ?  64  A   A N1    1 
ATOM   1377 C  C2    . A   A 1 64 ? -12.421 12.089  4.020   1.00 29.27  ?  64  A   A C2    1 
ATOM   1378 N  N3    . A   A 1 64 ? -12.439 10.787  4.249   1.00 33.47  ?  64  A   A N3    1 
ATOM   1379 C  C4    . A   A 1 64 ? -11.463 10.470  5.121   1.00 35.71  ?  64  A   A C4    1 
HETATM 1380 O  O5    . AMZ B 2 .  ? 6.220   -16.332 -3.573  1.00 25.34  ?  101 AMZ A O5    1 
HETATM 1381 C  C6    . AMZ B 2 .  ? 5.397   -17.122 -4.037  1.00 21.64  ?  101 AMZ A C6    1 
HETATM 1382 N  N2    . AMZ B 2 .  ? 5.549   -18.494 -3.820  1.00 25.10  ?  101 AMZ A N2    1 
HETATM 1383 C  C3A   . AMZ B 2 .  ? 4.239   -16.633 -4.808  1.00 20.73  ?  101 AMZ A C3A   1 
HETATM 1384 C  C7A   . AMZ B 2 .  ? 4.038   -15.345 -5.215  1.00 16.62  ?  101 AMZ A C7A   1 
HETATM 1385 N  N3    . AMZ B 2 .  ? 4.905   -14.249 -4.999  1.00 21.32  ?  101 AMZ A N3    1 
HETATM 1386 N  N1    . AMZ B 2 .  ? 3.204   -17.379 -5.225  1.00 20.97  ?  101 AMZ A N1    1 
HETATM 1387 C  C5    . AMZ B 2 .  ? 2.353   -16.568 -5.882  1.00 20.67  ?  101 AMZ A C5    1 
HETATM 1388 N  N     . AMZ B 2 .  ? 2.872   -15.335 -5.874  1.00 21.50  ?  101 AMZ A N     1 
HETATM 1389 C  C1    . AMZ B 2 .  ? 2.299   -14.234 -6.477  1.00 21.66  ?  101 AMZ A C1    1 
HETATM 1390 C  C2    . AMZ B 2 .  ? 2.295   -14.509 -7.931  1.00 21.32  ?  101 AMZ A C2    1 
HETATM 1391 C  C3    . AMZ B 2 .  ? 1.133   -13.775 -8.417  1.00 24.67  ?  101 AMZ A C3    1 
HETATM 1392 O  O2    . AMZ B 2 .  ? 1.415   -12.365 -8.458  1.00 25.09  ?  101 AMZ A O2    1 
HETATM 1393 O  O1    . AMZ B 2 .  ? 3.532   -14.082 -8.515  1.00 22.63  ?  101 AMZ A O1    1 
HETATM 1394 O  O     . AMZ B 2 .  ? 0.910   -14.146 -6.119  1.00 19.97  ?  101 AMZ A O     1 
HETATM 1395 C  C     . AMZ B 2 .  ? 0.138   -13.984 -7.342  1.00 20.31  ?  101 AMZ A C     1 
HETATM 1396 C  C4    . AMZ B 2 .  ? -0.629  -15.245 -7.547  1.00 28.37  ?  101 AMZ A C4    1 
HETATM 1397 O  O3    . AMZ B 2 .  ? -1.653  -14.913 -8.427  1.00 27.72  ?  101 AMZ A O3    1 
HETATM 1398 P  P     . AMZ B 2 .  ? -2.808  -15.945 -8.674  1.00 30.02  ?  101 AMZ A P     1 
HETATM 1399 O  OP1   . AMZ B 2 .  ? -2.278  -17.121 -9.424  1.00 26.15  ?  101 AMZ A OP1   1 
HETATM 1400 O  O4    . AMZ B 2 .  ? -3.881  -15.102 -9.454  1.00 24.81  ?  101 AMZ A O4    1 
HETATM 1401 O  OP2   . AMZ B 2 .  ? -3.231  -16.569 -7.407  1.00 36.54  ?  101 AMZ A OP2   1 
HETATM 1402 MG MG    . MG  C 3 .  ? 7.618   -16.584 -1.854  1.00 25.80  ?  102 MG  A MG    1 
HETATM 1403 MG MG    . MG  D 3 .  ? -27.552 18.966  21.226  1.00 22.19  ?  103 MG  A MG    1 
HETATM 1404 MG MG    . MG  E 3 .  ? 17.016  -17.650 -11.323 1.00 37.38  ?  104 MG  A MG    1 
HETATM 1405 IR IR    . IRI F 4 .  ? 11.529  3.113   -3.886  1.00 156.74 ?  105 IRI A IR    1 
HETATM 1406 N  N1    . IRI F 4 .  ? 13.009  2.267   -2.417  1.00 77.45  ?  105 IRI A N1    1 
HETATM 1407 N  N2    . IRI F 4 .  ? 10.849  4.615   -2.353  1.00 59.73  ?  105 IRI A N2    1 
HETATM 1408 N  N3    . IRI F 4 .  ? 10.037  3.941   -5.364  1.00 77.26  ?  105 IRI A N3    1 
HETATM 1409 N  N4    . IRI F 4 .  ? 12.185  1.612   -5.435  1.00 88.75  ?  105 IRI A N4    1 
HETATM 1410 N  N5    . IRI F 4 .  ? 13.088  4.569   -4.617  1.00 91.39  ?  105 IRI A N5    1 
HETATM 1411 N  N6    . IRI F 4 .  ? 9.987   1.642   -3.154  1.00 64.97  ?  105 IRI A N6    1 
HETATM 1412 IR IR    . IRI G 4 .  ? -14.062 20.045  13.505  1.00 171.18 ?  106 IRI A IR    1 
HETATM 1413 N  N1    . IRI G 4 .  ? -12.724 19.331  15.171  1.00 62.19  ?  106 IRI A N1    1 
HETATM 1414 N  N2    . IRI G 4 .  ? -14.357 21.990  14.597  1.00 88.56  ?  106 IRI A N2    1 
HETATM 1415 N  N3    . IRI G 4 .  ? -15.391 20.769  11.835  1.00 102.92 ?  106 IRI A N3    1 
HETATM 1416 N  N4    . IRI G 4 .  ? -13.770 18.090  12.431  1.00 68.59  ?  106 IRI A N4    1 
HETATM 1417 N  N5    . IRI G 4 .  ? -12.266 20.895  12.446  1.00 101.60 ?  106 IRI A N5    1 
HETATM 1418 N  N6    . IRI G 4 .  ? -15.863 19.195  14.565  1.00 64.79  ?  106 IRI A N6    1 
HETATM 1419 IR IR    . IRI H 4 .  ? -18.176 23.709  15.918  1.00 179.54 ?  107 IRI A IR    1 
HETATM 1420 N  N1    . IRI H 4 .  ? -18.013 22.345  14.133  1.00 112.72 ?  107 IRI A N1    1 
HETATM 1421 N  N2    . IRI H 4 .  ? -18.374 21.920  17.265  1.00 74.40  ?  107 IRI A N2    1 
HETATM 1422 N  N3    . IRI H 4 .  ? -18.304 25.076  17.703  1.00 55.29  ?  107 IRI A N3    1 
HETATM 1423 N  N4    . IRI H 4 .  ? -18.019 25.499  14.562  1.00 120.31 ?  107 IRI A N4    1 
HETATM 1424 N  N5    . IRI H 4 .  ? -15.937 23.732  16.161  1.00 61.27  ?  107 IRI A N5    1 
HETATM 1425 N  N6    . IRI H 4 .  ? -20.419 23.692  15.716  1.00 84.32  ?  107 IRI A N6    1 
HETATM 1426 IR IR    . IRI I 4 .  ? 13.033  -13.127 3.620   1.00 214.45 ?  108 IRI A IR    1 
HETATM 1427 N  N1    . IRI I 4 .  ? 14.628  -14.131 4.852   1.00 108.11 ?  108 IRI A N1    1 
HETATM 1428 N  N2    . IRI I 4 .  ? 11.741  -12.927 5.452   1.00 106.69 ?  108 IRI A N2    1 
HETATM 1429 N  N3    . IRI I 4 .  ? 11.425  -12.119 2.406   1.00 99.50  ?  108 IRI A N3    1 
HETATM 1430 N  N4    . IRI I 4 .  ? 14.318  -13.314 1.780   1.00 77.07  ?  108 IRI A N4    1 
HETATM 1431 N  N5    . IRI I 4 .  ? 13.973  -11.124 4.033   1.00 98.48  ?  108 IRI A N5    1 
HETATM 1432 N  N6    . IRI I 4 .  ? 12.094  -15.133 3.210   1.00 99.62  ?  108 IRI A N6    1 
HETATM 1433 AS AS    . CAC J 5 .  ? 17.631  -20.076 -12.993 0.92 83.29  ?  109 CAC A AS    1 
HETATM 1434 O  O1    . CAC J 5 .  ? 16.898  -19.949 -11.398 0.92 32.69  ?  109 CAC A O1    1 
HETATM 1435 O  O2    . CAC J 5 .  ? 18.620  -18.658 -13.252 0.92 34.91  -1 109 CAC A O2    1 
HETATM 1436 C  C1    . CAC J 5 .  ? 18.749  -21.686 -13.027 0.92 45.95  ?  109 CAC A C1    1 
HETATM 1437 C  C2    . CAC J 5 .  ? 16.193  -20.195 -14.310 0.92 31.06  ?  109 CAC A C2    1 
HETATM 1438 O  O     . HOH K 6 .  ? -13.631 23.993  18.364  1.00 33.03  ?  201 HOH A O     1 
HETATM 1439 O  O     . HOH K 6 .  ? 9.692   -19.127 -22.976 1.00 34.56  ?  202 HOH A O     1 
HETATM 1440 O  O     . HOH K 6 .  ? -2.532  -18.723 -6.570  1.00 33.94  ?  203 HOH A O     1 
HETATM 1441 O  O     . HOH K 6 .  ? 7.089   -10.128 -9.956  1.00 29.37  ?  204 HOH A O     1 
HETATM 1442 O  O     . HOH K 6 .  ? 9.246   -26.876 -28.853 1.00 46.96  ?  205 HOH A O     1 
HETATM 1443 O  O     . HOH K 6 .  ? 3.280   -8.170  -20.666 1.00 33.92  ?  206 HOH A O     1 
HETATM 1444 O  O     . HOH K 6 .  ? 19.153  -6.337  -15.762 1.00 27.45  ?  207 HOH A O     1 
HETATM 1445 O  O     . HOH K 6 .  ? 6.730   -25.270 -34.425 1.00 38.82  ?  208 HOH A O     1 
HETATM 1446 O  O     . HOH K 6 .  ? 8.133   -11.826 -12.411 1.00 30.53  ?  209 HOH A O     1 
HETATM 1447 O  O     . HOH K 6 .  ? -2.685  -14.297 -11.591 1.00 23.96  ?  210 HOH A O     1 
HETATM 1448 O  O     . HOH K 6 .  ? -7.579  17.893  23.033  1.00 33.92  ?  211 HOH A O     1 
HETATM 1449 O  O     . HOH K 6 .  ? 3.256   -3.768  4.163   1.00 29.44  ?  212 HOH A O     1 
HETATM 1450 O  O     . HOH K 6 .  ? -23.619 13.843  30.753  1.00 21.23  ?  213 HOH A O     1 
HETATM 1451 O  O     . HOH K 6 .  ? -28.805 20.451  19.937  1.00 28.39  ?  214 HOH A O     1 
HETATM 1452 O  O     . HOH K 6 .  ? -10.353 20.264  24.473  1.00 27.20  ?  215 HOH A O     1 
HETATM 1453 O  O     . HOH K 6 .  ? -30.011 18.839  29.959  1.00 25.04  ?  216 HOH A O     1 
HETATM 1454 O  O     . HOH K 6 .  ? 6.384   -16.885 -17.326 1.00 34.51  ?  217 HOH A O     1 
HETATM 1455 O  O     . HOH K 6 .  ? -13.473 9.016   14.798  1.00 30.16  ?  218 HOH A O     1 
HETATM 1456 O  O     . HOH K 6 .  ? -16.868 12.425  22.431  1.00 21.49  ?  219 HOH A O     1 
HETATM 1457 O  O     . HOH K 6 .  ? 7.694   8.593   4.543   1.00 31.70  ?  220 HOH A O     1 
HETATM 1458 O  O     . HOH K 6 .  ? 8.985   -16.502 -0.484  1.00 28.29  ?  221 HOH A O     1 
HETATM 1459 O  O     . HOH K 6 .  ? 8.971   -16.022 -3.338  1.00 24.40  ?  222 HOH A O     1 
HETATM 1460 O  O     . HOH K 6 .  ? -9.463  6.486   -8.527  1.00 40.77  ?  223 HOH A O     1 
HETATM 1461 O  O     . HOH K 6 .  ? -18.581 17.942  18.306  1.00 24.89  ?  224 HOH A O     1 
HETATM 1462 O  O     . HOH K 6 .  ? 6.343   -17.182 -0.437  1.00 24.83  ?  225 HOH A O     1 
HETATM 1463 O  O     . HOH K 6 .  ? -37.545 17.282  25.314  1.00 38.03  ?  226 HOH A O     1 
HETATM 1464 O  O     . HOH K 6 .  ? 0.963   -23.115 -21.387 1.00 32.29  ?  227 HOH A O     1 
HETATM 1465 O  O     . HOH K 6 .  ? -26.157 20.196  21.356  1.00 24.46  ?  228 HOH A O     1 
HETATM 1466 O  O     . HOH K 6 .  ? -26.867 20.692  25.215  1.00 20.96  ?  229 HOH A O     1 
HETATM 1467 O  O     . HOH K 6 .  ? 9.202   -13.655 1.853   1.00 49.61  ?  230 HOH A O     1 
HETATM 1468 O  O     . HOH K 6 .  ? -29.043 17.830  20.903  1.00 21.62  ?  231 HOH A O     1 
HETATM 1469 O  O     . HOH K 6 .  ? -5.421  -18.097 -6.692  1.00 49.77  ?  232 HOH A O     1 
HETATM 1470 O  O     . HOH K 6 .  ? 10.197  -9.812  -10.510 1.00 20.15  ?  233 HOH A O     1 
HETATM 1471 O  O     . HOH K 6 .  ? -1.482  -21.809 -20.715 1.00 33.71  ?  234 HOH A O     1 
HETATM 1472 O  O     . HOH K 6 .  ? 6.305   -25.838 -11.039 1.00 34.39  ?  235 HOH A O     1 
HETATM 1473 O  O     . HOH K 6 .  ? -36.276 21.497  22.727  1.00 27.35  ?  236 HOH A O     1 
HETATM 1474 O  O     . HOH K 6 .  ? -28.424 19.894  22.778  1.00 20.85  ?  237 HOH A O     1 
HETATM 1475 O  O     . HOH K 6 .  ? 14.210  -2.838  -18.754 1.00 33.04  ?  238 HOH A O     1 
HETATM 1476 O  O     . HOH K 6 .  ? 1.881   -16.130 -11.216 1.00 22.58  ?  239 HOH A O     1 
HETATM 1477 O  O     . HOH K 6 .  ? -21.148 15.964  16.780  1.00 27.02  ?  240 HOH A O     1 
HETATM 1478 O  O     . HOH K 6 .  ? 6.993   -17.616 -13.853 1.00 29.90  ?  241 HOH A O     1 
HETATM 1479 O  O     . HOH K 6 .  ? 7.960   -13.785 -20.240 1.00 39.34  ?  242 HOH A O     1 
HETATM 1480 O  O     . HOH K 6 .  ? -23.878 18.733  26.365  1.00 42.10  ?  243 HOH A O     1 
HETATM 1481 O  O     . HOH K 6 .  ? -2.172  18.818  10.145  1.00 54.77  ?  244 HOH A O     1 
HETATM 1482 O  O     . HOH K 6 .  ? 1.725   -1.945  5.690   1.00 37.48  ?  245 HOH A O     1 
HETATM 1483 O  O     . HOH K 6 .  ? 5.210   -16.654 -11.699 1.00 34.10  ?  246 HOH A O     1 
HETATM 1484 O  O     . HOH K 6 .  ? -23.500 7.404   20.360  1.00 35.11  ?  247 HOH A O     1 
HETATM 1485 O  O     . HOH K 6 .  ? 16.956  -5.644  -17.524 1.00 27.41  ?  248 HOH A O     1 
HETATM 1486 O  O     . HOH K 6 .  ? -28.493 17.109  17.671  1.00 38.37  ?  249 HOH A O     1 
HETATM 1487 O  O     . HOH K 6 .  ? 17.262  -8.715  -17.790 1.00 37.35  ?  250 HOH A O     1 
HETATM 1488 O  O     . HOH K 6 .  ? 20.090  -20.565 -1.543  1.00 39.81  ?  251 HOH A O     1 
HETATM 1489 O  O     . HOH K 6 .  ? 4.787   -15.617 -14.780 1.00 38.05  ?  252 HOH A O     1 
HETATM 1490 O  O     . HOH K 6 .  ? -3.730  2.521   11.619  0.50 42.28  ?  253 HOH A O     1 
HETATM 1491 O  O     . HOH K 6 .  ? -5.565  2.429   10.327  0.50 41.71  ?  254 HOH A O     1 
HETATM 1492 O  O     . HOH K 6 .  ? 15.171  -17.316 -13.351 1.00 30.01  ?  255 HOH A O     1 
HETATM 1493 O  O     . HOH K 6 .  ? 13.966  -20.358 -11.544 1.00 34.34  ?  256 HOH A O     1 
HETATM 1494 O  O     . HOH K 6 .  ? 11.727  -9.394  -7.818  1.00 24.22  ?  257 HOH A O     1 
HETATM 1495 O  O     . HOH K 6 .  ? 9.922   -1.577  -1.417  1.00 28.41  ?  258 HOH A O     1 
HETATM 1496 O  O     . HOH K 6 .  ? 11.845  -5.066  -1.117  1.00 25.52  ?  259 HOH A O     1 
HETATM 1497 O  O     . HOH K 6 .  ? 10.761  -1.288  -7.498  1.00 32.83  ?  260 HOH A O     1 
HETATM 1498 O  O     . HOH K 6 .  ? 13.853  -16.721 -7.451  1.00 31.55  ?  261 HOH A O     1 
HETATM 1499 O  O     . HOH K 6 .  ? 10.708  -10.774 -1.604  1.00 26.83  ?  262 HOH A O     1 
HETATM 1500 O  O     . HOH K 6 .  ? 3.596   1.811   -5.082  1.00 33.99  ?  263 HOH A O     1 
HETATM 1501 O  O     . HOH K 6 .  ? 18.841  -18.407 -16.390 1.00 36.60  ?  264 HOH A O     1 
HETATM 1502 O  O     . HOH K 6 .  ? 11.264  -19.753 -18.220 1.00 42.89  ?  265 HOH A O     1 
HETATM 1503 O  O     . HOH K 6 .  ? 14.572  -5.793  -7.963  1.00 33.57  ?  266 HOH A O     1 
HETATM 1504 O  O     . HOH K 6 .  ? 15.251  -7.861  -6.602  1.00 37.06  ?  267 HOH A O     1 
HETATM 1505 O  O     . HOH K 6 .  ? 15.685  -16.223 -15.929 1.00 32.50  ?  268 HOH A O     1 
HETATM 1506 O  O     . HOH K 6 .  ? 8.002   -19.445 -17.115 1.00 31.08  ?  269 HOH A O     1 
HETATM 1507 O  O     . HOH K 6 .  ? 8.657   -18.724 -19.815 1.00 34.42  ?  270 HOH A O     1 
HETATM 1508 O  O     . HOH K 6 .  ? 15.707  -13.826 -5.623  1.00 37.74  ?  271 HOH A O     1 
HETATM 1509 O  O     . HOH K 6 .  ? 10.163  -21.503 -16.284 1.00 36.71  ?  272 HOH A O     1 
HETATM 1510 O  O     . HOH K 6 .  ? 11.787  0.148   -0.609  1.00 33.93  ?  273 HOH A O     1 
HETATM 1511 O  O     . HOH K 6 .  ? 17.263  -10.696 -3.671  1.00 36.79  ?  274 HOH A O     1 
HETATM 1512 O  O     . HOH K 6 .  ? 12.506  -12.540 -10.101 1.00 27.30  ?  275 HOH A O     1 
HETATM 1513 O  O     . HOH K 6 .  ? 8.582   -15.188 -13.689 1.00 35.85  ?  276 HOH A O     1 
HETATM 1514 O  O     . HOH K 6 .  ? 2.690   3.907   -2.555  1.00 33.59  ?  277 HOH A O     1 
HETATM 1515 O  O     . HOH K 6 .  ? 14.625  -17.079 -10.454 1.00 32.44  ?  278 HOH A O     1 
HETATM 1516 O  O     . HOH K 6 .  ? 5.988   2.171   5.171   1.00 31.78  ?  279 HOH A O     1 
HETATM 1517 O  O     . HOH K 6 .  ? 13.001  -20.151 -14.025 1.00 36.32  ?  280 HOH A O     1 
HETATM 1518 O  O     . HOH K 6 .  ? 9.492   -18.933 -12.912 1.00 34.35  ?  281 HOH A O     1 
HETATM 1519 O  O     . HOH K 6 .  ? 0.921   2.390   -2.190  1.00 39.48  ?  282 HOH A O     1 
HETATM 1520 O  O     . HOH K 6 .  ? 14.043  -14.336 -11.708 1.00 39.70  ?  283 HOH A O     1 
HETATM 1521 O  O     . HOH K 6 .  ? -34.683 11.388  21.448  1.00 42.15  ?  284 HOH A O     1 
HETATM 1522 O  O     . HOH K 6 .  ? 24.316  -12.260 -6.930  1.00 41.59  ?  285 HOH A O     1 
HETATM 1523 O  O     . HOH K 6 .  ? -8.699  25.936  20.732  1.00 38.23  ?  286 HOH A O     1 
HETATM 1524 O  O     . HOH K 6 .  ? -7.475  10.703  3.679   1.00 41.85  ?  287 HOH A O     1 
HETATM 1525 O  O     . HOH K 6 .  ? -33.054 12.306  19.448  1.00 39.45  ?  288 HOH A O     1 
HETATM 1526 O  O     . HOH K 6 .  ? -10.264 17.705  12.965  1.00 46.41  ?  289 HOH A O     1 
HETATM 1527 O  O     . HOH K 6 .  ? 14.476  -7.206  -2.427  1.00 44.73  ?  290 HOH A O     1 
HETATM 1528 O  O     . HOH K 6 .  ? 12.714  -11.345 -3.165  1.00 39.11  ?  291 HOH A O     1 
HETATM 1529 O  O     . HOH K 6 .  ? -15.123 17.686  9.924   1.00 54.17  ?  292 HOH A O     1 
HETATM 1530 O  O     . HOH K 6 .  ? 25.502  -10.081 -5.579  1.00 42.75  ?  293 HOH A O     1 
HETATM 1531 O  O     . HOH K 6 .  ? 17.824  -7.027  -4.619  1.00 46.82  ?  294 HOH A O     1 
HETATM 1532 O  O     . HOH K 6 .  ? -1.277  6.829   3.387   1.00 38.29  ?  295 HOH A O     1 
HETATM 1533 O  O     . HOH K 6 .  ? -27.451 13.652  22.150  1.00 33.93  ?  296 HOH A O     1 
HETATM 1534 O  O     . HOH K 6 .  ? 11.232  -2.704  -5.267  1.00 31.71  ?  297 HOH A O     1 
HETATM 1535 O  O     . HOH K 6 .  ? 13.870  -2.512  -8.896  1.00 37.09  ?  298 HOH A O     1 
HETATM 1536 O  O     . HOH K 6 .  ? 9.045   2.247   -7.391  1.00 54.74  ?  299 HOH A O     1 
HETATM 1537 O  O     . HOH K 6 .  ? 9.694   -25.237 -22.028 1.00 39.28  ?  300 HOH A O     1 
HETATM 1538 O  O     . HOH K 6 .  ? -5.821  8.689   -4.088  1.00 43.92  ?  301 HOH A O     1 
HETATM 1539 O  O     . HOH K 6 .  ? 12.012  -13.153 -4.652  1.00 34.99  ?  302 HOH A O     1 
HETATM 1540 O  O     . HOH K 6 .  ? 0.867   3.510   -6.963  1.00 46.29  ?  303 HOH A O     1 
HETATM 1541 O  O     . HOH K 6 .  ? 3.794   -27.073 -23.000 1.00 44.44  ?  304 HOH A O     1 
HETATM 1542 O  O     . HOH K 6 .  ? 28.743  -20.304 -14.703 1.00 48.73  ?  305 HOH A O     1 
HETATM 1543 O  O     . HOH K 6 .  ? 24.855  -13.562 -13.044 1.00 46.39  ?  306 HOH A O     1 
HETATM 1544 O  O     . HOH K 6 .  ? 6.198   -2.429  5.155   1.00 38.45  ?  307 HOH A O     1 
# 
loop_
_pdbx_poly_seq_scheme.asym_id 
_pdbx_poly_seq_scheme.entity_id 
_pdbx_poly_seq_scheme.seq_id 
_pdbx_poly_seq_scheme.mon_id 
_pdbx_poly_seq_scheme.ndb_seq_num 
_pdbx_poly_seq_scheme.pdb_seq_num 
_pdbx_poly_seq_scheme.auth_seq_num 
_pdbx_poly_seq_scheme.pdb_mon_id 
_pdbx_poly_seq_scheme.auth_mon_id 
_pdbx_poly_seq_scheme.pdb_strand_id 
_pdbx_poly_seq_scheme.pdb_ins_code 
_pdbx_poly_seq_scheme.hetero 
A 1 1  G 1  1  1  G G A . n 
A 1 2  G 2  2  2  G G A . n 
A 1 3  G 3  3  3  G G A . n 
A 1 4  U 4  4  4  U U A . n 
A 1 5  C 5  5  5  C C A . n 
A 1 6  G 6  6  6  G G A . n 
A 1 7  U 7  7  7  U U A . n 
A 1 8  G 8  8  8  G G A . n 
A 1 9  A 9  9  9  A A A . n 
A 1 10 C 10 10 10 C C A . n 
A 1 11 U 11 11 11 U U A . n 
A 1 12 G 12 12 12 G G A . n 
A 1 13 G 13 13 13 G G A . n 
A 1 14 C 14 14 14 C C A . n 
A 1 15 G 15 15 15 G G A . n 
A 1 16 A 16 16 16 A A A . n 
A 1 17 A 17 17 17 A A A . n 
A 1 18 C 18 18 18 C C A . n 
A 1 19 A 19 19 19 A A A . n 
A 1 20 G 20 20 20 G G A . n 
A 1 21 G 21 21 21 G G A . n 
A 1 22 U 22 22 22 U U A . n 
A 1 23 G 23 23 23 G G A . n 
A 1 24 G 24 24 24 G G A . n 
A 1 25 G 25 25 25 G G A . n 
A 1 26 A 26 26 26 A A A . n 
A 1 27 A 27 27 27 A A A . n 
A 1 28 A 28 28 28 A A A . n 
A 1 29 C 29 29 29 C C A . n 
A 1 30 C 30 30 30 C C A . n 
A 1 31 A 31 31 31 A A A . n 
A 1 32 C 32 32 32 C C A . n 
A 1 33 C 33 33 33 C C A . n 
A 1 34 G 34 34 34 G G A . n 
A 1 35 G 35 35 35 G G A . n 
A 1 36 G 36 36 36 G G A . n 
A 1 37 G 37 37 37 G G A . n 
A 1 38 A 38 38 38 A A A . n 
A 1 39 G 39 39 39 G G A . n 
A 1 40 C 40 40 40 C C A . n 
A 1 41 G 41 41 41 G G A . n 
A 1 42 A 42 42 42 A A A . n 
A 1 43 C 43 43 43 C C A . n 
A 1 44 C 44 44 44 C C A . n 
A 1 45 C 45 45 45 C C A . n 
A 1 46 U 46 46 46 U U A . n 
A 1 47 U 47 47 47 U U A . n 
A 1 48 G 48 48 48 G G A . n 
A 1 49 C 49 49 49 C C A . n 
A 1 50 C 50 50 50 C C A . n 
A 1 51 G 51 51 51 G G A . n 
A 1 52 C 52 52 52 C C A . n 
A 1 53 C 53 53 53 C C A . n 
A 1 54 C 54 54 54 C C A . n 
A 1 55 G 55 55 55 G G A . n 
A 1 56 C 56 56 56 C C A . n 
A 1 57 C 57 57 57 C C A . n 
A 1 58 U 58 58 58 U U A . n 
A 1 59 G 59 59 59 G G A . n 
A 1 60 G 60 60 60 G G A . n 
A 1 61 G 61 61 61 G G A . n 
A 1 62 C 62 62 62 C C A . n 
A 1 63 A 63 63 63 A A A . n 
A 1 64 A 64 64 64 A A A . n 
# 
loop_
_pdbx_nonpoly_scheme.asym_id 
_pdbx_nonpoly_scheme.entity_id 
_pdbx_nonpoly_scheme.mon_id 
_pdbx_nonpoly_scheme.ndb_seq_num 
_pdbx_nonpoly_scheme.pdb_seq_num 
_pdbx_nonpoly_scheme.auth_seq_num 
_pdbx_nonpoly_scheme.pdb_mon_id 
_pdbx_nonpoly_scheme.auth_mon_id 
_pdbx_nonpoly_scheme.pdb_strand_id 
_pdbx_nonpoly_scheme.pdb_ins_code 
B 2 AMZ 1   101 101 AMZ AMZ A . 
C 3 MG  1   102 201 MG  MG  A . 
D 3 MG  1   103 202 MG  MG  A . 
E 3 MG  1   104 203 MG  MG  A . 
F 4 IRI 1   105 301 IRI IRI A . 
G 4 IRI 1   106 302 IRI IRI A . 
H 4 IRI 1   107 303 IRI IRI A . 
I 4 IRI 1   108 304 IRI IRI A . 
J 5 CAC 1   109 401 CAC CAC A . 
K 6 HOH 1   201 577 HOH HOH A . 
K 6 HOH 2   202 531 HOH HOH A . 
K 6 HOH 3   203 563 HOH HOH A . 
K 6 HOH 4   204 556 HOH HOH A . 
K 6 HOH 5   205 597 HOH HOH A . 
K 6 HOH 6   206 528 HOH HOH A . 
K 6 HOH 7   207 515 HOH HOH A . 
K 6 HOH 8   208 604 HOH HOH A . 
K 6 HOH 9   209 532 HOH HOH A . 
K 6 HOH 10  210 502 HOH HOH A . 
K 6 HOH 11  211 545 HOH HOH A . 
K 6 HOH 12  212 552 HOH HOH A . 
K 6 HOH 13  213 574 HOH HOH A . 
K 6 HOH 14  214 576 HOH HOH A . 
K 6 HOH 15  215 518 HOH HOH A . 
K 6 HOH 16  216 523 HOH HOH A . 
K 6 HOH 17  217 547 HOH HOH A . 
K 6 HOH 18  218 555 HOH HOH A . 
K 6 HOH 19  219 507 HOH HOH A . 
K 6 HOH 20  220 521 HOH HOH A . 
K 6 HOH 21  221 575 HOH HOH A . 
K 6 HOH 22  222 501 HOH HOH A . 
K 6 HOH 23  223 562 HOH HOH A . 
K 6 HOH 24  224 509 HOH HOH A . 
K 6 HOH 25  225 559 HOH HOH A . 
K 6 HOH 26  226 594 HOH HOH A . 
K 6 HOH 27  227 541 HOH HOH A . 
K 6 HOH 28  228 607 HOH HOH A . 
K 6 HOH 29  229 508 HOH HOH A . 
K 6 HOH 30  230 596 HOH HOH A . 
K 6 HOH 31  231 568 HOH HOH A . 
K 6 HOH 32  232 579 HOH HOH A . 
K 6 HOH 33  233 510 HOH HOH A . 
K 6 HOH 34  234 540 HOH HOH A . 
K 6 HOH 35  235 595 HOH HOH A . 
K 6 HOH 36  236 511 HOH HOH A . 
K 6 HOH 37  237 558 HOH HOH A . 
K 6 HOH 38  238 550 HOH HOH A . 
K 6 HOH 39  239 512 HOH HOH A . 
K 6 HOH 40  240 514 HOH HOH A . 
K 6 HOH 41  241 560 HOH HOH A . 
K 6 HOH 42  242 564 HOH HOH A . 
K 6 HOH 43  243 580 HOH HOH A . 
K 6 HOH 44  244 598 HOH HOH A . 
K 6 HOH 45  245 544 HOH HOH A . 
K 6 HOH 46  246 534 HOH HOH A . 
K 6 HOH 47  247 524 HOH HOH A . 
K 6 HOH 48  248 513 HOH HOH A . 
K 6 HOH 49  249 591 HOH HOH A . 
K 6 HOH 50  250 587 HOH HOH A . 
K 6 HOH 51  251 567 HOH HOH A . 
K 6 HOH 52  252 561 HOH HOH A . 
K 6 HOH 53  253 573 HOH HOH A . 
K 6 HOH 54  254 569 HOH HOH A . 
K 6 HOH 55  255 503 HOH HOH A . 
K 6 HOH 56  256 504 HOH HOH A . 
K 6 HOH 57  257 505 HOH HOH A . 
K 6 HOH 58  258 506 HOH HOH A . 
K 6 HOH 59  259 516 HOH HOH A . 
K 6 HOH 60  260 517 HOH HOH A . 
K 6 HOH 61  261 519 HOH HOH A . 
K 6 HOH 62  262 520 HOH HOH A . 
K 6 HOH 63  263 522 HOH HOH A . 
K 6 HOH 64  264 525 HOH HOH A . 
K 6 HOH 65  265 526 HOH HOH A . 
K 6 HOH 66  266 527 HOH HOH A . 
K 6 HOH 67  267 529 HOH HOH A . 
K 6 HOH 68  268 530 HOH HOH A . 
K 6 HOH 69  269 533 HOH HOH A . 
K 6 HOH 70  270 535 HOH HOH A . 
K 6 HOH 71  271 536 HOH HOH A . 
K 6 HOH 72  272 537 HOH HOH A . 
K 6 HOH 73  273 538 HOH HOH A . 
K 6 HOH 74  274 539 HOH HOH A . 
K 6 HOH 75  275 542 HOH HOH A . 
K 6 HOH 76  276 543 HOH HOH A . 
K 6 HOH 77  277 546 HOH HOH A . 
K 6 HOH 78  278 548 HOH HOH A . 
K 6 HOH 79  279 549 HOH HOH A . 
K 6 HOH 80  280 551 HOH HOH A . 
K 6 HOH 81  281 553 HOH HOH A . 
K 6 HOH 82  282 554 HOH HOH A . 
K 6 HOH 83  283 557 HOH HOH A . 
K 6 HOH 84  284 565 HOH HOH A . 
K 6 HOH 85  285 566 HOH HOH A . 
K 6 HOH 86  286 570 HOH HOH A . 
K 6 HOH 87  287 571 HOH HOH A . 
K 6 HOH 88  288 572 HOH HOH A . 
K 6 HOH 89  289 578 HOH HOH A . 
K 6 HOH 90  290 581 HOH HOH A . 
K 6 HOH 91  291 582 HOH HOH A . 
K 6 HOH 92  292 583 HOH HOH A . 
K 6 HOH 93  293 584 HOH HOH A . 
K 6 HOH 94  294 585 HOH HOH A . 
K 6 HOH 95  295 586 HOH HOH A . 
K 6 HOH 96  296 588 HOH HOH A . 
K 6 HOH 97  297 589 HOH HOH A . 
K 6 HOH 98  298 590 HOH HOH A . 
K 6 HOH 99  299 592 HOH HOH A . 
K 6 HOH 100 300 593 HOH HOH A . 
K 6 HOH 101 301 599 HOH HOH A . 
K 6 HOH 102 302 600 HOH HOH A . 
K 6 HOH 103 303 601 HOH HOH A . 
K 6 HOH 104 304 602 HOH HOH A . 
K 6 HOH 105 305 603 HOH HOH A . 
K 6 HOH 106 306 605 HOH HOH A . 
K 6 HOH 107 307 606 HOH HOH A . 
# 
_pdbx_struct_assembly.id                   1 
_pdbx_struct_assembly.details              author_defined_assembly 
_pdbx_struct_assembly.method_details       ? 
_pdbx_struct_assembly.oligomeric_details   monomeric 
_pdbx_struct_assembly.oligomeric_count     1 
# 
_pdbx_struct_assembly_gen.assembly_id       1 
_pdbx_struct_assembly_gen.oper_expression   1 
_pdbx_struct_assembly_gen.asym_id_list      A,B,C,D,E,F,G,H,I,J,K 
# 
_pdbx_struct_oper_list.id                   1 
_pdbx_struct_oper_list.type                 'identity operation' 
_pdbx_struct_oper_list.name                 1_555 
_pdbx_struct_oper_list.symmetry_operation   x,y,z 
_pdbx_struct_oper_list.matrix[1][1]         1.0000000000 
_pdbx_struct_oper_list.matrix[1][2]         0.0000000000 
_pdbx_struct_oper_list.matrix[1][3]         0.0000000000 
_pdbx_struct_oper_list.vector[1]            0.0000000000 
_pdbx_struct_oper_list.matrix[2][1]         0.0000000000 
_pdbx_struct_oper_list.matrix[2][2]         1.0000000000 
_pdbx_struct_oper_list.matrix[2][3]         0.0000000000 
_pdbx_struct_oper_list.vector[2]            0.0000000000 
_pdbx_struct_oper_list.matrix[3][1]         0.0000000000 
_pdbx_struct_oper_list.matrix[3][2]         0.0000000000 
_pdbx_struct_oper_list.matrix[3][3]         1.0000000000 
_pdbx_struct_oper_list.vector[3]            0.0000000000 
# 
loop_
_pdbx_struct_special_symmetry.id 
_pdbx_struct_special_symmetry.PDB_model_num 
_pdbx_struct_special_symmetry.auth_asym_id 
_pdbx_struct_special_symmetry.auth_comp_id 
_pdbx_struct_special_symmetry.auth_seq_id 
_pdbx_struct_special_symmetry.PDB_ins_code 
_pdbx_struct_special_symmetry.label_asym_id 
_pdbx_struct_special_symmetry.label_comp_id 
_pdbx_struct_special_symmetry.label_seq_id 
1 1 A HOH 253 ? K HOH . 
2 1 A HOH 254 ? K HOH . 
# 
loop_
_pdbx_struct_conn_angle.id 
_pdbx_struct_conn_angle.ptnr1_label_atom_id 
_pdbx_struct_conn_angle.ptnr1_label_alt_id 
_pdbx_struct_conn_angle.ptnr1_label_asym_id 
_pdbx_struct_conn_angle.ptnr1_label_comp_id 
_pdbx_struct_conn_angle.ptnr1_label_seq_id 
_pdbx_struct_conn_angle.ptnr1_auth_atom_id 
_pdbx_struct_conn_angle.ptnr1_auth_asym_id 
_pdbx_struct_conn_angle.ptnr1_auth_comp_id 
_pdbx_struct_conn_angle.ptnr1_auth_seq_id 
_pdbx_struct_conn_angle.ptnr1_PDB_ins_code 
_pdbx_struct_conn_angle.ptnr1_symmetry 
_pdbx_struct_conn_angle.ptnr2_label_atom_id 
_pdbx_struct_conn_angle.ptnr2_label_alt_id 
_pdbx_struct_conn_angle.ptnr2_label_asym_id 
_pdbx_struct_conn_angle.ptnr2_label_comp_id 
_pdbx_struct_conn_angle.ptnr2_label_seq_id 
_pdbx_struct_conn_angle.ptnr2_auth_atom_id 
_pdbx_struct_conn_angle.ptnr2_auth_asym_id 
_pdbx_struct_conn_angle.ptnr2_auth_comp_id 
_pdbx_struct_conn_angle.ptnr2_auth_seq_id 
_pdbx_struct_conn_angle.ptnr2_PDB_ins_code 
_pdbx_struct_conn_angle.ptnr2_symmetry 
_pdbx_struct_conn_angle.ptnr3_label_atom_id 
_pdbx_struct_conn_angle.ptnr3_label_alt_id 
_pdbx_struct_conn_angle.ptnr3_label_asym_id 
_pdbx_struct_conn_angle.ptnr3_label_comp_id 
_pdbx_struct_conn_angle.ptnr3_label_seq_id 
_pdbx_struct_conn_angle.ptnr3_auth_atom_id 
_pdbx_struct_conn_angle.ptnr3_auth_asym_id 
_pdbx_struct_conn_angle.ptnr3_auth_comp_id 
_pdbx_struct_conn_angle.ptnr3_auth_seq_id 
_pdbx_struct_conn_angle.ptnr3_PDB_ins_code 
_pdbx_struct_conn_angle.ptnr3_symmetry 
_pdbx_struct_conn_angle.value 
_pdbx_struct_conn_angle.value_esd 
1  OP1 ? A U   11 ? A U   11  ? 1_555 MG ? C MG . ? A MG 102 ? 1_555 OP2 ? A C   29 ? A C   29  ? 1_555 172.3 ? 
2  OP1 ? A U   11 ? A U   11  ? 1_555 MG ? C MG . ? A MG 102 ? 1_555 O5  ? B AMZ .  ? A AMZ 101 ? 1_555 86.2  ? 
3  OP2 ? A C   29 ? A C   29  ? 1_555 MG ? C MG . ? A MG 102 ? 1_555 O5  ? B AMZ .  ? A AMZ 101 ? 1_555 98.0  ? 
4  OP1 ? A U   11 ? A U   11  ? 1_555 MG ? C MG . ? A MG 102 ? 1_555 O   ? K HOH .  ? A HOH 221 ? 1_555 87.4  ? 
5  OP2 ? A C   29 ? A C   29  ? 1_555 MG ? C MG . ? A MG 102 ? 1_555 O   ? K HOH .  ? A HOH 221 ? 1_555 89.4  ? 
6  O5  ? B AMZ .  ? A AMZ 101 ? 1_555 MG ? C MG . ? A MG 102 ? 1_555 O   ? K HOH .  ? A HOH 221 ? 1_555 169.4 ? 
7  OP1 ? A U   11 ? A U   11  ? 1_555 MG ? C MG . ? A MG 102 ? 1_555 O   ? K HOH .  ? A HOH 222 ? 1_555 94.2  ? 
8  OP2 ? A C   29 ? A C   29  ? 1_555 MG ? C MG . ? A MG 102 ? 1_555 O   ? K HOH .  ? A HOH 222 ? 1_555 92.9  ? 
9  O5  ? B AMZ .  ? A AMZ 101 ? 1_555 MG ? C MG . ? A MG 102 ? 1_555 O   ? K HOH .  ? A HOH 222 ? 1_555 80.1  ? 
10 O   ? K HOH .  ? A HOH 221 ? 1_555 MG ? C MG . ? A MG 102 ? 1_555 O   ? K HOH .  ? A HOH 222 ? 1_555 92.0  ? 
11 OP1 ? A U   11 ? A U   11  ? 1_555 MG ? C MG . ? A MG 102 ? 1_555 O   ? K HOH .  ? A HOH 225 ? 1_555 87.6  ? 
12 OP2 ? A C   29 ? A C   29  ? 1_555 MG ? C MG . ? A MG 102 ? 1_555 O   ? K HOH .  ? A HOH 225 ? 1_555 85.3  ? 
13 O5  ? B AMZ .  ? A AMZ 101 ? 1_555 MG ? C MG . ? A MG 102 ? 1_555 O   ? K HOH .  ? A HOH 225 ? 1_555 100.4 ? 
14 O   ? K HOH .  ? A HOH 221 ? 1_555 MG ? C MG . ? A MG 102 ? 1_555 O   ? K HOH .  ? A HOH 225 ? 1_555 87.8  ? 
15 O   ? K HOH .  ? A HOH 222 ? 1_555 MG ? C MG . ? A MG 102 ? 1_555 O   ? K HOH .  ? A HOH 225 ? 1_555 178.2 ? 
16 O4  ? A U   22 ? A U   22  ? 1_555 MG ? E MG . ? A MG 104 ? 1_555 O6  ? A G   23 ? A G   23  ? 1_555 79.8  ? 
17 O4  ? A U   22 ? A U   22  ? 1_555 MG ? E MG . ? A MG 104 ? 1_555 O1  ? J CAC .  ? A CAC 109 ? 1_555 164.2 ? 
18 O6  ? A G   23 ? A G   23  ? 1_555 MG ? E MG . ? A MG 104 ? 1_555 O1  ? J CAC .  ? A CAC 109 ? 1_555 93.3  ? 
19 O4  ? A U   22 ? A U   22  ? 1_555 MG ? E MG . ? A MG 104 ? 1_555 O2  ? J CAC .  ? A CAC 109 ? 1_555 97.7  ? 
20 O6  ? A G   23 ? A G   23  ? 1_555 MG ? E MG . ? A MG 104 ? 1_555 O2  ? J CAC .  ? A CAC 109 ? 1_555 95.6  ? 
21 O1  ? J CAC .  ? A CAC 109 ? 1_555 MG ? E MG . ? A MG 104 ? 1_555 O2  ? J CAC .  ? A CAC 109 ? 1_555 68.6  ? 
22 O4  ? A U   22 ? A U   22  ? 1_555 MG ? E MG . ? A MG 104 ? 1_555 O   ? K HOH .  ? A HOH 255 ? 1_555 93.0  ? 
23 O6  ? A G   23 ? A G   23  ? 1_555 MG ? E MG . ? A MG 104 ? 1_555 O   ? K HOH .  ? A HOH 255 ? 1_555 172.8 ? 
24 O1  ? J CAC .  ? A CAC 109 ? 1_555 MG ? E MG . ? A MG 104 ? 1_555 O   ? K HOH .  ? A HOH 255 ? 1_555 93.6  ? 
25 O2  ? J CAC .  ? A CAC 109 ? 1_555 MG ? E MG . ? A MG 104 ? 1_555 O   ? K HOH .  ? A HOH 255 ? 1_555 85.3  ? 
26 O4  ? A U   22 ? A U   22  ? 1_555 MG ? E MG . ? A MG 104 ? 1_555 O   ? K HOH .  ? A HOH 278 ? 1_555 95.2  ? 
27 O6  ? A G   23 ? A G   23  ? 1_555 MG ? E MG . ? A MG 104 ? 1_555 O   ? K HOH .  ? A HOH 278 ? 1_555 113.6 ? 
28 O1  ? J CAC .  ? A CAC 109 ? 1_555 MG ? E MG . ? A MG 104 ? 1_555 O   ? K HOH .  ? A HOH 278 ? 1_555 100.5 ? 
29 O2  ? J CAC .  ? A CAC 109 ? 1_555 MG ? E MG . ? A MG 104 ? 1_555 O   ? K HOH .  ? A HOH 278 ? 1_555 149.7 ? 
30 O   ? K HOH .  ? A HOH 255 ? 1_555 MG ? E MG . ? A MG 104 ? 1_555 O   ? K HOH .  ? A HOH 278 ? 1_555 66.8  ? 
31 O2  ? A C   52 ? A C   52  ? 1_555 MG ? D MG . ? A MG 103 ? 1_555 O   ? K HOH .  ? A HOH 210 ? 7_555 88.5  ? 
32 O2  ? A C   52 ? A C   52  ? 1_555 MG ? D MG . ? A MG 103 ? 1_555 O   ? K HOH .  ? A HOH 214 ? 1_555 174.5 ? 
33 O   ? K HOH .  ? A HOH 210 ? 7_555 MG ? D MG . ? A MG 103 ? 1_555 O   ? K HOH .  ? A HOH 214 ? 1_555 96.8  ? 
34 O2  ? A C   52 ? A C   52  ? 1_555 MG ? D MG . ? A MG 103 ? 1_555 O   ? K HOH .  ? A HOH 228 ? 1_555 90.9  ? 
35 O   ? K HOH .  ? A HOH 210 ? 7_555 MG ? D MG . ? A MG 103 ? 1_555 O   ? K HOH .  ? A HOH 228 ? 1_555 80.5  ? 
36 O   ? K HOH .  ? A HOH 214 ? 1_555 MG ? D MG . ? A MG 103 ? 1_555 O   ? K HOH .  ? A HOH 228 ? 1_555 91.2  ? 
37 O2  ? A C   52 ? A C   52  ? 1_555 MG ? D MG . ? A MG 103 ? 1_555 O   ? K HOH .  ? A HOH 231 ? 1_555 95.9  ? 
38 O   ? K HOH .  ? A HOH 210 ? 7_555 MG ? D MG . ? A MG 103 ? 1_555 O   ? K HOH .  ? A HOH 231 ? 1_555 97.7  ? 
39 O   ? K HOH .  ? A HOH 214 ? 1_555 MG ? D MG . ? A MG 103 ? 1_555 O   ? K HOH .  ? A HOH 231 ? 1_555 82.2  ? 
40 O   ? K HOH .  ? A HOH 228 ? 1_555 MG ? D MG . ? A MG 103 ? 1_555 O   ? K HOH .  ? A HOH 231 ? 1_555 172.9 ? 
41 O2  ? A C   52 ? A C   52  ? 1_555 MG ? D MG . ? A MG 103 ? 1_555 O   ? K HOH .  ? A HOH 237 ? 1_555 90.8  ? 
42 O   ? K HOH .  ? A HOH 210 ? 7_555 MG ? D MG . ? A MG 103 ? 1_555 O   ? K HOH .  ? A HOH 237 ? 1_555 168.5 ? 
43 O   ? K HOH .  ? A HOH 214 ? 1_555 MG ? D MG . ? A MG 103 ? 1_555 O   ? K HOH .  ? A HOH 237 ? 1_555 84.2  ? 
44 O   ? K HOH .  ? A HOH 228 ? 1_555 MG ? D MG . ? A MG 103 ? 1_555 O   ? K HOH .  ? A HOH 237 ? 1_555 88.0  ? 
45 O   ? K HOH .  ? A HOH 231 ? 1_555 MG ? D MG . ? A MG 103 ? 1_555 O   ? K HOH .  ? A HOH 237 ? 1_555 93.8  ? 
# 
loop_
_pdbx_audit_revision_history.ordinal 
_pdbx_audit_revision_history.data_content_type 
_pdbx_audit_revision_history.major_revision 
_pdbx_audit_revision_history.minor_revision 
_pdbx_audit_revision_history.revision_date 
1 'Structure model' 1 0 2015-09-09 
2 'Structure model' 1 1 2017-09-27 
3 'Structure model' 1 2 2019-12-25 
4 'Structure model' 1 3 2023-09-27 
# 
_pdbx_audit_revision_details.ordinal             1 
_pdbx_audit_revision_details.revision_ordinal    1 
_pdbx_audit_revision_details.data_content_type   'Structure model' 
_pdbx_audit_revision_details.provider            repository 
_pdbx_audit_revision_details.type                'Initial release' 
_pdbx_audit_revision_details.description         ? 
_pdbx_audit_revision_details.details             ? 
# 
loop_
_pdbx_audit_revision_group.ordinal 
_pdbx_audit_revision_group.revision_ordinal 
_pdbx_audit_revision_group.data_content_type 
_pdbx_audit_revision_group.group 
1 2 'Structure model' 'Author supporting evidence' 
2 2 'Structure model' 'Database references'        
3 2 'Structure model' 'Derived calculations'       
4 2 'Structure model' 'Refinement description'     
5 3 'Structure model' 'Author supporting evidence' 
6 4 'Structure model' 'Data collection'            
7 4 'Structure model' 'Database references'        
8 4 'Structure model' 'Derived calculations'       
9 4 'Structure model' 'Refinement description'     
# 
loop_
_pdbx_audit_revision_category.ordinal 
_pdbx_audit_revision_category.revision_ordinal 
_pdbx_audit_revision_category.data_content_type 
_pdbx_audit_revision_category.category 
1  2 'Structure model' citation                      
2  2 'Structure model' pdbx_audit_support            
3  2 'Structure model' pdbx_struct_oper_list         
4  2 'Structure model' software                      
5  3 'Structure model' pdbx_audit_support            
6  4 'Structure model' chem_comp_atom                
7  4 'Structure model' chem_comp_bond                
8  4 'Structure model' database_2                    
9  4 'Structure model' pdbx_initial_refinement_model 
10 4 'Structure model' pdbx_struct_conn_angle        
11 4 'Structure model' struct_conn                   
# 
loop_
_pdbx_audit_revision_item.ordinal 
_pdbx_audit_revision_item.revision_ordinal 
_pdbx_audit_revision_item.data_content_type 
_pdbx_audit_revision_item.item 
1  2 'Structure model' '_citation.journal_id_CSD'                  
2  2 'Structure model' '_pdbx_audit_support.funding_organization'  
3  2 'Structure model' '_pdbx_struct_oper_list.symmetry_operation' 
4  3 'Structure model' '_pdbx_audit_support.funding_organization'  
5  4 'Structure model' '_database_2.pdbx_DOI'                      
6  4 'Structure model' '_database_2.pdbx_database_accession'       
7  4 'Structure model' '_pdbx_struct_conn_angle.ptnr1_auth_seq_id' 
8  4 'Structure model' '_pdbx_struct_conn_angle.ptnr1_symmetry'    
9  4 'Structure model' '_pdbx_struct_conn_angle.ptnr3_auth_seq_id' 
10 4 'Structure model' '_pdbx_struct_conn_angle.ptnr3_symmetry'    
11 4 'Structure model' '_pdbx_struct_conn_angle.value'             
12 4 'Structure model' '_struct_conn.pdbx_dist_value'              
13 4 'Structure model' '_struct_conn.ptnr1_auth_seq_id'            
14 4 'Structure model' '_struct_conn.ptnr1_label_asym_id'          
15 4 'Structure model' '_struct_conn.ptnr2_auth_comp_id'           
16 4 'Structure model' '_struct_conn.ptnr2_auth_seq_id'            
17 4 'Structure model' '_struct_conn.ptnr2_label_asym_id'          
18 4 'Structure model' '_struct_conn.ptnr2_label_atom_id'          
19 4 'Structure model' '_struct_conn.ptnr2_label_comp_id'          
20 4 'Structure model' '_struct_conn.ptnr2_symmetry'               
# 
loop_
_software.citation_id 
_software.classification 
_software.compiler_name 
_software.compiler_version 
_software.contact_author 
_software.contact_author_email 
_software.date 
_software.description 
_software.dependencies 
_software.hardware 
_software.language 
_software.location 
_software.mods 
_software.name 
_software.os 
_software.os_version 
_software.type 
_software.version 
_software.pdbx_ordinal 
? refinement       ? ? ? ? ? ? ? ? ? ? ? PHENIX ? ? ? '(phenix.refine: 1.9_1692)' 1 
? 'data reduction' ? ? ? ? ? ? ? ? ? ? ? MOSFLM ? ? ? .                           2 
? phasing          ? ? ? ? ? ? ? ? ? ? ? PHASER ? ? ? .                           3 
# 
_pdbx_validate_close_contact.id               1 
_pdbx_validate_close_contact.PDB_model_num    1 
_pdbx_validate_close_contact.auth_atom_id_1   OP2 
_pdbx_validate_close_contact.auth_asym_id_1   A 
_pdbx_validate_close_contact.auth_comp_id_1   G 
_pdbx_validate_close_contact.auth_seq_id_1    60 
_pdbx_validate_close_contact.PDB_ins_code_1   ? 
_pdbx_validate_close_contact.label_alt_id_1   ? 
_pdbx_validate_close_contact.auth_atom_id_2   O 
_pdbx_validate_close_contact.auth_asym_id_2   A 
_pdbx_validate_close_contact.auth_comp_id_2   HOH 
_pdbx_validate_close_contact.auth_seq_id_2    201 
_pdbx_validate_close_contact.PDB_ins_code_2   ? 
_pdbx_validate_close_contact.label_alt_id_2   ? 
_pdbx_validate_close_contact.dist             2.12 
# 
loop_
_pdbx_validate_rmsd_angle.id 
_pdbx_validate_rmsd_angle.PDB_model_num 
_pdbx_validate_rmsd_angle.auth_atom_id_1 
_pdbx_validate_rmsd_angle.auth_asym_id_1 
_pdbx_validate_rmsd_angle.auth_comp_id_1 
_pdbx_validate_rmsd_angle.auth_seq_id_1 
_pdbx_validate_rmsd_angle.PDB_ins_code_1 
_pdbx_validate_rmsd_angle.label_alt_id_1 
_pdbx_validate_rmsd_angle.auth_atom_id_2 
_pdbx_validate_rmsd_angle.auth_asym_id_2 
_pdbx_validate_rmsd_angle.auth_comp_id_2 
_pdbx_validate_rmsd_angle.auth_seq_id_2 
_pdbx_validate_rmsd_angle.PDB_ins_code_2 
_pdbx_validate_rmsd_angle.label_alt_id_2 
_pdbx_validate_rmsd_angle.auth_atom_id_3 
_pdbx_validate_rmsd_angle.auth_asym_id_3 
_pdbx_validate_rmsd_angle.auth_comp_id_3 
_pdbx_validate_rmsd_angle.auth_seq_id_3 
_pdbx_validate_rmsd_angle.PDB_ins_code_3 
_pdbx_validate_rmsd_angle.label_alt_id_3 
_pdbx_validate_rmsd_angle.angle_value 
_pdbx_validate_rmsd_angle.angle_target_value 
_pdbx_validate_rmsd_angle.angle_deviation 
_pdbx_validate_rmsd_angle.angle_standard_deviation 
_pdbx_validate_rmsd_angle.linker_flag 
1 1 C5    A G 34 ? ? C6    A G 34 ? ? O6 A G 34 ? ? 124.64 128.60 -3.96 0.60 N 
2 1 "O4'" A G 51 ? ? "C1'" A G 51 ? ? N9 A G 51 ? ? 113.53 108.50 5.03  0.70 N 
# 
loop_
_chem_comp_atom.comp_id 
_chem_comp_atom.atom_id 
_chem_comp_atom.type_symbol 
_chem_comp_atom.pdbx_aromatic_flag 
_chem_comp_atom.pdbx_stereo_config 
_chem_comp_atom.pdbx_ordinal 
A   OP3    O  N N 1   
A   P      P  N N 2   
A   OP1    O  N N 3   
A   OP2    O  N N 4   
A   "O5'"  O  N N 5   
A   "C5'"  C  N N 6   
A   "C4'"  C  N R 7   
A   "O4'"  O  N N 8   
A   "C3'"  C  N S 9   
A   "O3'"  O  N N 10  
A   "C2'"  C  N R 11  
A   "O2'"  O  N N 12  
A   "C1'"  C  N R 13  
A   N9     N  Y N 14  
A   C8     C  Y N 15  
A   N7     N  Y N 16  
A   C5     C  Y N 17  
A   C6     C  Y N 18  
A   N6     N  N N 19  
A   N1     N  Y N 20  
A   C2     C  Y N 21  
A   N3     N  Y N 22  
A   C4     C  Y N 23  
A   HOP3   H  N N 24  
A   HOP2   H  N N 25  
A   "H5'"  H  N N 26  
A   "H5''" H  N N 27  
A   "H4'"  H  N N 28  
A   "H3'"  H  N N 29  
A   "HO3'" H  N N 30  
A   "H2'"  H  N N 31  
A   "HO2'" H  N N 32  
A   "H1'"  H  N N 33  
A   H8     H  N N 34  
A   H61    H  N N 35  
A   H62    H  N N 36  
A   H2     H  N N 37  
AMZ O5     O  N N 38  
AMZ C6     C  N N 39  
AMZ N2     N  N N 40  
AMZ C3A    C  Y N 41  
AMZ C7A    C  Y N 42  
AMZ N3     N  N N 43  
AMZ N1     N  Y N 44  
AMZ C5     C  Y N 45  
AMZ N      N  Y N 46  
AMZ C1     C  N R 47  
AMZ C2     C  N R 48  
AMZ C3     C  N S 49  
AMZ O2     O  N N 50  
AMZ O1     O  N N 51  
AMZ O      O  N N 52  
AMZ C      C  N R 53  
AMZ C4     C  N N 54  
AMZ O3     O  N N 55  
AMZ P      P  N N 56  
AMZ OP1    O  N N 57  
AMZ O4     O  N N 58  
AMZ OP2    O  N N 59  
AMZ H11    H  N N 60  
AMZ H12    H  N N 61  
AMZ H9     H  N N 62  
AMZ H10    H  N N 63  
AMZ H13    H  N N 64  
AMZ H2     H  N N 65  
AMZ H3     H  N N 66  
AMZ H4     H  N N 67  
AMZ H5     H  N N 68  
AMZ H1     H  N N 69  
AMZ H6     H  N N 70  
AMZ H7     H  N N 71  
AMZ H8     H  N N 72  
AMZ H15    H  N N 73  
AMZ H14    H  N N 74  
C   OP3    O  N N 75  
C   P      P  N N 76  
C   OP1    O  N N 77  
C   OP2    O  N N 78  
C   "O5'"  O  N N 79  
C   "C5'"  C  N N 80  
C   "C4'"  C  N R 81  
C   "O4'"  O  N N 82  
C   "C3'"  C  N S 83  
C   "O3'"  O  N N 84  
C   "C2'"  C  N R 85  
C   "O2'"  O  N N 86  
C   "C1'"  C  N R 87  
C   N1     N  N N 88  
C   C2     C  N N 89  
C   O2     O  N N 90  
C   N3     N  N N 91  
C   C4     C  N N 92  
C   N4     N  N N 93  
C   C5     C  N N 94  
C   C6     C  N N 95  
C   HOP3   H  N N 96  
C   HOP2   H  N N 97  
C   "H5'"  H  N N 98  
C   "H5''" H  N N 99  
C   "H4'"  H  N N 100 
C   "H3'"  H  N N 101 
C   "HO3'" H  N N 102 
C   "H2'"  H  N N 103 
C   "HO2'" H  N N 104 
C   "H1'"  H  N N 105 
C   H41    H  N N 106 
C   H42    H  N N 107 
C   H5     H  N N 108 
C   H6     H  N N 109 
CAC AS     AS N N 110 
CAC O1     O  N N 111 
CAC O2     O  N N 112 
CAC C1     C  N N 113 
CAC C2     C  N N 114 
CAC H11    H  N N 115 
CAC H12    H  N N 116 
CAC H13    H  N N 117 
CAC H21    H  N N 118 
CAC H22    H  N N 119 
CAC H23    H  N N 120 
G   OP3    O  N N 121 
G   P      P  N N 122 
G   OP1    O  N N 123 
G   OP2    O  N N 124 
G   "O5'"  O  N N 125 
G   "C5'"  C  N N 126 
G   "C4'"  C  N R 127 
G   "O4'"  O  N N 128 
G   "C3'"  C  N S 129 
G   "O3'"  O  N N 130 
G   "C2'"  C  N R 131 
G   "O2'"  O  N N 132 
G   "C1'"  C  N R 133 
G   N9     N  Y N 134 
G   C8     C  Y N 135 
G   N7     N  Y N 136 
G   C5     C  Y N 137 
G   C6     C  N N 138 
G   O6     O  N N 139 
G   N1     N  N N 140 
G   C2     C  N N 141 
G   N2     N  N N 142 
G   N3     N  N N 143 
G   C4     C  Y N 144 
G   HOP3   H  N N 145 
G   HOP2   H  N N 146 
G   "H5'"  H  N N 147 
G   "H5''" H  N N 148 
G   "H4'"  H  N N 149 
G   "H3'"  H  N N 150 
G   "HO3'" H  N N 151 
G   "H2'"  H  N N 152 
G   "HO2'" H  N N 153 
G   "H1'"  H  N N 154 
G   H8     H  N N 155 
G   H1     H  N N 156 
G   H21    H  N N 157 
G   H22    H  N N 158 
HOH O      O  N N 159 
HOH H1     H  N N 160 
HOH H2     H  N N 161 
IRI IR     IR N N 162 
IRI N1     N  N N 163 
IRI N2     N  N N 164 
IRI N3     N  N N 165 
IRI N4     N  N N 166 
IRI N5     N  N N 167 
IRI N6     N  N N 168 
IRI HN11   H  N N 169 
IRI HN12   H  N N 170 
IRI HN13   H  N N 171 
IRI HN21   H  N N 172 
IRI HN22   H  N N 173 
IRI HN23   H  N N 174 
IRI HN31   H  N N 175 
IRI HN32   H  N N 176 
IRI HN33   H  N N 177 
IRI HN41   H  N N 178 
IRI HN42   H  N N 179 
IRI HN43   H  N N 180 
IRI HN51   H  N N 181 
IRI HN52   H  N N 182 
IRI HN53   H  N N 183 
IRI HN61   H  N N 184 
IRI HN62   H  N N 185 
IRI HN63   H  N N 186 
MG  MG     MG N N 187 
U   OP3    O  N N 188 
U   P      P  N N 189 
U   OP1    O  N N 190 
U   OP2    O  N N 191 
U   "O5'"  O  N N 192 
U   "C5'"  C  N N 193 
U   "C4'"  C  N R 194 
U   "O4'"  O  N N 195 
U   "C3'"  C  N S 196 
U   "O3'"  O  N N 197 
U   "C2'"  C  N R 198 
U   "O2'"  O  N N 199 
U   "C1'"  C  N R 200 
U   N1     N  N N 201 
U   C2     C  N N 202 
U   O2     O  N N 203 
U   N3     N  N N 204 
U   C4     C  N N 205 
U   O4     O  N N 206 
U   C5     C  N N 207 
U   C6     C  N N 208 
U   HOP3   H  N N 209 
U   HOP2   H  N N 210 
U   "H5'"  H  N N 211 
U   "H5''" H  N N 212 
U   "H4'"  H  N N 213 
U   "H3'"  H  N N 214 
U   "HO3'" H  N N 215 
U   "H2'"  H  N N 216 
U   "HO2'" H  N N 217 
U   "H1'"  H  N N 218 
U   H3     H  N N 219 
U   H5     H  N N 220 
U   H6     H  N N 221 
# 
loop_
_chem_comp_bond.comp_id 
_chem_comp_bond.atom_id_1 
_chem_comp_bond.atom_id_2 
_chem_comp_bond.value_order 
_chem_comp_bond.pdbx_aromatic_flag 
_chem_comp_bond.pdbx_stereo_config 
_chem_comp_bond.pdbx_ordinal 
A   OP3   P      sing N N 1   
A   OP3   HOP3   sing N N 2   
A   P     OP1    doub N N 3   
A   P     OP2    sing N N 4   
A   P     "O5'"  sing N N 5   
A   OP2   HOP2   sing N N 6   
A   "O5'" "C5'"  sing N N 7   
A   "C5'" "C4'"  sing N N 8   
A   "C5'" "H5'"  sing N N 9   
A   "C5'" "H5''" sing N N 10  
A   "C4'" "O4'"  sing N N 11  
A   "C4'" "C3'"  sing N N 12  
A   "C4'" "H4'"  sing N N 13  
A   "O4'" "C1'"  sing N N 14  
A   "C3'" "O3'"  sing N N 15  
A   "C3'" "C2'"  sing N N 16  
A   "C3'" "H3'"  sing N N 17  
A   "O3'" "HO3'" sing N N 18  
A   "C2'" "O2'"  sing N N 19  
A   "C2'" "C1'"  sing N N 20  
A   "C2'" "H2'"  sing N N 21  
A   "O2'" "HO2'" sing N N 22  
A   "C1'" N9     sing N N 23  
A   "C1'" "H1'"  sing N N 24  
A   N9    C8     sing Y N 25  
A   N9    C4     sing Y N 26  
A   C8    N7     doub Y N 27  
A   C8    H8     sing N N 28  
A   N7    C5     sing Y N 29  
A   C5    C6     sing Y N 30  
A   C5    C4     doub Y N 31  
A   C6    N6     sing N N 32  
A   C6    N1     doub Y N 33  
A   N6    H61    sing N N 34  
A   N6    H62    sing N N 35  
A   N1    C2     sing Y N 36  
A   C2    N3     doub Y N 37  
A   C2    H2     sing N N 38  
A   N3    C4     sing Y N 39  
AMZ O5    C6     doub N N 40  
AMZ C6    N2     sing N N 41  
AMZ C6    C3A    sing N N 42  
AMZ N2    H11    sing N N 43  
AMZ N2    H12    sing N N 44  
AMZ C3A   C7A    doub Y N 45  
AMZ C3A   N1     sing Y N 46  
AMZ C7A   N3     sing N N 47  
AMZ C7A   N      sing Y N 48  
AMZ N3    H9     sing N N 49  
AMZ N3    H10    sing N N 50  
AMZ N1    C5     doub Y N 51  
AMZ C5    N      sing Y N 52  
AMZ C5    H13    sing N N 53  
AMZ N     C1     sing N N 54  
AMZ C1    C2     sing N N 55  
AMZ C1    O      sing N N 56  
AMZ C1    H2     sing N N 57  
AMZ C2    C3     sing N N 58  
AMZ C2    O1     sing N N 59  
AMZ C2    H3     sing N N 60  
AMZ C3    O2     sing N N 61  
AMZ C3    C      sing N N 62  
AMZ C3    H4     sing N N 63  
AMZ O2    H5     sing N N 64  
AMZ O1    H1     sing N N 65  
AMZ O     C      sing N N 66  
AMZ C     C4     sing N N 67  
AMZ C     H6     sing N N 68  
AMZ C4    O3     sing N N 69  
AMZ C4    H7     sing N N 70  
AMZ C4    H8     sing N N 71  
AMZ O3    P      sing N N 72  
AMZ P     OP1    sing N N 73  
AMZ P     O4     sing N N 74  
AMZ P     OP2    doub N N 75  
AMZ OP1   H15    sing N N 76  
AMZ O4    H14    sing N N 77  
C   OP3   P      sing N N 78  
C   OP3   HOP3   sing N N 79  
C   P     OP1    doub N N 80  
C   P     OP2    sing N N 81  
C   P     "O5'"  sing N N 82  
C   OP2   HOP2   sing N N 83  
C   "O5'" "C5'"  sing N N 84  
C   "C5'" "C4'"  sing N N 85  
C   "C5'" "H5'"  sing N N 86  
C   "C5'" "H5''" sing N N 87  
C   "C4'" "O4'"  sing N N 88  
C   "C4'" "C3'"  sing N N 89  
C   "C4'" "H4'"  sing N N 90  
C   "O4'" "C1'"  sing N N 91  
C   "C3'" "O3'"  sing N N 92  
C   "C3'" "C2'"  sing N N 93  
C   "C3'" "H3'"  sing N N 94  
C   "O3'" "HO3'" sing N N 95  
C   "C2'" "O2'"  sing N N 96  
C   "C2'" "C1'"  sing N N 97  
C   "C2'" "H2'"  sing N N 98  
C   "O2'" "HO2'" sing N N 99  
C   "C1'" N1     sing N N 100 
C   "C1'" "H1'"  sing N N 101 
C   N1    C2     sing N N 102 
C   N1    C6     sing N N 103 
C   C2    O2     doub N N 104 
C   C2    N3     sing N N 105 
C   N3    C4     doub N N 106 
C   C4    N4     sing N N 107 
C   C4    C5     sing N N 108 
C   N4    H41    sing N N 109 
C   N4    H42    sing N N 110 
C   C5    C6     doub N N 111 
C   C5    H5     sing N N 112 
C   C6    H6     sing N N 113 
CAC AS    O1     doub N N 114 
CAC AS    O2     sing N N 115 
CAC AS    C1     sing N N 116 
CAC AS    C2     sing N N 117 
CAC C1    H11    sing N N 118 
CAC C1    H12    sing N N 119 
CAC C1    H13    sing N N 120 
CAC C2    H21    sing N N 121 
CAC C2    H22    sing N N 122 
CAC C2    H23    sing N N 123 
G   OP3   P      sing N N 124 
G   OP3   HOP3   sing N N 125 
G   P     OP1    doub N N 126 
G   P     OP2    sing N N 127 
G   P     "O5'"  sing N N 128 
G   OP2   HOP2   sing N N 129 
G   "O5'" "C5'"  sing N N 130 
G   "C5'" "C4'"  sing N N 131 
G   "C5'" "H5'"  sing N N 132 
G   "C5'" "H5''" sing N N 133 
G   "C4'" "O4'"  sing N N 134 
G   "C4'" "C3'"  sing N N 135 
G   "C4'" "H4'"  sing N N 136 
G   "O4'" "C1'"  sing N N 137 
G   "C3'" "O3'"  sing N N 138 
G   "C3'" "C2'"  sing N N 139 
G   "C3'" "H3'"  sing N N 140 
G   "O3'" "HO3'" sing N N 141 
G   "C2'" "O2'"  sing N N 142 
G   "C2'" "C1'"  sing N N 143 
G   "C2'" "H2'"  sing N N 144 
G   "O2'" "HO2'" sing N N 145 
G   "C1'" N9     sing N N 146 
G   "C1'" "H1'"  sing N N 147 
G   N9    C8     sing Y N 148 
G   N9    C4     sing Y N 149 
G   C8    N7     doub Y N 150 
G   C8    H8     sing N N 151 
G   N7    C5     sing Y N 152 
G   C5    C6     sing N N 153 
G   C5    C4     doub Y N 154 
G   C6    O6     doub N N 155 
G   C6    N1     sing N N 156 
G   N1    C2     sing N N 157 
G   N1    H1     sing N N 158 
G   C2    N2     sing N N 159 
G   C2    N3     doub N N 160 
G   N2    H21    sing N N 161 
G   N2    H22    sing N N 162 
G   N3    C4     sing N N 163 
HOH O     H1     sing N N 164 
HOH O     H2     sing N N 165 
IRI IR    N1     sing N N 166 
IRI IR    N2     sing N N 167 
IRI IR    N3     sing N N 168 
IRI IR    N4     sing N N 169 
IRI IR    N5     sing N N 170 
IRI IR    N6     sing N N 171 
IRI N1    HN11   sing N N 172 
IRI N1    HN12   sing N N 173 
IRI N1    HN13   sing N N 174 
IRI N2    HN21   sing N N 175 
IRI N2    HN22   sing N N 176 
IRI N2    HN23   sing N N 177 
IRI N3    HN31   sing N N 178 
IRI N3    HN32   sing N N 179 
IRI N3    HN33   sing N N 180 
IRI N4    HN41   sing N N 181 
IRI N4    HN42   sing N N 182 
IRI N4    HN43   sing N N 183 
IRI N5    HN51   sing N N 184 
IRI N5    HN52   sing N N 185 
IRI N5    HN53   sing N N 186 
IRI N6    HN61   sing N N 187 
IRI N6    HN62   sing N N 188 
IRI N6    HN63   sing N N 189 
U   OP3   P      sing N N 190 
U   OP3   HOP3   sing N N 191 
U   P     OP1    doub N N 192 
U   P     OP2    sing N N 193 
U   P     "O5'"  sing N N 194 
U   OP2   HOP2   sing N N 195 
U   "O5'" "C5'"  sing N N 196 
U   "C5'" "C4'"  sing N N 197 
U   "C5'" "H5'"  sing N N 198 
U   "C5'" "H5''" sing N N 199 
U   "C4'" "O4'"  sing N N 200 
U   "C4'" "C3'"  sing N N 201 
U   "C4'" "H4'"  sing N N 202 
U   "O4'" "C1'"  sing N N 203 
U   "C3'" "O3'"  sing N N 204 
U   "C3'" "C2'"  sing N N 205 
U   "C3'" "H3'"  sing N N 206 
U   "O3'" "HO3'" sing N N 207 
U   "C2'" "O2'"  sing N N 208 
U   "C2'" "C1'"  sing N N 209 
U   "C2'" "H2'"  sing N N 210 
U   "O2'" "HO2'" sing N N 211 
U   "C1'" N1     sing N N 212 
U   "C1'" "H1'"  sing N N 213 
U   N1    C2     sing N N 214 
U   N1    C6     sing N N 215 
U   C2    O2     doub N N 216 
U   C2    N3     sing N N 217 
U   N3    C4     sing N N 218 
U   N3    H3     sing N N 219 
U   C4    O4     doub N N 220 
U   C4    C5     sing N N 221 
U   C5    C6     doub N N 222 
U   C5    H5     sing N N 223 
U   C6    H6     sing N N 224 
# 
loop_
_ndb_struct_conf_na.entry_id 
_ndb_struct_conf_na.feature 
4XWF 'double helix'         
4XWF 'a-form double helix'  
4XWF 'hairpin loop'         
4XWF 'bulge loop'           
4XWF 'mismatched base pair' 
# 
loop_
_ndb_struct_na_base_pair.model_number 
_ndb_struct_na_base_pair.i_label_asym_id 
_ndb_struct_na_base_pair.i_label_comp_id 
_ndb_struct_na_base_pair.i_label_seq_id 
_ndb_struct_na_base_pair.i_symmetry 
_ndb_struct_na_base_pair.j_label_asym_id 
_ndb_struct_na_base_pair.j_label_comp_id 
_ndb_struct_na_base_pair.j_label_seq_id 
_ndb_struct_na_base_pair.j_symmetry 
_ndb_struct_na_base_pair.shear 
_ndb_struct_na_base_pair.stretch 
_ndb_struct_na_base_pair.stagger 
_ndb_struct_na_base_pair.buckle 
_ndb_struct_na_base_pair.propeller 
_ndb_struct_na_base_pair.opening 
_ndb_struct_na_base_pair.pair_number 
_ndb_struct_na_base_pair.pair_name 
_ndb_struct_na_base_pair.i_auth_asym_id 
_ndb_struct_na_base_pair.i_auth_seq_id 
_ndb_struct_na_base_pair.i_PDB_ins_code 
_ndb_struct_na_base_pair.j_auth_asym_id 
_ndb_struct_na_base_pair.j_auth_seq_id 
_ndb_struct_na_base_pair.j_PDB_ins_code 
_ndb_struct_na_base_pair.hbond_type_28 
_ndb_struct_na_base_pair.hbond_type_12 
1 A G 12 1_555 A A 28 1_555 -2.101 6.691  -1.884 -32.613 6.458   146.210  1  A_G12:A28_A A 12 ? A 28 ? ?  11 
1 A C 29 1_555 A G 24 1_555 0.389  -0.155 -0.148 7.896   -19.528 0.443    2  A_C29:G24_A A 29 ? A 24 ? 19 1  
1 A C 30 1_555 A G 23 1_555 0.196  -0.060 0.151  -1.456  -8.181  3.745    3  A_C30:G23_A A 30 ? A 23 ? 19 1  
1 A A 31 1_555 A U 22 1_555 0.204  -0.194 0.282  6.121   -9.124  -2.776   4  A_A31:U22_A A 31 ? A 22 ? 20 1  
1 A C 32 1_555 A G 21 1_555 0.310  -0.166 -0.014 8.762   -12.060 0.935    5  A_C32:G21_A A 32 ? A 21 ? 19 1  
1 A C 33 1_555 A G 20 1_555 0.381  -0.183 -0.355 12.943  -11.954 -0.346   6  A_C33:G20_A A 33 ? A 20 ? 19 1  
1 A G 34 1_555 A A 19 1_555 -2.411 -6.908 2.002  -53.134 2.196   -149.021 7  A_G34:A19_A A 34 ? A 19 ? ?  6  
1 A G 35 1_555 A U 11 1_555 -2.274 -0.401 -0.368 -22.814 -14.863 8.063    8  A_G35:U11_A A 35 ? A 11 ? 28 1  
1 A G 36 1_555 A C 10 1_555 -0.104 -0.035 0.059  -12.179 -8.796  1.167    9  A_G36:C10_A A 36 ? A 10 ? 19 1  
1 A G 37 1_555 A A 9  1_555 6.743  -4.560 0.061  1.402   -6.193  -6.064   10 A_G37:A9_A  A 37 ? A 9  ? 11 10 
1 A A 38 1_555 A G 8  1_555 -6.916 -4.656 -0.011 7.484   -10.315 -9.787   11 A_A38:G8_A  A 38 ? A 8  ? 11 10 
1 A G 39 1_555 A U 7  1_555 -2.334 -0.622 0.193  10.631  -15.018 -0.497   12 A_G39:U7_A  A 39 ? A 7  ? 28 1  
1 A C 40 1_555 A G 6  1_555 0.321  -0.183 0.021  7.411   -20.278 -0.277   13 A_C40:G6_A  A 40 ? A 6  ? 19 1  
1 A G 41 1_555 A C 5  1_555 -0.174 -0.216 -0.001 -0.394  -8.792  0.970    14 A_G41:C5_A  A 41 ? A 5  ? 19 1  
1 A A 42 1_555 A U 4  1_555 0.306  -0.057 0.259  8.741   -9.852  -1.322   15 A_A42:U4_A  A 42 ? A 4  ? 20 1  
1 A C 43 1_555 A G 3  1_555 0.682  0.025  -0.131 9.240   -11.844 5.799    16 A_C43:G3_A  A 43 ? A 3  ? 19 1  
1 A C 44 1_555 A G 2  1_555 0.150  -0.231 -0.244 8.734   -12.103 2.023    17 A_C44:G2_A  A 44 ? A 2  ? 19 1  
1 A C 45 1_555 A G 1  1_555 0.200  -0.351 0.072  1.969   -8.003  -0.952   18 A_C45:G1_A  A 45 ? A 1  ? 19 1  
1 A U 46 1_555 A A 64 1_555 -0.344 -0.172 0.170  -12.827 -12.958 0.477    19 A_U46:A64_A A 46 ? A 64 ? 20 1  
1 A U 47 1_555 A A 63 1_555 0.000  -0.010 0.331  -2.536  -6.906  -0.778   20 A_U47:A63_A A 47 ? A 63 ? 20 1  
1 A G 48 1_555 A C 62 1_555 -0.439 -0.058 0.184  2.009   -10.485 3.475    21 A_G48:C62_A A 48 ? A 62 ? 19 1  
1 A C 49 1_555 A G 61 1_555 0.234  -0.179 -0.144 4.144   -10.457 -1.136   22 A_C49:G61_A A 49 ? A 61 ? 19 1  
1 A C 50 1_555 A G 60 1_555 0.191  -0.102 0.044  3.736   5.243   1.215    23 A_C50:G60_A A 50 ? A 60 ? 19 1  
1 A G 51 1_555 A G 59 1_555 -2.085 -2.374 0.986  2.798   -42.728 123.553  24 A_G51:G59_A A 51 ? A 59 ? ?  1  
# 
loop_
_ndb_struct_na_base_pair_step.model_number 
_ndb_struct_na_base_pair_step.i_label_asym_id_1 
_ndb_struct_na_base_pair_step.i_label_comp_id_1 
_ndb_struct_na_base_pair_step.i_label_seq_id_1 
_ndb_struct_na_base_pair_step.i_symmetry_1 
_ndb_struct_na_base_pair_step.j_label_asym_id_1 
_ndb_struct_na_base_pair_step.j_label_comp_id_1 
_ndb_struct_na_base_pair_step.j_label_seq_id_1 
_ndb_struct_na_base_pair_step.j_symmetry_1 
_ndb_struct_na_base_pair_step.i_label_asym_id_2 
_ndb_struct_na_base_pair_step.i_label_comp_id_2 
_ndb_struct_na_base_pair_step.i_label_seq_id_2 
_ndb_struct_na_base_pair_step.i_symmetry_2 
_ndb_struct_na_base_pair_step.j_label_asym_id_2 
_ndb_struct_na_base_pair_step.j_label_comp_id_2 
_ndb_struct_na_base_pair_step.j_label_seq_id_2 
_ndb_struct_na_base_pair_step.j_symmetry_2 
_ndb_struct_na_base_pair_step.shift 
_ndb_struct_na_base_pair_step.slide 
_ndb_struct_na_base_pair_step.rise 
_ndb_struct_na_base_pair_step.tilt 
_ndb_struct_na_base_pair_step.roll 
_ndb_struct_na_base_pair_step.twist 
_ndb_struct_na_base_pair_step.x_displacement 
_ndb_struct_na_base_pair_step.y_displacement 
_ndb_struct_na_base_pair_step.helical_rise 
_ndb_struct_na_base_pair_step.inclination 
_ndb_struct_na_base_pair_step.tip 
_ndb_struct_na_base_pair_step.helical_twist 
_ndb_struct_na_base_pair_step.step_number 
_ndb_struct_na_base_pair_step.step_name 
_ndb_struct_na_base_pair_step.i_auth_asym_id_1 
_ndb_struct_na_base_pair_step.i_auth_seq_id_1 
_ndb_struct_na_base_pair_step.i_PDB_ins_code_1 
_ndb_struct_na_base_pair_step.j_auth_asym_id_1 
_ndb_struct_na_base_pair_step.j_auth_seq_id_1 
_ndb_struct_na_base_pair_step.j_PDB_ins_code_1 
_ndb_struct_na_base_pair_step.i_auth_asym_id_2 
_ndb_struct_na_base_pair_step.i_auth_seq_id_2 
_ndb_struct_na_base_pair_step.i_PDB_ins_code_2 
_ndb_struct_na_base_pair_step.j_auth_asym_id_2 
_ndb_struct_na_base_pair_step.j_auth_seq_id_2 
_ndb_struct_na_base_pair_step.j_PDB_ins_code_2 
1 A C 29 1_555 A G 24 1_555 A C 30 1_555 A G 23 1_555 -0.675 -2.074 3.370  -3.971   9.754  31.085  -5.271 0.547  2.678 17.580 
7.157   32.779  1  AA_C29C30:G23G24_AA A 29 ? A 24 ? A 30 ? A 23 ? 
1 A C 30 1_555 A G 23 1_555 A A 31 1_555 A U 22 1_555 -0.496 -1.369 2.870  -0.247   11.418 30.592  -4.039 0.849  2.233 20.755 
0.449   32.606  2  AA_C30A31:U22G23_AA A 30 ? A 23 ? A 31 ? A 22 ? 
1 A A 31 1_555 A U 22 1_555 A C 32 1_555 A G 21 1_555 0.195  -1.286 3.220  2.210    10.219 30.891  -3.944 0.009  2.677 18.532 
-4.008  32.572  3  AA_A31C32:G21U22_AA A 31 ? A 22 ? A 32 ? A 21 ? 
1 A C 32 1_555 A G 21 1_555 A C 33 1_555 A G 20 1_555 0.378  -1.718 3.199  2.496    4.008  31.610  -3.811 -0.256 2.984 7.306  
-4.550  31.952  4  AA_C32C33:G20G21_AA A 32 ? A 21 ? A 33 ? A 20 ? 
1 A C 33 1_555 A G 20 1_555 A G 34 1_555 A A 19 1_555 -3.084 0.983  3.703  20.224   28.597 111.873 0.235  2.069  3.434 17.025 
-12.040 115.428 5  AA_C33G34:A19G20_AA A 33 ? A 20 ? A 34 ? A 19 ? 
1 A G 34 1_555 A A 19 1_555 A G 35 1_555 A U 11 1_555 1.647  -4.749 4.627  -3.924   -6.645 -35.917 8.733  1.911  3.869 10.625 
-6.274  -36.710 6  AA_G34G35:U11A19_AA A 34 ? A 19 ? A 35 ? A 11 ? 
1 A G 35 1_555 A U 11 1_555 A G 36 1_555 A C 10 1_555 -1.302 -2.299 3.138  -2.990   3.219  23.511  -6.531 2.231  2.941 7.812  
7.257   23.913  7  AA_G35G36:C10U11_AA A 35 ? A 11 ? A 36 ? A 10 ? 
1 A G 36 1_555 A C 10 1_555 A G 37 1_555 A A 9  1_555 -1.243 -0.449 3.105  0.916    2.679  63.035  -0.541 1.226  3.070 2.561  
-0.875  63.092  8  AA_G36G37:A9C10_AA  A 36 ? A 10 ? A 37 ? A 9  ? 
1 A G 37 1_555 A A 9  1_555 A A 38 1_555 A G 8  1_555 -0.043 -0.551 3.292  3.139    -0.443 -28.402 1.218  0.630  3.268 0.899  
6.373   -28.574 9  AA_G37A38:G8A9_AA   A 37 ? A 9  ? A 38 ? A 8  ? 
1 A A 38 1_555 A G 8  1_555 A G 39 1_555 A U 7  1_555 1.060  -0.910 3.342  -4.528   2.549  56.383  -1.103 -1.373 3.215 2.691  
4.781   56.603  10 AA_A38G39:U7G8_AA   A 38 ? A 8  ? A 39 ? A 7  ? 
1 A G 39 1_555 A U 7  1_555 A C 40 1_555 A G 6  1_555 -0.103 -1.274 3.275  -1.016   3.150  45.673  -1.909 0.045  3.186 4.052  
1.307   45.787  11 AA_G39C40:G6U7_AA   A 39 ? A 7  ? A 40 ? A 6  ? 
1 A C 40 1_555 A G 6  1_555 A G 41 1_555 A C 5  1_555 -0.628 -1.989 3.403  -2.762   11.349 26.238  -6.394 0.689  2.405 23.571 
5.737   28.678  12 AA_C40G41:C5G6_AA   A 40 ? A 6  ? A 41 ? A 5  ? 
1 A G 41 1_555 A C 5  1_555 A A 42 1_555 A U 4  1_555 -0.483 -1.251 2.990  -3.878   8.656  34.737  -3.108 0.297  2.649 14.174 
6.350   35.970  13 AA_G41A42:U4C5_AA   A 41 ? A 5  ? A 42 ? A 4  ? 
1 A A 42 1_555 A U 4  1_555 A C 43 1_555 A G 3  1_555 0.273  -1.291 3.294  2.354    10.099 32.006  -3.809 -0.106 2.782 17.744 
-4.135  33.602  14 AA_A42C43:G3U4_AA   A 42 ? A 4  ? A 43 ? A 3  ? 
1 A C 43 1_555 A G 3  1_555 A C 44 1_555 A G 2  1_555 -0.432 -1.931 3.211  -0.346   8.818  27.659  -5.593 0.795  2.494 17.877 
0.701   29.007  15 AA_C43C44:G2G3_AA   A 43 ? A 3  ? A 44 ? A 2  ? 
1 A C 44 1_555 A G 2  1_555 A C 45 1_555 A G 1  1_555 0.140  -1.896 3.377  -1.316   9.189  32.355  -4.711 -0.447 2.744 16.081 
2.303   33.626  16 AA_C44C45:G1G2_AA   A 44 ? A 2  ? A 45 ? A 1  ? 
1 A C 45 1_555 A G 1  1_555 A U 46 1_555 A A 64 1_555 1.719  -1.010 3.394  4.696    10.553 43.718  -2.290 -1.806 3.237 13.886 
-6.179  45.145  17 AA_C45U46:A64G1_AA  A 45 ? A 1  ? A 46 ? A 64 ? 
1 A U 46 1_555 A A 64 1_555 A U 47 1_555 A A 63 1_555 0.358  -1.810 3.084  -0.896   3.079  28.982  -4.209 -0.890 2.869 6.129  
1.784   29.155  18 AA_U46U47:A63A64_AA A 46 ? A 64 ? A 47 ? A 63 ? 
1 A U 47 1_555 A A 63 1_555 A G 48 1_555 A C 62 1_555 0.589  -1.808 3.041  0.160    3.391  29.134  -4.228 -1.132 2.820 6.712  
-0.317  29.327  19 AA_U47G48:C62A63_AA A 47 ? A 63 ? A 48 ? A 62 ? 
1 A G 48 1_555 A C 62 1_555 A C 49 1_555 A G 61 1_555 -0.828 -1.724 3.158  -1.487   0.187  35.281  -2.868 1.152  3.181 0.308  
2.452   35.312  20 AA_G48C49:G61C62_AA A 48 ? A 62 ? A 49 ? A 61 ? 
1 A C 49 1_555 A G 61 1_555 A C 50 1_555 A G 60 1_555 -0.507 -2.131 3.335  -1.394   8.879  29.979  -5.522 0.695  2.632 16.698 
2.622   31.268  21 AA_C49C50:G60G61_AA A 49 ? A 61 ? A 50 ? A 60 ? 
1 A C 50 1_555 A G 60 1_555 A G 51 1_555 A G 59 1_555 -1.549 -2.791 -0.284 -164.256 53.203 98.337  -1.391 0.793  0.186 26.877 
82.977  175.201 22 AA_C50G51:G59G60_AA A 50 ? A 60 ? A 51 ? A 59 ? 
# 
_pdbx_audit_support.funding_organization   
'National Institutes of Health/National Institute of General Medical Sciences (NIH/NIGMS)' 
_pdbx_audit_support.country                'United States' 
_pdbx_audit_support.grant_number           GM073850 
_pdbx_audit_support.ordinal                1 
# 
loop_
_pdbx_entity_nonpoly.entity_id 
_pdbx_entity_nonpoly.name 
_pdbx_entity_nonpoly.comp_id 
2 'AMINOIMIDAZOLE 4-CARBOXAMIDE RIBONUCLEOTIDE' AMZ 
3 'MAGNESIUM ION'                               MG  
4 'IRIDIUM HEXAMMINE ION'                       IRI 
5 'CACODYLATE ION'                              CAC 
6 water                                         HOH 
# 
_pdbx_initial_refinement_model.id               1 
_pdbx_initial_refinement_model.entity_id_list   ? 
_pdbx_initial_refinement_model.type             'experimental model' 
_pdbx_initial_refinement_model.source_name      PDB 
_pdbx_initial_refinement_model.accession_code   4XW7 
_pdbx_initial_refinement_model.details          ? 
# 
